data_2Q48
#
_entry.id   2Q48
#
_cell.length_a   55.871
_cell.length_b   55.871
_cell.length_c   147.341
_cell.angle_alpha   90.000
_cell.angle_beta   90.000
_cell.angle_gamma   120.000
#
_symmetry.space_group_name_H-M   'P 32 2 1'
#
loop_
_entity.id
_entity.type
_entity.pdbx_description
1 polymer 'Protein At5g48480'
2 water water
#
_entity_poly.entity_id   1
_entity_poly.type   'polypeptide(L)'
_entity_poly.pdbx_seq_one_letter_code
;(MSE)AQEDVTAVATNGAGPVETHLVFTEFKQ(MSE)LLVEAQKVGDAVTFYKSAFGAIESGHSLYPKRKLDQELPHVLS
SELNLAGSSFVVCDVSSLPGFSTAKSEGSGVTFLLGTKDAEAAVAKAVDAGAVKVEVTEAEVELGFKGKVTDPFGVTWIF
AEKKTVITDENKEV
;
_entity_poly.pdbx_strand_id   A,B
#
# COMPACT_ATOMS: atom_id res chain seq x y z
N HIS A 20 10.00 -24.67 -2.86
CA HIS A 20 10.37 -23.32 -2.35
C HIS A 20 10.17 -22.21 -3.40
N LEU A 21 9.11 -21.43 -3.26
CA LEU A 21 8.85 -20.35 -4.21
C LEU A 21 9.28 -19.02 -3.59
N VAL A 22 10.05 -18.24 -4.32
CA VAL A 22 10.55 -16.96 -3.81
C VAL A 22 10.16 -15.85 -4.76
N PHE A 23 10.13 -14.63 -4.23
CA PHE A 23 9.77 -13.44 -4.99
C PHE A 23 10.98 -12.56 -5.19
N THR A 24 11.18 -12.10 -6.43
CA THR A 24 12.32 -11.30 -6.80
C THR A 24 12.26 -9.83 -6.42
N GLU A 25 11.11 -9.41 -5.86
CA GLU A 25 10.95 -8.03 -5.41
C GLU A 25 9.50 -7.80 -4.98
N PHE A 26 9.29 -6.78 -4.15
CA PHE A 26 7.96 -6.45 -3.63
C PHE A 26 7.78 -4.93 -3.62
N LYS A 27 6.89 -4.46 -4.46
CA LYS A 27 6.62 -3.03 -4.57
C LYS A 27 5.16 -2.72 -4.35
N GLN A 28 4.91 -1.52 -3.83
CA GLN A 28 3.55 -1.07 -3.54
C GLN A 28 3.23 -0.02 -4.55
N LEU A 30 0.95 2.85 -6.08
CA LEU A 30 -0.01 3.90 -5.78
C LEU A 30 -0.64 4.30 -7.13
N LEU A 31 -1.87 3.84 -7.37
CA LEU A 31 -2.56 4.15 -8.64
C LEU A 31 -3.07 5.61 -8.62
N VAL A 32 -3.09 6.21 -9.79
CA VAL A 32 -3.61 7.56 -9.95
C VAL A 32 -4.44 7.55 -11.24
N GLU A 33 -5.36 8.53 -11.31
CA GLU A 33 -6.26 8.62 -12.45
C GLU A 33 -5.48 8.82 -13.76
N ALA A 34 -6.22 9.00 -14.84
CA ALA A 34 -5.56 9.16 -16.12
C ALA A 34 -4.79 10.45 -16.17
N GLN A 35 -3.58 10.35 -16.70
CA GLN A 35 -2.65 11.45 -16.89
C GLN A 35 -2.20 12.16 -15.63
N LYS A 36 -2.35 11.50 -14.47
CA LYS A 36 -1.95 12.10 -13.22
C LYS A 36 -0.55 11.73 -12.68
N VAL A 37 0.11 10.72 -13.22
CA VAL A 37 1.38 10.33 -12.62
C VAL A 37 2.29 11.50 -12.43
N GLY A 38 2.18 12.45 -13.37
CA GLY A 38 3.00 13.65 -13.31
C GLY A 38 2.60 14.69 -12.27
N ASP A 39 1.29 14.88 -12.06
CA ASP A 39 0.86 15.86 -11.08
C ASP A 39 1.31 15.26 -9.76
N ALA A 40 1.11 13.94 -9.67
CA ALA A 40 1.51 13.20 -8.45
C ALA A 40 2.94 13.35 -7.95
N VAL A 41 3.93 13.01 -8.78
CA VAL A 41 5.33 13.10 -8.36
C VAL A 41 5.55 14.55 -7.94
N THR A 42 4.94 15.43 -8.74
CA THR A 42 5.03 16.84 -8.54
C THR A 42 4.54 17.17 -7.17
N PHE A 43 3.38 16.65 -6.84
CA PHE A 43 2.95 16.92 -5.51
C PHE A 43 3.85 16.21 -4.46
N TYR A 44 4.30 14.97 -4.72
CA TYR A 44 5.09 14.25 -3.70
C TYR A 44 6.49 14.77 -3.49
N LYS A 45 7.02 15.30 -4.58
CA LYS A 45 8.34 15.89 -4.53
C LYS A 45 8.22 17.10 -3.63
N SER A 46 7.11 17.83 -3.73
CA SER A 46 6.91 19.02 -2.90
C SER A 46 6.50 18.85 -1.41
N ALA A 47 5.43 18.11 -1.17
CA ALA A 47 4.84 17.93 0.16
C ALA A 47 5.66 17.11 1.16
N PHE A 48 6.56 16.27 0.62
CA PHE A 48 7.36 15.34 1.44
C PHE A 48 8.86 15.30 1.10
N GLY A 49 9.22 15.78 -0.10
CA GLY A 49 10.62 15.72 -0.56
C GLY A 49 10.95 14.35 -1.15
N ALA A 50 9.94 13.64 -1.64
CA ALA A 50 10.25 12.33 -2.20
C ALA A 50 11.32 12.57 -3.27
N ILE A 51 12.09 11.51 -3.54
CA ILE A 51 13.13 11.55 -4.59
C ILE A 51 12.71 10.49 -5.63
N GLU A 52 12.70 10.92 -6.91
CA GLU A 52 12.30 10.04 -8.02
C GLU A 52 13.36 9.03 -8.57
N SER A 53 12.87 7.82 -8.82
CA SER A 53 13.55 6.61 -9.35
C SER A 53 14.31 5.87 -8.29
N HIS A 69 2.74 1.53 -22.97
CA HIS A 69 3.34 0.82 -21.84
C HIS A 69 2.87 1.47 -20.53
N VAL A 70 3.30 0.90 -19.39
CA VAL A 70 2.93 1.47 -18.08
C VAL A 70 3.63 2.80 -17.84
N LEU A 71 2.86 3.83 -17.50
CA LEU A 71 3.40 5.16 -17.19
C LEU A 71 3.49 5.16 -15.66
N SER A 72 4.69 5.29 -15.17
CA SER A 72 4.93 5.24 -13.73
C SER A 72 6.20 5.94 -13.31
N SER A 73 6.27 6.18 -12.00
CA SER A 73 7.44 6.85 -11.44
C SER A 73 7.65 6.30 -10.05
N GLU A 74 8.89 5.92 -9.75
CA GLU A 74 9.20 5.38 -8.44
C GLU A 74 9.68 6.54 -7.60
N LEU A 75 9.14 6.66 -6.39
CA LEU A 75 9.48 7.75 -5.49
C LEU A 75 10.02 7.15 -4.20
N ASN A 76 10.97 7.89 -3.61
CA ASN A 76 11.70 7.44 -2.42
C ASN A 76 11.54 8.42 -1.25
N LEU A 77 11.22 7.86 -0.11
CA LEU A 77 11.07 8.58 1.18
C LEU A 77 11.66 7.65 2.25
N ALA A 78 12.47 8.22 3.15
CA ALA A 78 13.04 7.49 4.29
C ALA A 78 13.81 6.26 3.86
N GLY A 79 14.39 6.30 2.68
CA GLY A 79 15.16 5.12 2.27
C GLY A 79 14.35 3.96 1.71
N SER A 80 13.07 4.19 1.43
CA SER A 80 12.20 3.10 0.86
C SER A 80 11.40 3.71 -0.27
N SER A 81 10.85 2.87 -1.15
CA SER A 81 10.13 3.48 -2.28
C SER A 81 8.75 2.98 -2.52
N PHE A 82 8.02 3.74 -3.36
CA PHE A 82 6.66 3.33 -3.81
C PHE A 82 6.64 3.68 -5.29
N VAL A 83 5.62 3.20 -6.00
CA VAL A 83 5.56 3.45 -7.44
C VAL A 83 4.19 3.97 -7.82
N VAL A 84 4.15 5.22 -8.30
CA VAL A 84 2.92 5.87 -8.71
C VAL A 84 2.65 5.40 -10.13
N CYS A 85 1.46 4.85 -10.35
CA CYS A 85 1.12 4.29 -11.67
C CYS A 85 -0.16 4.89 -12.26
N ASP A 86 -0.15 5.15 -13.57
CA ASP A 86 -1.31 5.74 -14.27
C ASP A 86 -2.27 4.56 -14.50
N VAL A 87 -3.46 4.63 -13.93
CA VAL A 87 -4.36 3.50 -14.00
C VAL A 87 -4.83 3.18 -15.43
N SER A 88 -4.79 4.19 -16.29
CA SER A 88 -5.26 3.99 -17.69
C SER A 88 -4.19 3.24 -18.47
N SER A 89 -2.95 3.20 -17.94
CA SER A 89 -1.85 2.54 -18.63
C SER A 89 -1.63 1.11 -18.13
N LEU A 90 -2.46 0.67 -17.19
CA LEU A 90 -2.37 -0.68 -16.67
C LEU A 90 -3.61 -1.42 -17.21
N PRO A 91 -3.41 -2.39 -18.12
CA PRO A 91 -4.55 -3.12 -18.67
C PRO A 91 -5.13 -3.95 -17.58
N GLY A 92 -6.45 -4.11 -17.56
CA GLY A 92 -7.01 -4.95 -16.52
C GLY A 92 -7.62 -4.15 -15.42
N PHE A 93 -7.11 -2.95 -15.17
CA PHE A 93 -7.65 -2.09 -14.12
C PHE A 93 -8.59 -1.06 -14.75
N SER A 94 -9.60 -0.59 -14.00
CA SER A 94 -10.53 0.42 -14.52
C SER A 94 -10.32 1.81 -13.88
N THR A 95 -10.08 1.87 -12.57
CA THR A 95 -9.92 3.16 -11.91
C THR A 95 -8.94 3.05 -10.74
N ALA A 96 -8.46 4.21 -10.27
CA ALA A 96 -7.52 4.20 -9.15
C ALA A 96 -8.23 4.14 -7.81
N LYS A 97 -9.57 4.21 -7.82
CA LYS A 97 -10.33 4.19 -6.56
C LYS A 97 -9.93 5.37 -5.68
N SER A 98 -9.47 6.46 -6.29
CA SER A 98 -9.01 7.61 -5.51
C SER A 98 -10.11 8.23 -4.63
N GLU A 99 -11.38 8.04 -4.98
CA GLU A 99 -12.45 8.62 -4.14
C GLU A 99 -12.64 7.87 -2.80
N GLY A 100 -12.12 6.65 -2.71
CA GLY A 100 -12.27 5.92 -1.46
C GLY A 100 -11.33 4.73 -1.46
N SER A 101 -10.03 5.01 -1.45
CA SER A 101 -9.06 3.95 -1.51
C SER A 101 -8.69 3.70 -0.04
N GLY A 102 -8.12 2.58 0.21
CA GLY A 102 -7.74 2.39 1.60
C GLY A 102 -6.28 2.61 1.67
N VAL A 103 -5.74 3.43 0.75
CA VAL A 103 -4.30 3.57 0.70
C VAL A 103 -3.81 4.48 1.80
N THR A 104 -2.95 3.90 2.65
CA THR A 104 -2.47 4.58 3.85
C THR A 104 -0.99 4.34 4.08
N PHE A 105 -0.26 5.44 4.25
CA PHE A 105 1.18 5.33 4.51
C PHE A 105 1.49 5.98 5.85
N LEU A 106 2.55 5.49 6.47
CA LEU A 106 3.02 6.04 7.73
C LEU A 106 4.39 6.69 7.49
N LEU A 107 4.61 7.88 8.07
CA LEU A 107 5.94 8.56 7.97
C LEU A 107 6.38 8.91 9.40
N GLY A 108 7.70 8.75 9.65
CA GLY A 108 8.28 9.06 10.93
C GLY A 108 9.15 10.30 10.74
N THR A 109 9.16 11.19 11.71
CA THR A 109 9.96 12.38 11.58
C THR A 109 10.14 12.83 12.99
N LYS A 110 10.88 13.91 13.15
CA LYS A 110 11.16 14.44 14.49
C LYS A 110 10.13 15.51 14.85
N ASP A 111 9.46 16.03 13.82
CA ASP A 111 8.45 17.05 14.04
C ASP A 111 7.21 16.76 13.17
N ALA A 112 6.16 16.19 13.77
CA ALA A 112 4.94 15.86 13.03
C ALA A 112 4.08 17.10 12.70
N GLU A 113 4.10 18.12 13.57
CA GLU A 113 3.33 19.33 13.31
C GLU A 113 3.95 20.05 12.12
N ALA A 114 5.27 20.13 12.07
CA ALA A 114 5.91 20.83 10.98
C ALA A 114 5.72 20.02 9.68
N ALA A 115 5.56 18.70 9.81
CA ALA A 115 5.36 17.86 8.62
C ALA A 115 3.97 18.09 8.02
N VAL A 116 2.97 18.15 8.90
CA VAL A 116 1.60 18.41 8.44
C VAL A 116 1.54 19.79 7.73
N ALA A 117 2.04 20.82 8.41
CA ALA A 117 1.97 22.15 7.82
C ALA A 117 2.68 22.24 6.45
N LYS A 118 3.83 21.56 6.29
CA LYS A 118 4.55 21.57 5.00
C LYS A 118 3.65 20.92 3.96
N ALA A 119 3.04 19.79 4.35
CA ALA A 119 2.21 19.07 3.38
C ALA A 119 0.97 19.87 2.99
N VAL A 120 0.36 20.53 3.97
CA VAL A 120 -0.86 21.32 3.72
C VAL A 120 -0.52 22.52 2.81
N ASP A 121 0.66 23.12 3.01
CA ASP A 121 1.04 24.27 2.16
C ASP A 121 1.30 23.80 0.72
N ALA A 122 1.39 22.47 0.53
CA ALA A 122 1.65 21.89 -0.77
C ALA A 122 0.36 21.34 -1.37
N GLY A 123 -0.73 21.43 -0.60
CA GLY A 123 -2.00 20.96 -1.14
C GLY A 123 -2.73 19.87 -0.33
N ALA A 124 -2.08 19.34 0.71
CA ALA A 124 -2.73 18.30 1.53
C ALA A 124 -3.71 18.94 2.52
N VAL A 125 -4.62 18.11 3.04
CA VAL A 125 -5.61 18.62 4.00
C VAL A 125 -5.38 17.99 5.34
N LYS A 126 -5.19 18.83 6.38
CA LYS A 126 -4.94 18.32 7.72
C LYS A 126 -6.21 17.68 8.30
N VAL A 127 -6.06 16.48 8.81
CA VAL A 127 -7.19 15.79 9.45
C VAL A 127 -6.82 15.74 10.96
N GLU A 128 -7.77 16.09 11.83
CA GLU A 128 -7.49 16.07 13.26
C GLU A 128 -7.22 14.65 13.70
N VAL A 129 -6.17 14.45 14.49
CA VAL A 129 -5.81 13.13 14.96
C VAL A 129 -6.62 12.78 16.19
N THR A 130 -7.35 11.70 16.09
CA THR A 130 -8.23 11.26 17.19
C THR A 130 -7.41 11.07 18.45
N GLU A 131 -8.09 10.96 19.58
CA GLU A 131 -7.37 10.74 20.82
C GLU A 131 -6.59 9.46 20.65
N ALA A 132 -7.28 8.47 20.06
CA ALA A 132 -6.80 7.16 19.72
C ALA A 132 -5.45 7.28 18.94
N GLU A 133 -5.50 7.91 17.77
CA GLU A 133 -4.24 8.05 16.99
C GLU A 133 -3.09 8.65 17.85
N VAL A 134 -3.45 9.62 18.67
CA VAL A 134 -2.40 10.20 19.52
C VAL A 134 -1.82 9.18 20.51
N GLU A 135 -2.60 8.16 20.87
CA GLU A 135 -2.10 7.15 21.81
C GLU A 135 -1.05 6.23 21.16
N LEU A 136 -1.14 6.07 19.83
CA LEU A 136 -0.18 5.23 19.08
C LEU A 136 1.01 6.12 18.65
N GLY A 137 1.02 7.36 19.12
CA GLY A 137 2.09 8.30 18.78
C GLY A 137 1.87 9.01 17.44
N PHE A 138 0.76 8.67 16.76
CA PHE A 138 0.43 9.26 15.45
C PHE A 138 -0.06 10.66 15.72
N LYS A 139 0.85 11.62 15.70
CA LYS A 139 0.56 12.99 16.06
C LYS A 139 0.01 13.92 14.97
N GLY A 140 0.20 13.55 13.71
CA GLY A 140 -0.31 14.38 12.63
C GLY A 140 -0.88 13.46 11.56
N LYS A 141 -1.75 13.99 10.69
CA LYS A 141 -2.40 13.17 9.67
C LYS A 141 -2.95 14.08 8.55
N VAL A 142 -2.76 13.68 7.30
CA VAL A 142 -3.31 14.48 6.21
C VAL A 142 -3.80 13.59 5.11
N THR A 143 -4.67 14.13 4.24
CA THR A 143 -5.08 13.41 3.07
C THR A 143 -4.53 14.22 1.89
N ASP A 144 -4.27 13.55 0.77
CA ASP A 144 -3.71 14.29 -0.37
C ASP A 144 -4.65 14.31 -1.52
N PRO A 145 -4.29 15.04 -2.59
CA PRO A 145 -5.16 15.15 -3.77
C PRO A 145 -5.37 13.90 -4.54
N PHE A 146 -4.62 12.84 -4.18
CA PHE A 146 -4.75 11.55 -4.87
C PHE A 146 -5.51 10.55 -4.00
N GLY A 147 -6.05 11.04 -2.88
CA GLY A 147 -6.86 10.17 -2.03
C GLY A 147 -6.09 9.31 -1.08
N VAL A 148 -4.78 9.54 -0.98
CA VAL A 148 -3.98 8.74 -0.06
C VAL A 148 -4.09 9.38 1.35
N THR A 149 -3.89 8.57 2.38
CA THR A 149 -3.89 9.05 3.75
C THR A 149 -2.49 8.78 4.28
N TRP A 150 -1.88 9.84 4.77
CA TRP A 150 -0.55 9.83 5.36
C TRP A 150 -0.63 10.16 6.83
N ILE A 151 -0.06 9.35 7.72
CA ILE A 151 -0.15 9.71 9.16
C ILE A 151 1.28 9.76 9.64
N PHE A 152 1.60 10.77 10.44
CA PHE A 152 2.95 10.99 10.95
C PHE A 152 3.10 10.38 12.32
N ALA A 153 4.05 9.45 12.39
CA ALA A 153 4.29 8.69 13.60
C ALA A 153 5.56 9.21 14.21
N GLU A 154 5.43 9.74 15.42
CA GLU A 154 6.60 10.26 16.09
C GLU A 154 6.96 9.26 17.24
N VAL B 22 13.19 15.83 7.50
CA VAL B 22 13.66 14.43 7.12
C VAL B 22 12.73 13.36 7.72
N PHE B 23 12.42 12.33 6.93
CA PHE B 23 11.56 11.25 7.41
C PHE B 23 12.42 10.05 7.70
N THR B 24 12.21 9.47 8.88
CA THR B 24 12.99 8.34 9.37
C THR B 24 12.40 6.98 9.13
N GLU B 25 11.13 6.93 8.70
CA GLU B 25 10.56 5.61 8.32
C GLU B 25 9.44 5.94 7.34
N PHE B 26 9.15 5.01 6.44
CA PHE B 26 8.06 5.15 5.43
C PHE B 26 7.56 3.72 5.33
N LYS B 27 6.35 3.49 5.84
CA LYS B 27 5.74 2.15 5.87
C LYS B 27 4.25 2.17 5.42
N GLN B 28 3.88 1.30 4.48
CA GLN B 28 2.49 1.26 4.09
C GLN B 28 1.71 0.52 5.21
N LEU B 30 -1.77 -1.58 5.82
CA LEU B 30 -2.89 -2.27 5.16
C LEU B 30 -3.99 -2.38 6.25
N LEU B 31 -5.15 -1.81 5.95
CA LEU B 31 -6.26 -1.82 6.92
C LEU B 31 -7.16 -3.03 6.65
N VAL B 32 -7.43 -3.83 7.68
CA VAL B 32 -8.30 -5.00 7.53
C VAL B 32 -9.42 -5.02 8.58
N GLU B 33 -10.40 -5.86 8.29
CA GLU B 33 -11.60 -6.09 9.11
C GLU B 33 -11.32 -6.26 10.62
N ALA B 34 -12.20 -5.75 11.47
CA ALA B 34 -12.03 -5.94 12.90
C ALA B 34 -11.83 -7.44 13.21
N GLN B 35 -10.91 -7.69 14.14
CA GLN B 35 -10.55 -9.01 14.62
C GLN B 35 -9.82 -9.86 13.59
N LYS B 36 -9.45 -9.30 12.45
CA LYS B 36 -8.83 -10.14 11.43
C LYS B 36 -7.33 -9.99 11.20
N VAL B 37 -6.62 -9.26 12.07
CA VAL B 37 -5.17 -9.13 11.81
C VAL B 37 -4.51 -10.50 11.86
N GLY B 38 -5.03 -11.42 12.67
CA GLY B 38 -4.39 -12.76 12.69
C GLY B 38 -4.62 -13.55 11.41
N ASP B 39 -5.86 -13.51 10.91
CA ASP B 39 -6.19 -14.24 9.68
C ASP B 39 -5.32 -13.70 8.55
N ALA B 40 -5.01 -12.41 8.65
CA ALA B 40 -4.13 -11.79 7.64
C ALA B 40 -2.66 -12.20 7.90
N VAL B 41 -2.22 -12.14 9.16
CA VAL B 41 -0.83 -12.56 9.47
C VAL B 41 -0.70 -14.01 9.02
N THR B 42 -1.68 -14.86 9.36
CA THR B 42 -1.54 -16.24 8.95
C THR B 42 -1.58 -16.39 7.43
N PHE B 43 -2.48 -15.64 6.77
CA PHE B 43 -2.62 -15.70 5.34
C PHE B 43 -1.39 -15.22 4.60
N TYR B 44 -0.83 -14.08 5.03
CA TYR B 44 0.33 -13.57 4.28
C TYR B 44 1.53 -14.51 4.37
N LYS B 45 1.69 -15.18 5.50
CA LYS B 45 2.77 -16.16 5.63
C LYS B 45 2.55 -17.32 4.67
N SER B 46 1.31 -17.81 4.63
CA SER B 46 1.00 -18.95 3.78
C SER B 46 1.13 -18.72 2.29
N ALA B 47 0.53 -17.63 1.80
CA ALA B 47 0.52 -17.31 0.39
C ALA B 47 1.85 -16.87 -0.20
N PHE B 48 2.54 -16.00 0.55
CA PHE B 48 3.76 -15.40 0.06
C PHE B 48 5.01 -15.67 0.86
N GLY B 49 4.89 -16.38 1.97
CA GLY B 49 6.07 -16.60 2.77
C GLY B 49 6.53 -15.31 3.44
N ALA B 50 5.58 -14.40 3.69
CA ALA B 50 5.89 -13.17 4.43
C ALA B 50 6.45 -13.63 5.75
N ILE B 51 7.18 -12.74 6.42
CA ILE B 51 7.79 -12.99 7.73
C ILE B 51 7.36 -11.96 8.79
N GLU B 52 6.83 -12.42 9.91
CA GLU B 52 6.41 -11.51 10.96
C GLU B 52 7.62 -11.01 11.78
N SER B 53 8.00 -9.76 11.55
CA SER B 53 9.16 -9.20 12.19
C SER B 53 8.89 -8.70 13.61
N GLY B 54 7.60 -8.73 13.99
CA GLY B 54 7.07 -8.32 15.29
C GLY B 54 5.55 -7.98 15.15
N HIS B 55 4.79 -7.90 16.26
CA HIS B 55 3.35 -7.54 16.24
C HIS B 55 2.96 -6.90 17.55
N SER B 56 1.71 -6.46 17.68
CA SER B 56 1.25 -5.88 18.95
C SER B 56 -0.16 -6.38 19.25
N LEU B 57 -0.35 -6.93 20.45
CA LEU B 57 -1.62 -7.49 20.87
C LEU B 57 -2.67 -6.45 21.29
N HIS B 69 -6.68 -11.20 20.22
CA HIS B 69 -6.65 -10.58 18.89
C HIS B 69 -5.41 -9.72 18.73
N VAL B 70 -4.97 -9.53 17.49
CA VAL B 70 -3.77 -8.76 17.19
C VAL B 70 -4.18 -7.37 16.72
N LEU B 71 -3.55 -6.34 17.26
CA LEU B 71 -3.89 -5.00 16.85
C LEU B 71 -3.15 -4.63 15.56
N SER B 72 -1.93 -5.17 15.41
CA SER B 72 -1.18 -4.88 14.19
C SER B 72 0.01 -5.82 14.09
N SER B 73 0.50 -5.98 12.87
CA SER B 73 1.66 -6.82 12.65
C SER B 73 2.44 -6.37 11.43
N GLU B 74 3.76 -6.16 11.56
CA GLU B 74 4.57 -5.74 10.40
C GLU B 74 5.12 -7.01 9.76
N LEU B 75 4.96 -7.13 8.45
CA LEU B 75 5.37 -8.30 7.69
C LEU B 75 6.46 -7.92 6.69
N ASN B 76 7.54 -8.72 6.71
CA ASN B 76 8.68 -8.56 5.82
C ASN B 76 8.51 -9.50 4.64
N LEU B 77 8.75 -8.97 3.45
CA LEU B 77 8.58 -9.74 2.26
C LEU B 77 9.41 -9.17 1.15
N ALA B 78 10.25 -10.01 0.61
CA ALA B 78 11.06 -9.65 -0.55
C ALA B 78 11.78 -8.33 -0.41
N GLY B 79 12.42 -8.13 0.75
CA GLY B 79 13.21 -6.94 0.99
C GLY B 79 12.47 -5.73 1.49
N SER B 80 11.14 -5.77 1.38
CA SER B 80 10.38 -4.63 1.86
C SER B 80 9.44 -5.09 2.94
N SER B 81 8.33 -4.39 3.07
CA SER B 81 7.45 -4.83 4.10
C SER B 81 6.22 -3.95 4.14
N PHE B 82 5.17 -4.49 4.76
CA PHE B 82 3.95 -3.65 4.95
C PHE B 82 3.38 -4.01 6.29
N VAL B 83 2.61 -3.10 6.87
CA VAL B 83 2.10 -3.38 8.18
C VAL B 83 0.62 -3.67 8.00
N VAL B 84 0.11 -4.62 8.77
CA VAL B 84 -1.32 -4.98 8.69
C VAL B 84 -2.00 -4.55 9.96
N CYS B 85 -3.14 -3.87 9.86
CA CYS B 85 -3.71 -3.43 11.11
C CYS B 85 -5.23 -3.34 11.11
N ASP B 86 -5.82 -4.01 12.11
CA ASP B 86 -7.29 -4.02 12.28
C ASP B 86 -7.84 -2.58 12.27
N VAL B 87 -8.80 -2.25 11.42
CA VAL B 87 -9.29 -0.84 11.38
C VAL B 87 -10.04 -0.45 12.67
N SER B 88 -10.70 -1.41 13.30
CA SER B 88 -11.44 -1.07 14.54
C SER B 88 -10.53 -0.37 15.56
N SER B 89 -9.21 -0.46 15.36
CA SER B 89 -8.28 0.23 16.24
C SER B 89 -8.02 1.67 15.78
N LEU B 90 -8.54 2.02 14.61
CA LEU B 90 -8.30 3.35 14.02
C LEU B 90 -9.60 3.90 13.50
N PRO B 91 -10.40 4.54 14.39
CA PRO B 91 -11.70 5.13 14.03
C PRO B 91 -11.57 6.26 13.02
N GLY B 92 -12.48 6.27 12.04
CA GLY B 92 -12.42 7.29 11.02
C GLY B 92 -11.96 6.64 9.73
N PHE B 93 -11.02 5.69 9.80
CA PHE B 93 -10.52 5.00 8.60
C PHE B 93 -11.49 3.99 8.07
N SER B 94 -11.27 3.61 6.81
CA SER B 94 -12.14 2.61 6.20
C SER B 94 -11.24 1.67 5.39
N THR B 95 -11.43 0.38 5.56
CA THR B 95 -10.69 -0.62 4.80
C THR B 95 -10.98 -0.46 3.28
N ALA B 96 -12.17 0.06 2.96
CA ALA B 96 -12.65 0.23 1.56
C ALA B 96 -12.77 -1.13 0.88
N LYS B 97 -12.84 -2.20 1.68
CA LYS B 97 -12.88 -3.52 1.07
C LYS B 97 -14.18 -3.83 0.34
N SER B 98 -15.32 -3.46 0.92
CA SER B 98 -16.57 -3.82 0.24
C SER B 98 -16.79 -3.08 -1.09
N GLU B 99 -16.12 -1.93 -1.26
CA GLU B 99 -16.27 -1.14 -2.48
C GLU B 99 -15.01 -1.14 -3.36
N GLY B 100 -14.08 -2.03 -3.01
CA GLY B 100 -12.84 -2.16 -3.76
C GLY B 100 -11.85 -1.16 -3.25
N SER B 101 -10.71 -1.65 -2.78
CA SER B 101 -9.73 -0.73 -2.32
C SER B 101 -8.78 -0.56 -3.53
N GLY B 102 -7.87 0.34 -3.35
CA GLY B 102 -6.91 0.53 -4.42
C GLY B 102 -5.59 -0.05 -4.00
N VAL B 103 -5.58 -0.86 -2.93
CA VAL B 103 -4.28 -1.36 -2.44
C VAL B 103 -3.74 -2.39 -3.45
N THR B 104 -2.61 -2.03 -4.05
CA THR B 104 -2.04 -2.81 -5.13
C THR B 104 -0.56 -3.07 -4.95
N PHE B 105 -0.17 -4.34 -5.07
CA PHE B 105 1.23 -4.65 -4.94
C PHE B 105 1.71 -5.45 -6.12
N LEU B 106 3.02 -5.33 -6.40
CA LEU B 106 3.64 -6.11 -7.45
C LEU B 106 4.64 -7.04 -6.78
N LEU B 107 4.72 -8.27 -7.28
CA LEU B 107 5.66 -9.26 -6.77
C LEU B 107 6.25 -9.97 -7.99
N GLY B 108 7.57 -9.85 -8.19
CA GLY B 108 8.23 -10.54 -9.31
C GLY B 108 8.57 -11.97 -8.92
N THR B 109 8.32 -12.93 -9.80
CA THR B 109 8.62 -14.30 -9.42
C THR B 109 9.02 -15.13 -10.61
N LYS B 110 9.62 -16.29 -10.34
CA LYS B 110 10.00 -17.13 -11.45
C LYS B 110 8.81 -17.82 -12.10
N ASP B 111 7.82 -18.22 -11.31
CA ASP B 111 6.66 -18.93 -11.85
C ASP B 111 5.37 -18.26 -11.37
N ALA B 112 4.77 -17.45 -12.22
CA ALA B 112 3.56 -16.76 -11.84
C ALA B 112 2.37 -17.68 -11.57
N GLU B 113 2.10 -18.64 -12.45
CA GLU B 113 0.94 -19.51 -12.19
C GLU B 113 1.11 -20.27 -10.87
N ALA B 114 2.34 -20.67 -10.56
CA ALA B 114 2.60 -21.35 -9.29
C ALA B 114 2.25 -20.45 -8.11
N ALA B 115 2.63 -19.18 -8.22
CA ALA B 115 2.36 -18.23 -7.11
C ALA B 115 0.85 -17.96 -7.03
N VAL B 116 0.19 -17.94 -8.17
CA VAL B 116 -1.27 -17.75 -8.17
C VAL B 116 -1.95 -18.90 -7.43
N ALA B 117 -1.61 -20.15 -7.78
CA ALA B 117 -2.22 -21.30 -7.08
C ALA B 117 -1.84 -21.37 -5.61
N LYS B 118 -0.62 -20.96 -5.30
CA LYS B 118 -0.10 -20.97 -3.95
C LYS B 118 -0.91 -19.98 -3.12
N ALA B 119 -1.28 -18.84 -3.73
CA ALA B 119 -2.04 -17.81 -3.03
C ALA B 119 -3.52 -18.21 -2.96
N VAL B 120 -4.03 -18.83 -4.02
CA VAL B 120 -5.43 -19.28 -4.05
C VAL B 120 -5.71 -20.32 -2.95
N ASP B 121 -4.77 -21.23 -2.75
CA ASP B 121 -4.90 -22.27 -1.71
C ASP B 121 -5.00 -21.63 -0.34
N ALA B 122 -4.46 -20.43 -0.19
CA ALA B 122 -4.51 -19.76 1.11
C ALA B 122 -5.81 -18.97 1.25
N GLY B 123 -6.58 -18.89 0.18
CA GLY B 123 -7.85 -18.15 0.26
C GLY B 123 -8.03 -16.99 -0.73
N ALA B 124 -7.01 -16.70 -1.54
CA ALA B 124 -7.11 -15.61 -2.52
C ALA B 124 -7.97 -16.07 -3.69
N VAL B 125 -8.42 -15.14 -4.50
CA VAL B 125 -9.20 -15.47 -5.70
C VAL B 125 -8.42 -15.09 -6.95
N LYS B 126 -8.22 -16.10 -7.81
CA LYS B 126 -7.51 -15.90 -9.06
C LYS B 126 -8.21 -14.96 -10.02
N VAL B 127 -7.43 -14.13 -10.73
CA VAL B 127 -7.96 -13.22 -11.73
C VAL B 127 -7.25 -13.58 -13.04
N GLU B 128 -8.01 -14.01 -14.06
CA GLU B 128 -7.36 -14.36 -15.32
C GLU B 128 -6.73 -13.12 -15.96
N VAL B 129 -5.53 -13.27 -16.50
CA VAL B 129 -4.85 -12.16 -17.17
C VAL B 129 -4.97 -12.33 -18.70
N THR B 130 -5.29 -11.24 -19.38
CA THR B 130 -5.46 -11.26 -20.81
C THR B 130 -4.18 -10.95 -21.54
N GLU B 131 -4.21 -11.06 -22.87
CA GLU B 131 -3.02 -10.79 -23.67
C GLU B 131 -2.50 -9.37 -23.38
N ALA B 132 -3.42 -8.43 -23.27
CA ALA B 132 -3.04 -7.06 -22.99
C ALA B 132 -2.16 -7.03 -21.74
N GLU B 133 -2.52 -7.87 -20.78
CA GLU B 133 -1.77 -7.97 -19.54
C GLU B 133 -0.50 -8.81 -19.71
N VAL B 134 -0.38 -9.45 -20.87
CA VAL B 134 0.80 -10.29 -21.14
C VAL B 134 2.00 -9.47 -21.64
N GLU B 135 1.76 -8.54 -22.57
CA GLU B 135 2.83 -7.70 -23.12
C GLU B 135 3.70 -7.19 -21.95
N LEU B 136 3.05 -6.79 -20.84
CA LEU B 136 3.78 -6.29 -19.66
C LEU B 136 4.52 -7.39 -18.89
N GLY B 137 4.05 -8.64 -19.00
CA GLY B 137 4.73 -9.73 -18.30
C GLY B 137 4.11 -10.19 -16.97
N PHE B 138 2.96 -9.65 -16.60
CA PHE B 138 2.30 -10.04 -15.37
C PHE B 138 1.29 -11.15 -15.66
N LYS B 139 1.77 -12.39 -15.57
CA LYS B 139 0.99 -13.57 -15.92
C LYS B 139 0.11 -14.14 -14.83
N GLY B 140 -0.10 -13.35 -13.77
CA GLY B 140 -0.95 -13.83 -12.72
C GLY B 140 -1.50 -12.66 -11.97
N LYS B 141 -2.62 -12.89 -11.31
CA LYS B 141 -3.25 -11.84 -10.54
C LYS B 141 -4.28 -12.41 -9.62
N VAL B 142 -4.24 -11.96 -8.36
CA VAL B 142 -5.26 -12.36 -7.38
C VAL B 142 -5.69 -11.18 -6.56
N THR B 143 -6.79 -11.35 -5.85
CA THR B 143 -7.27 -10.35 -4.90
C THR B 143 -7.42 -11.22 -3.66
N ASP B 144 -6.66 -10.90 -2.60
CA ASP B 144 -6.68 -11.71 -1.42
C ASP B 144 -7.93 -11.46 -0.63
N PRO B 145 -8.11 -12.17 0.49
CA PRO B 145 -9.33 -12.00 1.30
C PRO B 145 -9.50 -10.67 1.95
N PHE B 146 -8.45 -9.84 1.88
CA PHE B 146 -8.44 -8.53 2.51
C PHE B 146 -8.57 -7.40 1.48
N GLY B 147 -8.88 -7.81 0.25
CA GLY B 147 -9.18 -6.83 -0.78
C GLY B 147 -7.97 -6.28 -1.51
N VAL B 148 -6.80 -6.86 -1.26
CA VAL B 148 -5.57 -6.37 -1.91
C VAL B 148 -5.41 -7.05 -3.27
N THR B 149 -5.01 -6.28 -4.27
CA THR B 149 -4.74 -6.82 -5.60
C THR B 149 -3.23 -7.05 -5.71
N TRP B 150 -2.84 -8.29 -5.97
CA TRP B 150 -1.44 -8.70 -6.11
C TRP B 150 -1.18 -9.12 -7.56
N ILE B 151 -0.31 -8.37 -8.23
CA ILE B 151 0.10 -8.71 -9.59
C ILE B 151 1.41 -9.49 -9.54
N PHE B 152 1.53 -10.51 -10.38
CA PHE B 152 2.77 -11.31 -10.39
C PHE B 152 3.50 -11.09 -11.72
N ALA B 153 4.77 -10.66 -11.65
CA ALA B 153 5.54 -10.44 -12.86
C ALA B 153 6.38 -11.68 -13.12
N GLU B 154 6.75 -11.90 -14.38
CA GLU B 154 7.52 -13.07 -14.74
C GLU B 154 8.07 -12.95 -16.16
N HIS A 20 9.27 -25.84 -4.46
CA HIS A 20 9.74 -24.56 -3.86
C HIS A 20 9.25 -23.37 -4.70
N LEU A 21 9.04 -22.22 -4.06
CA LEU A 21 8.58 -20.99 -4.73
C LEU A 21 8.98 -19.82 -3.83
N VAL A 22 9.68 -18.83 -4.39
CA VAL A 22 10.16 -17.67 -3.64
C VAL A 22 9.77 -16.32 -4.29
N PHE A 23 10.12 -15.20 -3.64
CA PHE A 23 9.79 -13.84 -4.13
C PHE A 23 10.96 -12.88 -4.03
N THR A 24 11.31 -12.24 -5.14
CA THR A 24 12.46 -11.35 -5.16
C THR A 24 12.22 -9.86 -5.29
N GLU A 25 11.06 -9.48 -5.83
CA GLU A 25 10.77 -8.06 -6.03
C GLU A 25 9.38 -7.81 -5.50
N PHE A 26 9.19 -6.69 -4.81
CA PHE A 26 7.90 -6.34 -4.21
C PHE A 26 7.80 -4.82 -4.33
N LYS A 27 6.84 -4.36 -5.13
CA LYS A 27 6.66 -2.91 -5.35
C LYS A 27 5.30 -2.48 -4.91
N GLN A 28 5.26 -1.44 -4.09
CA GLN A 28 4.00 -0.92 -3.56
C GLN A 28 3.50 0.03 -4.62
N LEU A 30 0.79 2.97 -6.13
CA LEU A 30 -0.28 3.95 -5.86
C LEU A 30 -0.86 4.25 -7.27
N LEU A 31 -2.12 3.90 -7.47
CA LEU A 31 -2.78 4.13 -8.77
C LEU A 31 -3.31 5.59 -8.84
N VAL A 32 -2.92 6.35 -9.85
CA VAL A 32 -3.46 7.71 -10.01
C VAL A 32 -4.25 7.79 -11.32
N GLU A 33 -5.15 8.80 -11.41
CA GLU A 33 -5.99 8.98 -12.58
C GLU A 33 -5.20 9.28 -13.86
N ALA A 34 -5.82 9.04 -15.01
CA ALA A 34 -5.10 9.24 -16.29
C ALA A 34 -4.30 10.56 -16.38
N GLN A 35 -3.08 10.43 -16.89
CA GLN A 35 -2.12 11.51 -17.12
C GLN A 35 -1.71 12.28 -15.86
N LYS A 36 -1.97 11.71 -14.68
CA LYS A 36 -1.65 12.41 -13.46
C LYS A 36 -0.38 11.99 -12.71
N VAL A 37 0.43 11.13 -13.31
CA VAL A 37 1.63 10.67 -12.62
C VAL A 37 2.59 11.83 -12.37
N GLY A 38 2.91 12.60 -13.42
CA GLY A 38 3.81 13.74 -13.23
C GLY A 38 3.29 14.71 -12.17
N ASP A 39 1.98 14.87 -12.08
CA ASP A 39 1.38 15.76 -11.12
C ASP A 39 1.57 15.21 -9.71
N ALA A 40 1.34 13.91 -9.55
CA ALA A 40 1.55 13.30 -8.21
C ALA A 40 3.03 13.38 -7.84
N VAL A 41 3.90 13.17 -8.82
CA VAL A 41 5.33 13.29 -8.55
C VAL A 41 5.71 14.67 -7.99
N THR A 42 5.39 15.74 -8.75
CA THR A 42 5.77 17.06 -8.26
C THR A 42 5.06 17.34 -6.92
N PHE A 43 3.84 16.84 -6.76
CA PHE A 43 3.17 17.03 -5.47
C PHE A 43 3.97 16.36 -4.32
N TYR A 44 4.36 15.10 -4.50
CA TYR A 44 5.08 14.39 -3.43
C TYR A 44 6.45 15.00 -3.19
N LYS A 45 7.06 15.55 -4.26
CA LYS A 45 8.34 16.23 -4.05
C LYS A 45 8.10 17.45 -3.18
N SER A 46 7.06 18.24 -3.50
CA SER A 46 6.81 19.46 -2.70
C SER A 46 6.31 19.23 -1.30
N ALA A 47 5.53 18.16 -1.13
CA ALA A 47 4.90 17.91 0.16
C ALA A 47 5.73 17.14 1.17
N PHE A 48 6.50 16.16 0.66
CA PHE A 48 7.28 15.24 1.51
C PHE A 48 8.75 15.11 1.12
N GLY A 49 9.23 15.96 0.22
CA GLY A 49 10.61 15.84 -0.24
C GLY A 49 10.89 14.49 -0.90
N ALA A 50 9.88 13.90 -1.55
CA ALA A 50 10.07 12.61 -2.23
C ALA A 50 11.02 12.88 -3.42
N ILE A 51 11.91 11.94 -3.72
CA ILE A 51 12.85 12.07 -4.87
C ILE A 51 12.62 10.89 -5.83
N GLU A 52 12.57 11.16 -7.13
CA GLU A 52 12.37 10.06 -8.09
C GLU A 52 13.64 9.22 -8.40
N SER A 53 13.45 7.91 -8.31
CA SER A 53 14.40 6.80 -8.49
C SER A 53 15.69 6.94 -7.73
N HIS A 69 6.01 -0.88 -21.93
CA HIS A 69 5.65 -0.64 -20.53
C HIS A 69 4.46 0.29 -20.46
N VAL A 70 4.39 1.07 -19.37
CA VAL A 70 3.32 2.04 -19.06
C VAL A 70 3.87 3.38 -18.52
N LEU A 71 3.08 4.12 -17.73
CA LEU A 71 3.54 5.40 -17.17
C LEU A 71 3.58 5.27 -15.66
N SER A 72 4.77 5.36 -15.13
CA SER A 72 4.98 5.18 -13.70
C SER A 72 6.26 5.81 -13.24
N SER A 73 6.21 6.28 -11.99
CA SER A 73 7.38 6.91 -11.37
C SER A 73 7.63 6.24 -10.03
N GLU A 74 8.90 6.08 -9.68
CA GLU A 74 9.23 5.46 -8.41
C GLU A 74 9.76 6.58 -7.55
N LEU A 75 9.14 6.78 -6.39
CA LEU A 75 9.49 7.84 -5.45
C LEU A 75 10.05 7.19 -4.19
N ASN A 76 10.86 7.98 -3.45
CA ASN A 76 11.59 7.47 -2.27
C ASN A 76 11.45 8.39 -1.05
N LEU A 77 11.13 7.81 0.09
CA LEU A 77 11.06 8.55 1.36
C LEU A 77 11.66 7.59 2.39
N ALA A 78 12.48 8.14 3.27
CA ALA A 78 13.06 7.38 4.38
C ALA A 78 13.85 6.19 3.92
N GLY A 79 14.40 6.24 2.70
CA GLY A 79 15.16 5.08 2.26
C GLY A 79 14.34 3.92 1.72
N SER A 80 13.05 4.17 1.43
CA SER A 80 12.17 3.09 0.87
C SER A 80 11.38 3.69 -0.27
N SER A 81 10.88 2.86 -1.17
CA SER A 81 10.17 3.46 -2.29
C SER A 81 8.77 2.97 -2.54
N PHE A 82 8.08 3.73 -3.40
CA PHE A 82 6.71 3.34 -3.84
C PHE A 82 6.66 3.72 -5.31
N VAL A 83 5.65 3.22 -6.02
CA VAL A 83 5.55 3.49 -7.44
C VAL A 83 4.17 4.08 -7.75
N VAL A 84 4.16 5.26 -8.38
CA VAL A 84 2.95 5.95 -8.74
C VAL A 84 2.63 5.49 -10.16
N CYS A 85 1.47 4.85 -10.32
CA CYS A 85 1.11 4.29 -11.64
C CYS A 85 -0.15 4.91 -12.21
N ASP A 86 -0.16 5.08 -13.53
CA ASP A 86 -1.30 5.69 -14.24
C ASP A 86 -2.32 4.59 -14.50
N VAL A 87 -3.50 4.75 -13.93
CA VAL A 87 -4.53 3.74 -14.04
C VAL A 87 -4.82 3.41 -15.51
N SER A 88 -4.91 4.45 -16.33
CA SER A 88 -5.26 4.24 -17.76
C SER A 88 -4.05 3.78 -18.52
N SER A 89 -3.01 3.36 -17.81
CA SER A 89 -1.85 2.90 -18.51
C SER A 89 -1.53 1.47 -18.12
N LEU A 90 -2.23 0.95 -17.11
CA LEU A 90 -2.03 -0.43 -16.71
C LEU A 90 -3.22 -1.12 -17.35
N PRO A 91 -2.95 -2.03 -18.29
CA PRO A 91 -4.06 -2.73 -18.93
C PRO A 91 -4.78 -3.63 -17.95
N GLY A 92 -6.12 -3.68 -18.04
CA GLY A 92 -6.86 -4.55 -17.14
C GLY A 92 -7.54 -3.80 -16.02
N PHE A 93 -6.82 -2.80 -15.50
CA PHE A 93 -7.32 -1.96 -14.42
C PHE A 93 -8.46 -1.10 -14.96
N SER A 94 -9.43 -0.76 -14.10
CA SER A 94 -10.57 0.06 -14.50
C SER A 94 -10.65 1.37 -13.72
N THR A 95 -10.08 1.40 -12.51
CA THR A 95 -10.14 2.63 -11.72
C THR A 95 -9.01 2.77 -10.69
N ALA A 96 -8.63 4.03 -10.42
CA ALA A 96 -7.57 4.32 -9.46
C ALA A 96 -8.15 4.33 -8.04
N LYS A 97 -9.49 4.28 -7.96
CA LYS A 97 -10.21 4.27 -6.69
C LYS A 97 -9.89 5.53 -5.88
N SER A 98 -9.41 6.57 -6.57
CA SER A 98 -9.01 7.82 -5.90
C SER A 98 -10.04 8.20 -4.85
N GLU A 99 -11.33 8.04 -5.14
CA GLU A 99 -12.34 8.39 -4.16
C GLU A 99 -12.58 7.23 -3.18
N GLY A 100 -12.32 7.51 -1.90
CA GLY A 100 -12.53 6.55 -0.83
C GLY A 100 -11.57 5.39 -0.86
N SER A 101 -10.31 5.63 -1.18
CA SER A 101 -9.45 4.52 -1.20
C SER A 101 -9.14 4.31 0.31
N GLY A 102 -8.43 3.23 0.50
CA GLY A 102 -7.97 2.79 1.78
C GLY A 102 -6.47 2.89 1.82
N VAL A 103 -5.85 3.48 0.78
CA VAL A 103 -4.39 3.55 0.71
C VAL A 103 -3.89 4.46 1.82
N THR A 104 -3.00 3.90 2.64
CA THR A 104 -2.48 4.58 3.83
C THR A 104 -1.00 4.36 3.99
N PHE A 105 -0.27 5.42 4.31
CA PHE A 105 1.17 5.30 4.54
C PHE A 105 1.58 5.99 5.82
N LEU A 106 2.55 5.39 6.48
CA LEU A 106 3.06 5.97 7.70
C LEU A 106 4.44 6.58 7.36
N LEU A 107 4.73 7.74 7.95
CA LEU A 107 6.05 8.41 7.79
C LEU A 107 6.53 8.71 9.20
N GLY A 108 7.68 8.11 9.59
CA GLY A 108 8.26 8.42 10.89
C GLY A 108 8.88 9.83 10.87
N THR A 109 8.64 10.59 11.94
CA THR A 109 9.19 11.92 12.01
C THR A 109 9.35 12.38 13.46
N LYS A 110 10.23 13.36 13.67
CA LYS A 110 10.48 13.88 15.01
C LYS A 110 9.68 15.17 15.23
N ASP A 111 9.02 15.66 14.17
CA ASP A 111 8.24 16.88 14.27
C ASP A 111 7.03 16.73 13.35
N ALA A 112 5.99 16.04 13.83
CA ALA A 112 4.80 15.80 13.00
C ALA A 112 4.10 17.12 12.66
N GLU A 113 4.14 18.11 13.57
CA GLU A 113 3.50 19.40 13.32
C GLU A 113 4.14 20.08 12.11
N ALA A 114 5.47 20.13 12.06
CA ALA A 114 6.11 20.81 10.95
C ALA A 114 5.89 20.02 9.65
N ALA A 115 5.81 18.70 9.76
CA ALA A 115 5.61 17.89 8.53
C ALA A 115 4.19 18.09 8.01
N VAL A 116 3.20 18.12 8.91
CA VAL A 116 1.82 18.37 8.51
C VAL A 116 1.70 19.75 7.80
N ALA A 117 2.35 20.75 8.40
CA ALA A 117 2.26 22.09 7.85
C ALA A 117 2.84 22.20 6.44
N LYS A 118 4.00 21.56 6.24
CA LYS A 118 4.65 21.62 4.93
C LYS A 118 3.74 20.91 3.91
N ALA A 119 3.13 19.79 4.33
CA ALA A 119 2.31 19.07 3.36
C ALA A 119 1.04 19.87 3.05
N VAL A 120 0.49 20.56 4.05
CA VAL A 120 -0.73 21.36 3.81
C VAL A 120 -0.36 22.54 2.89
N ASP A 121 0.81 23.14 3.10
CA ASP A 121 1.19 24.28 2.19
C ASP A 121 1.24 23.74 0.74
N ALA A 122 1.51 22.43 0.56
CA ALA A 122 1.60 21.85 -0.77
C ALA A 122 0.28 21.36 -1.31
N GLY A 123 -0.80 21.45 -0.53
CA GLY A 123 -2.09 21.05 -1.06
C GLY A 123 -2.80 19.89 -0.32
N ALA A 124 -2.16 19.35 0.71
CA ALA A 124 -2.81 18.27 1.50
C ALA A 124 -3.85 18.89 2.40
N VAL A 125 -4.79 18.05 2.84
CA VAL A 125 -5.87 18.49 3.76
C VAL A 125 -5.54 17.90 5.11
N LYS A 126 -5.39 18.74 6.14
CA LYS A 126 -5.07 18.26 7.49
C LYS A 126 -6.32 17.59 8.09
N VAL A 127 -6.10 16.53 8.86
CA VAL A 127 -7.21 15.84 9.53
C VAL A 127 -6.79 15.74 11.02
N GLU A 128 -7.64 16.18 11.95
CA GLU A 128 -7.28 16.14 13.37
C GLU A 128 -7.09 14.69 13.78
N VAL A 129 -6.04 14.40 14.55
CA VAL A 129 -5.78 13.04 14.99
C VAL A 129 -6.67 12.71 16.17
N THR A 130 -7.22 11.53 16.14
CA THR A 130 -8.13 11.11 17.23
C THR A 130 -7.29 10.76 18.46
N GLU A 131 -7.96 10.47 19.57
CA GLU A 131 -7.23 10.04 20.76
C GLU A 131 -6.65 8.63 20.49
N ALA A 132 -7.40 7.85 19.70
CA ALA A 132 -6.98 6.51 19.29
C ALA A 132 -5.56 6.61 18.62
N GLU A 133 -5.45 7.52 17.64
CA GLU A 133 -4.15 7.71 16.92
C GLU A 133 -3.04 8.24 17.86
N VAL A 134 -3.40 9.20 18.70
CA VAL A 134 -2.38 9.71 19.63
C VAL A 134 -1.81 8.64 20.58
N GLU A 135 -2.64 7.65 20.93
CA GLU A 135 -2.20 6.55 21.83
C GLU A 135 -1.32 5.53 21.08
N LEU A 136 -1.42 5.52 19.74
CA LEU A 136 -0.67 4.59 18.88
C LEU A 136 0.64 5.20 18.49
N GLY A 137 0.87 6.41 18.98
CA GLY A 137 2.09 7.09 18.66
C GLY A 137 2.00 8.03 17.48
N PHE A 138 0.79 8.26 16.96
CA PHE A 138 0.62 9.14 15.80
C PHE A 138 0.36 10.57 16.27
N LYS A 139 0.87 11.56 15.54
CA LYS A 139 0.67 12.93 15.99
C LYS A 139 0.24 13.91 14.91
N GLY A 140 -0.02 13.35 13.71
CA GLY A 140 -0.46 14.18 12.59
C GLY A 140 -1.04 13.28 11.47
N LYS A 141 -1.86 13.88 10.61
CA LYS A 141 -2.50 13.10 9.54
C LYS A 141 -3.05 13.99 8.42
N VAL A 142 -2.74 13.66 7.16
CA VAL A 142 -3.34 14.43 6.08
C VAL A 142 -3.88 13.47 5.03
N THR A 143 -4.65 14.00 4.07
CA THR A 143 -5.12 13.22 2.94
C THR A 143 -4.77 14.07 1.73
N ASP A 144 -4.09 13.49 0.76
CA ASP A 144 -3.67 14.29 -0.39
C ASP A 144 -4.70 14.35 -1.48
N PRO A 145 -4.44 15.16 -2.50
CA PRO A 145 -5.45 15.24 -3.58
C PRO A 145 -5.53 14.01 -4.43
N PHE A 146 -4.78 12.96 -4.06
CA PHE A 146 -4.83 11.69 -4.82
C PHE A 146 -5.53 10.60 -4.01
N GLY A 147 -6.09 11.02 -2.87
CA GLY A 147 -6.85 10.08 -2.04
C GLY A 147 -6.06 9.25 -1.08
N VAL A 148 -4.77 9.54 -0.94
CA VAL A 148 -3.93 8.75 -0.01
C VAL A 148 -3.89 9.43 1.39
N THR A 149 -4.04 8.66 2.47
CA THR A 149 -3.95 9.25 3.81
C THR A 149 -2.56 8.97 4.31
N TRP A 150 -1.96 10.00 4.88
CA TRP A 150 -0.60 9.95 5.44
C TRP A 150 -0.59 10.18 6.92
N ILE A 151 -0.12 9.18 7.64
CA ILE A 151 -0.03 9.21 9.10
C ILE A 151 1.42 9.45 9.53
N PHE A 152 1.66 10.45 10.38
CA PHE A 152 3.00 10.82 10.87
C PHE A 152 3.13 10.23 12.25
N ALA A 153 4.04 9.25 12.31
CA ALA A 153 4.30 8.50 13.53
C ALA A 153 5.46 9.18 14.19
N GLU A 154 5.13 9.77 15.31
CA GLU A 154 6.09 10.48 16.12
C GLU A 154 6.18 9.72 17.47
N VAL B 22 13.23 15.82 7.69
CA VAL B 22 13.73 14.44 7.31
C VAL B 22 12.73 13.37 7.81
N PHE B 23 12.46 12.35 7.01
CA PHE B 23 11.57 11.26 7.43
C PHE B 23 12.41 10.03 7.71
N THR B 24 12.24 9.51 8.93
CA THR B 24 13.01 8.37 9.44
C THR B 24 12.53 7.06 8.90
N GLU B 25 11.19 6.92 8.74
CA GLU B 25 10.69 5.62 8.19
C GLU B 25 9.51 5.92 7.27
N PHE B 26 9.20 4.98 6.38
CA PHE B 26 8.08 5.11 5.40
C PHE B 26 7.57 3.68 5.22
N LYS B 27 6.36 3.41 5.72
CA LYS B 27 5.77 2.07 5.68
C LYS B 27 4.27 2.12 5.27
N GLN B 28 3.85 1.25 4.36
CA GLN B 28 2.44 1.22 4.01
C GLN B 28 1.68 0.47 5.13
N LEU B 30 -1.76 -1.59 5.80
CA LEU B 30 -2.89 -2.28 5.16
C LEU B 30 -3.97 -2.39 6.25
N LEU B 31 -5.13 -1.78 5.98
CA LEU B 31 -6.21 -1.77 6.98
C LEU B 31 -7.10 -2.99 6.76
N VAL B 32 -7.36 -3.72 7.85
CA VAL B 32 -8.22 -4.89 7.74
C VAL B 32 -9.28 -4.81 8.86
N GLU B 33 -10.26 -5.67 8.69
CA GLU B 33 -11.39 -5.83 9.60
C GLU B 33 -11.01 -5.99 11.08
N ALA B 34 -11.91 -5.59 11.96
CA ALA B 34 -11.68 -5.73 13.40
C ALA B 34 -11.41 -7.22 13.79
N GLN B 35 -10.44 -7.43 14.69
CA GLN B 35 -10.08 -8.78 15.15
C GLN B 35 -9.41 -9.64 14.03
N LYS B 36 -9.32 -9.16 12.78
CA LYS B 36 -8.77 -10.02 11.72
C LYS B 36 -7.30 -9.87 11.44
N VAL B 37 -6.54 -9.16 12.28
CA VAL B 37 -5.10 -9.05 11.97
C VAL B 37 -4.42 -10.43 12.03
N GLY B 38 -4.69 -11.17 13.11
CA GLY B 38 -4.06 -12.52 13.18
C GLY B 38 -4.33 -13.34 11.93
N ASP B 39 -5.56 -13.26 11.40
CA ASP B 39 -5.92 -14.02 10.21
C ASP B 39 -5.08 -13.54 9.02
N ALA B 40 -5.03 -12.24 8.83
CA ALA B 40 -4.25 -11.72 7.68
C ALA B 40 -2.77 -12.15 7.80
N VAL B 41 -2.22 -12.14 9.01
CA VAL B 41 -0.82 -12.56 9.19
C VAL B 41 -0.70 -14.03 8.80
N THR B 42 -1.63 -14.86 9.31
CA THR B 42 -1.53 -16.26 8.95
C THR B 42 -1.61 -16.41 7.44
N PHE B 43 -2.50 -15.64 6.80
CA PHE B 43 -2.67 -15.72 5.37
C PHE B 43 -1.47 -15.21 4.59
N TYR B 44 -0.85 -14.14 5.09
CA TYR B 44 0.30 -13.58 4.36
C TYR B 44 1.51 -14.51 4.44
N LYS B 45 1.68 -15.18 5.58
CA LYS B 45 2.79 -16.14 5.69
C LYS B 45 2.56 -17.30 4.74
N SER B 46 1.30 -17.75 4.71
CA SER B 46 0.98 -18.89 3.88
C SER B 46 1.13 -18.69 2.38
N ALA B 47 0.51 -17.63 1.85
CA ALA B 47 0.49 -17.32 0.43
C ALA B 47 1.82 -16.85 -0.17
N PHE B 48 2.55 -16.06 0.63
CA PHE B 48 3.77 -15.45 0.15
C PHE B 48 5.02 -15.72 0.98
N GLY B 49 4.88 -16.39 2.11
CA GLY B 49 6.07 -16.61 2.92
C GLY B 49 6.54 -15.32 3.59
N ALA B 50 5.59 -14.39 3.78
CA ALA B 50 5.89 -13.16 4.52
C ALA B 50 6.42 -13.60 5.86
N ILE B 51 7.21 -12.73 6.47
CA ILE B 51 7.82 -12.97 7.77
C ILE B 51 7.37 -11.94 8.82
N GLU B 52 6.86 -12.41 9.94
CA GLU B 52 6.41 -11.50 10.99
C GLU B 52 7.59 -10.99 11.86
N SER B 53 7.98 -9.73 11.66
CA SER B 53 9.10 -9.16 12.39
C SER B 53 8.74 -8.85 13.84
N GLY B 54 7.45 -8.99 14.15
CA GLY B 54 6.88 -8.77 15.48
C GLY B 54 5.44 -8.23 15.31
N HIS B 55 4.65 -8.19 16.40
CA HIS B 55 3.28 -7.67 16.35
C HIS B 55 2.94 -6.99 17.66
N SER B 56 1.68 -6.60 17.84
CA SER B 56 1.21 -6.01 19.10
C SER B 56 -0.29 -6.26 19.30
N LEU B 57 -0.67 -6.70 20.49
CA LEU B 57 -2.07 -7.02 20.75
C LEU B 57 -2.86 -6.09 21.68
N HIS B 69 -6.52 -11.41 20.21
CA HIS B 69 -6.54 -10.76 18.89
C HIS B 69 -5.34 -9.84 18.74
N VAL B 70 -4.88 -9.68 17.50
CA VAL B 70 -3.73 -8.85 17.17
C VAL B 70 -4.20 -7.49 16.70
N LEU B 71 -3.60 -6.43 17.18
CA LEU B 71 -4.01 -5.12 16.74
C LEU B 71 -3.21 -4.67 15.51
N SER B 72 -1.97 -5.14 15.39
CA SER B 72 -1.15 -4.72 14.24
C SER B 72 0.12 -5.52 14.26
N SER B 73 0.60 -5.91 13.07
CA SER B 73 1.84 -6.68 13.02
C SER B 73 2.55 -6.27 11.76
N GLU B 74 3.88 -6.15 11.81
CA GLU B 74 4.62 -5.76 10.61
C GLU B 74 5.17 -7.02 9.93
N LEU B 75 5.03 -7.11 8.61
CA LEU B 75 5.46 -8.26 7.84
C LEU B 75 6.59 -7.82 6.90
N ASN B 76 7.52 -8.76 6.66
CA ASN B 76 8.68 -8.59 5.79
C ASN B 76 8.53 -9.52 4.58
N LEU B 77 8.76 -8.99 3.39
CA LEU B 77 8.60 -9.78 2.19
C LEU B 77 9.44 -9.19 1.11
N ALA B 78 10.35 -10.03 0.63
CA ALA B 78 11.23 -9.67 -0.50
C ALA B 78 11.90 -8.32 -0.34
N GLY B 79 12.41 -8.07 0.86
CA GLY B 79 13.11 -6.83 1.11
C GLY B 79 12.29 -5.58 1.37
N SER B 80 10.95 -5.69 1.27
CA SER B 80 10.04 -4.53 1.58
C SER B 80 9.26 -5.00 2.82
N SER B 81 8.72 -4.07 3.61
CA SER B 81 7.93 -4.47 4.79
C SER B 81 6.70 -3.57 4.90
N PHE B 82 5.55 -4.17 5.28
CA PHE B 82 4.28 -3.40 5.43
C PHE B 82 3.67 -3.72 6.77
N VAL B 83 2.63 -2.99 7.17
CA VAL B 83 2.09 -3.25 8.48
C VAL B 83 0.58 -3.44 8.37
N VAL B 84 0.10 -4.55 8.90
CA VAL B 84 -1.33 -4.85 8.85
C VAL B 84 -1.91 -4.26 10.13
N CYS B 85 -2.99 -3.49 10.01
CA CYS B 85 -3.57 -2.83 11.17
C CYS B 85 -5.07 -3.07 11.29
N ASP B 86 -5.52 -3.22 12.55
CA ASP B 86 -6.98 -3.46 12.82
C ASP B 86 -7.71 -2.12 12.69
N VAL B 87 -8.60 -2.00 11.71
CA VAL B 87 -9.28 -0.73 11.47
C VAL B 87 -10.09 -0.29 12.69
N SER B 88 -10.45 -1.22 13.58
CA SER B 88 -11.22 -0.81 14.78
C SER B 88 -10.35 -0.03 15.78
N SER B 89 -9.04 -0.03 15.58
CA SER B 89 -8.16 0.76 16.43
C SER B 89 -7.90 2.14 15.80
N LEU B 90 -8.51 2.38 14.64
CA LEU B 90 -8.29 3.62 13.87
C LEU B 90 -9.63 4.22 13.42
N PRO B 91 -10.44 4.68 14.41
CA PRO B 91 -11.72 5.26 14.04
C PRO B 91 -11.60 6.36 13.02
N GLY B 92 -12.49 6.35 12.03
CA GLY B 92 -12.43 7.37 10.99
C GLY B 92 -11.77 6.83 9.74
N PHE B 93 -11.16 5.64 9.82
CA PHE B 93 -10.54 5.01 8.65
C PHE B 93 -11.47 3.94 8.13
N SER B 94 -11.17 3.44 6.93
CA SER B 94 -12.00 2.38 6.38
C SER B 94 -11.08 1.44 5.63
N THR B 95 -11.45 0.18 5.56
CA THR B 95 -10.64 -0.77 4.79
C THR B 95 -10.97 -0.60 3.29
N ALA B 96 -12.09 0.05 3.00
CA ALA B 96 -12.58 0.28 1.61
C ALA B 96 -12.86 -1.01 0.87
N LYS B 97 -12.82 -2.14 1.59
CA LYS B 97 -13.03 -3.44 0.94
C LYS B 97 -14.39 -3.44 0.20
N SER B 98 -15.36 -2.73 0.78
CA SER B 98 -16.70 -2.61 0.19
C SER B 98 -16.70 -2.52 -1.34
N GLU B 99 -16.50 -1.31 -1.85
CA GLU B 99 -16.48 -1.06 -3.29
C GLU B 99 -15.09 -1.24 -3.89
N GLY B 100 -14.28 -2.10 -3.27
CA GLY B 100 -12.94 -2.39 -3.76
C GLY B 100 -11.96 -1.35 -3.29
N SER B 101 -10.79 -1.78 -2.84
CA SER B 101 -9.82 -0.81 -2.42
C SER B 101 -8.86 -0.66 -3.62
N GLY B 102 -7.97 0.27 -3.43
CA GLY B 102 -6.98 0.50 -4.47
C GLY B 102 -5.65 -0.06 -4.02
N VAL B 103 -5.64 -0.87 -2.96
CA VAL B 103 -4.34 -1.36 -2.47
C VAL B 103 -3.84 -2.38 -3.49
N THR B 104 -2.69 -2.06 -4.06
CA THR B 104 -2.14 -2.83 -5.17
C THR B 104 -0.64 -3.11 -4.99
N PHE B 105 -0.26 -4.38 -5.10
CA PHE B 105 1.15 -4.71 -5.01
C PHE B 105 1.55 -5.58 -6.17
N LEU B 106 2.85 -5.52 -6.50
CA LEU B 106 3.41 -6.36 -7.57
C LEU B 106 4.51 -7.18 -6.91
N LEU B 107 4.55 -8.50 -7.17
CA LEU B 107 5.63 -9.34 -6.64
C LEU B 107 6.41 -9.85 -7.88
N GLY B 108 7.75 -9.94 -7.74
CA GLY B 108 8.62 -10.46 -8.80
C GLY B 108 8.79 -11.96 -8.53
N THR B 109 8.66 -12.79 -9.54
CA THR B 109 8.78 -14.23 -9.35
C THR B 109 9.20 -14.93 -10.65
N LYS B 110 9.85 -16.09 -10.53
CA LYS B 110 10.23 -16.78 -11.75
C LYS B 110 9.10 -17.64 -12.31
N ASP B 111 8.04 -17.85 -11.53
CA ASP B 111 6.92 -18.64 -12.02
C ASP B 111 5.61 -18.00 -11.61
N ALA B 112 5.16 -16.99 -12.37
CA ALA B 112 3.92 -16.30 -12.05
C ALA B 112 2.77 -17.27 -11.84
N GLU B 113 2.77 -18.38 -12.60
CA GLU B 113 1.71 -19.35 -12.46
C GLU B 113 1.76 -20.15 -11.14
N ALA B 114 2.96 -20.47 -10.69
CA ALA B 114 3.12 -21.21 -9.44
C ALA B 114 2.73 -20.34 -8.25
N ALA B 115 2.96 -19.05 -8.39
CA ALA B 115 2.65 -18.09 -7.30
C ALA B 115 1.15 -17.87 -7.26
N VAL B 116 0.54 -17.75 -8.41
CA VAL B 116 -0.90 -17.58 -8.47
C VAL B 116 -1.53 -18.76 -7.77
N ALA B 117 -1.01 -19.98 -8.05
CA ALA B 117 -1.53 -21.21 -7.40
C ALA B 117 -1.23 -21.25 -5.90
N LYS B 118 -0.04 -20.82 -5.49
CA LYS B 118 0.27 -20.87 -4.10
C LYS B 118 -0.64 -19.85 -3.41
N ALA B 119 -0.93 -18.71 -4.05
CA ALA B 119 -1.78 -17.72 -3.36
C ALA B 119 -3.24 -18.23 -3.26
N VAL B 120 -3.74 -18.82 -4.34
CA VAL B 120 -5.11 -19.35 -4.30
C VAL B 120 -5.16 -20.50 -3.29
N ASP B 121 -4.12 -21.33 -3.30
CA ASP B 121 -4.08 -22.48 -2.38
C ASP B 121 -4.15 -22.01 -0.93
N ALA B 122 -3.77 -20.75 -0.67
CA ALA B 122 -3.81 -20.25 0.72
C ALA B 122 -5.10 -19.52 1.04
N GLY B 123 -5.91 -19.28 0.04
CA GLY B 123 -7.18 -18.64 0.31
C GLY B 123 -7.49 -17.44 -0.55
N ALA B 124 -6.64 -17.12 -1.55
CA ALA B 124 -6.89 -15.98 -2.45
C ALA B 124 -7.70 -16.41 -3.68
N VAL B 125 -8.43 -15.44 -4.22
CA VAL B 125 -9.25 -15.64 -5.41
C VAL B 125 -8.58 -15.18 -6.68
N LYS B 126 -8.34 -16.13 -7.58
CA LYS B 126 -7.72 -15.82 -8.87
C LYS B 126 -8.52 -14.83 -9.72
N VAL B 127 -7.83 -13.93 -10.42
CA VAL B 127 -8.52 -13.01 -11.31
C VAL B 127 -7.89 -13.25 -12.66
N GLU B 128 -8.69 -13.80 -13.57
CA GLU B 128 -8.20 -14.10 -14.92
C GLU B 128 -7.51 -12.91 -15.54
N VAL B 129 -6.33 -13.14 -16.11
CA VAL B 129 -5.59 -12.08 -16.77
C VAL B 129 -5.75 -12.27 -18.29
N THR B 130 -5.71 -11.16 -19.02
CA THR B 130 -5.84 -11.12 -20.46
C THR B 130 -4.48 -11.07 -21.12
N GLU B 131 -4.42 -11.31 -22.43
CA GLU B 131 -3.13 -11.27 -23.14
C GLU B 131 -2.60 -9.84 -23.14
N ALA B 132 -3.52 -8.88 -23.05
CA ALA B 132 -3.17 -7.49 -23.01
C ALA B 132 -2.31 -7.26 -21.76
N GLU B 133 -2.63 -7.99 -20.70
CA GLU B 133 -1.88 -7.88 -19.46
C GLU B 133 -0.63 -8.76 -19.51
N VAL B 134 -0.82 -9.98 -19.97
CA VAL B 134 0.30 -10.92 -20.06
C VAL B 134 1.42 -10.37 -20.94
N GLU B 135 1.02 -9.63 -21.97
CA GLU B 135 1.96 -9.02 -22.90
C GLU B 135 2.77 -7.90 -22.27
N LEU B 136 2.50 -7.57 -21.00
CA LEU B 136 3.28 -6.53 -20.31
C LEU B 136 4.00 -7.10 -19.10
N GLY B 137 4.12 -8.42 -19.07
CA GLY B 137 4.83 -9.09 -17.98
C GLY B 137 3.91 -9.59 -16.86
N PHE B 138 2.76 -8.94 -16.72
CA PHE B 138 1.82 -9.33 -15.68
C PHE B 138 1.17 -10.65 -16.04
N LYS B 139 1.73 -11.74 -15.50
CA LYS B 139 1.27 -13.08 -15.85
C LYS B 139 0.35 -13.81 -14.89
N GLY B 140 -0.03 -13.13 -13.80
CA GLY B 140 -0.93 -13.74 -12.87
C GLY B 140 -1.49 -12.62 -12.05
N LYS B 141 -2.61 -12.88 -11.38
CA LYS B 141 -3.22 -11.84 -10.57
C LYS B 141 -4.24 -12.42 -9.62
N VAL B 142 -4.21 -11.95 -8.38
CA VAL B 142 -5.23 -12.38 -7.41
C VAL B 142 -5.74 -11.23 -6.55
N THR B 143 -6.83 -11.50 -5.84
CA THR B 143 -7.41 -10.55 -4.88
C THR B 143 -7.45 -11.37 -3.59
N ASP B 144 -6.79 -10.91 -2.54
CA ASP B 144 -6.76 -11.68 -1.32
C ASP B 144 -7.99 -11.45 -0.51
N PRO B 145 -8.15 -12.19 0.62
CA PRO B 145 -9.35 -12.02 1.46
C PRO B 145 -9.47 -10.70 2.16
N PHE B 146 -8.49 -9.82 1.91
CA PHE B 146 -8.45 -8.51 2.55
C PHE B 146 -8.55 -7.37 1.53
N GLY B 147 -8.91 -7.72 0.29
CA GLY B 147 -9.18 -6.69 -0.70
C GLY B 147 -7.96 -6.17 -1.45
N VAL B 148 -6.81 -6.82 -1.25
CA VAL B 148 -5.58 -6.37 -1.92
C VAL B 148 -5.43 -7.05 -3.27
N THR B 149 -5.01 -6.30 -4.27
CA THR B 149 -4.74 -6.84 -5.60
C THR B 149 -3.23 -7.06 -5.70
N TRP B 150 -2.84 -8.29 -5.99
CA TRP B 150 -1.43 -8.70 -6.13
C TRP B 150 -1.18 -9.12 -7.57
N ILE B 151 -0.38 -8.34 -8.27
CA ILE B 151 0.02 -8.70 -9.64
C ILE B 151 1.30 -9.53 -9.57
N PHE B 152 1.37 -10.59 -10.39
CA PHE B 152 2.57 -11.45 -10.43
C PHE B 152 3.20 -11.35 -11.80
N ALA B 153 4.48 -10.99 -11.87
CA ALA B 153 5.19 -10.87 -13.14
C ALA B 153 6.57 -11.53 -13.12
N GLU B 154 7.01 -12.02 -14.29
CA GLU B 154 8.32 -12.67 -14.33
C GLU B 154 9.42 -11.63 -14.49
N HIS A 20 10.40 -24.33 -2.63
CA HIS A 20 10.28 -22.92 -2.12
C HIS A 20 10.08 -21.91 -3.24
N LEU A 21 9.01 -21.12 -3.13
CA LEU A 21 8.75 -20.09 -4.13
C LEU A 21 9.36 -18.79 -3.60
N VAL A 22 10.00 -18.02 -4.47
CA VAL A 22 10.65 -16.75 -4.08
C VAL A 22 10.25 -15.62 -5.02
N PHE A 23 10.17 -14.40 -4.47
CA PHE A 23 9.80 -13.19 -5.20
C PHE A 23 10.92 -12.19 -5.43
N THR A 24 11.34 -12.08 -6.68
CA THR A 24 12.42 -11.21 -7.09
C THR A 24 12.29 -9.73 -6.73
N GLU A 25 11.18 -9.37 -6.03
CA GLU A 25 10.96 -8.00 -5.56
C GLU A 25 9.53 -7.79 -5.05
N PHE A 26 9.32 -6.75 -4.24
CA PHE A 26 8.00 -6.43 -3.68
C PHE A 26 7.82 -4.91 -3.76
N LYS A 27 6.95 -4.50 -4.68
CA LYS A 27 6.68 -3.10 -4.91
C LYS A 27 5.30 -2.72 -4.42
N GLN A 28 5.24 -1.46 -4.00
CA GLN A 28 4.06 -0.80 -3.45
C GLN A 28 3.51 0.08 -4.53
N LEU A 30 0.87 2.88 -6.18
CA LEU A 30 -0.09 3.92 -5.83
C LEU A 30 -0.67 4.33 -7.20
N LEU A 31 -1.86 3.85 -7.53
CA LEU A 31 -2.47 4.18 -8.82
C LEU A 31 -3.08 5.62 -8.81
N VAL A 32 -2.84 6.39 -9.87
CA VAL A 32 -3.44 7.73 -9.99
C VAL A 32 -4.29 7.77 -11.26
N GLU A 33 -5.25 8.71 -11.30
CA GLU A 33 -6.16 8.84 -12.42
C GLU A 33 -5.40 9.07 -13.73
N ALA A 34 -6.15 9.11 -14.81
CA ALA A 34 -5.51 9.29 -16.09
C ALA A 34 -4.70 10.58 -16.19
N GLN A 35 -3.50 10.41 -16.73
CA GLN A 35 -2.51 11.46 -16.96
C GLN A 35 -2.01 12.20 -15.73
N LYS A 36 -2.25 11.63 -14.54
CA LYS A 36 -1.83 12.31 -13.33
C LYS A 36 -0.51 11.92 -12.65
N VAL A 37 0.27 11.05 -13.26
CA VAL A 37 1.50 10.64 -12.58
C VAL A 37 2.40 11.83 -12.33
N GLY A 38 2.42 12.75 -13.31
CA GLY A 38 3.23 13.95 -13.21
C GLY A 38 2.79 14.92 -12.14
N ASP A 39 1.49 14.99 -11.98
CA ASP A 39 0.93 15.87 -10.99
C ASP A 39 1.26 15.32 -9.63
N ALA A 40 1.22 13.98 -9.53
CA ALA A 40 1.60 13.30 -8.25
C ALA A 40 3.08 13.39 -7.89
N VAL A 41 3.97 13.17 -8.86
CA VAL A 41 5.41 13.28 -8.61
C VAL A 41 5.75 14.66 -8.02
N THR A 42 5.43 15.74 -8.76
CA THR A 42 5.77 17.07 -8.25
C THR A 42 5.07 17.33 -6.92
N PHE A 43 3.84 16.86 -6.76
CA PHE A 43 3.18 17.03 -5.46
C PHE A 43 3.98 16.36 -4.32
N TYR A 44 4.38 15.10 -4.51
CA TYR A 44 5.09 14.38 -3.44
C TYR A 44 6.47 14.98 -3.20
N LYS A 45 7.05 15.60 -4.23
CA LYS A 45 8.34 16.28 -4.03
C LYS A 45 8.07 17.50 -3.16
N SER A 46 7.04 18.29 -3.48
CA SER A 46 6.78 19.50 -2.65
C SER A 46 6.33 19.22 -1.24
N ALA A 47 5.46 18.24 -1.10
CA ALA A 47 4.89 17.96 0.20
C ALA A 47 5.81 17.21 1.16
N PHE A 48 6.51 16.19 0.64
CA PHE A 48 7.33 15.32 1.46
C PHE A 48 8.82 15.28 1.12
N GLY A 49 9.19 15.84 -0.03
CA GLY A 49 10.58 15.79 -0.48
C GLY A 49 10.91 14.42 -1.08
N ALA A 50 9.90 13.74 -1.62
CA ALA A 50 10.18 12.44 -2.24
C ALA A 50 11.21 12.75 -3.32
N ILE A 51 12.04 11.75 -3.61
CA ILE A 51 13.08 11.85 -4.66
C ILE A 51 12.66 10.94 -5.84
N GLU A 52 12.51 11.51 -7.02
CA GLU A 52 12.12 10.74 -8.19
C GLU A 52 13.33 10.13 -8.93
N SER A 53 13.06 9.14 -9.77
CA SER A 53 14.11 8.42 -10.51
C SER A 53 14.79 7.45 -9.51
N HIS A 69 3.04 -0.42 -22.09
CA HIS A 69 3.83 0.55 -21.36
C HIS A 69 3.04 1.35 -20.30
N VAL A 70 3.10 0.92 -19.04
CA VAL A 70 2.39 1.62 -17.96
C VAL A 70 3.22 2.78 -17.38
N LEU A 71 2.79 4.01 -17.64
CA LEU A 71 3.45 5.22 -17.15
C LEU A 71 3.49 5.13 -15.62
N SER A 72 4.68 4.88 -15.10
CA SER A 72 4.90 4.76 -13.64
C SER A 72 6.22 5.37 -13.28
N SER A 73 6.26 5.97 -12.08
CA SER A 73 7.47 6.66 -11.58
C SER A 73 7.70 6.27 -10.14
N GLU A 74 8.91 5.77 -9.84
CA GLU A 74 9.26 5.35 -8.48
C GLU A 74 9.72 6.56 -7.71
N LEU A 75 9.22 6.68 -6.49
CA LEU A 75 9.54 7.81 -5.66
C LEU A 75 10.17 7.35 -4.37
N ASN A 76 11.30 7.97 -4.01
CA ASN A 76 12.02 7.61 -2.79
C ASN A 76 11.69 8.52 -1.64
N LEU A 77 11.34 7.88 -0.53
CA LEU A 77 11.03 8.54 0.72
C LEU A 77 11.64 7.82 1.92
N ALA A 78 12.40 8.54 2.74
CA ALA A 78 12.95 7.98 3.97
C ALA A 78 13.63 6.64 3.73
N GLY A 79 14.43 6.55 2.67
CA GLY A 79 15.14 5.28 2.44
C GLY A 79 14.39 4.13 1.80
N SER A 80 13.09 4.32 1.51
CA SER A 80 12.28 3.26 0.85
C SER A 80 11.63 3.91 -0.37
N SER A 81 10.57 3.27 -0.84
CA SER A 81 9.89 3.82 -2.02
C SER A 81 8.50 3.26 -2.26
N PHE A 82 7.82 3.90 -3.22
CA PHE A 82 6.49 3.45 -3.71
C PHE A 82 6.45 3.87 -5.18
N VAL A 83 5.63 3.17 -5.98
CA VAL A 83 5.56 3.41 -7.41
C VAL A 83 4.24 4.08 -7.75
N VAL A 84 4.34 5.28 -8.35
CA VAL A 84 3.21 6.10 -8.76
C VAL A 84 2.87 5.77 -10.17
N CYS A 85 1.57 5.66 -10.41
CA CYS A 85 1.23 5.33 -11.77
C CYS A 85 -0.21 5.47 -12.27
N ASP A 86 -0.30 5.81 -13.57
CA ASP A 86 -1.57 5.96 -14.33
C ASP A 86 -2.41 4.68 -14.39
N VAL A 87 -3.63 4.68 -13.87
CA VAL A 87 -4.45 3.47 -13.83
C VAL A 87 -5.04 2.98 -15.16
N SER A 88 -5.19 3.92 -16.08
CA SER A 88 -5.72 3.61 -17.44
C SER A 88 -4.55 3.00 -18.28
N SER A 89 -3.30 3.06 -17.77
CA SER A 89 -2.14 2.52 -18.46
C SER A 89 -1.85 1.05 -18.08
N LEU A 90 -2.47 0.60 -16.99
CA LEU A 90 -2.29 -0.76 -16.54
C LEU A 90 -3.38 -1.55 -17.22
N PRO A 91 -2.99 -2.34 -18.25
CA PRO A 91 -3.93 -3.15 -19.02
C PRO A 91 -4.52 -4.27 -18.19
N GLY A 92 -5.63 -3.95 -17.53
CA GLY A 92 -6.27 -4.91 -16.65
C GLY A 92 -7.11 -4.23 -15.59
N PHE A 93 -6.79 -2.99 -15.22
CA PHE A 93 -7.56 -2.25 -14.18
C PHE A 93 -8.57 -1.27 -14.77
N SER A 94 -9.58 -0.92 -13.99
CA SER A 94 -10.61 0.03 -14.45
C SER A 94 -10.96 1.10 -13.41
N THR A 95 -10.58 0.90 -12.14
CA THR A 95 -10.84 1.84 -11.07
C THR A 95 -9.52 2.20 -10.29
N ALA A 96 -9.22 3.50 -10.20
CA ALA A 96 -8.04 3.98 -9.48
C ALA A 96 -8.43 4.03 -8.01
N LYS A 97 -9.75 4.07 -7.78
CA LYS A 97 -10.33 4.14 -6.43
C LYS A 97 -9.84 5.36 -5.67
N SER A 98 -9.61 6.48 -6.38
CA SER A 98 -9.10 7.70 -5.74
C SER A 98 -10.08 8.27 -4.72
N GLU A 99 -11.39 8.08 -4.91
CA GLU A 99 -12.33 8.65 -3.92
C GLU A 99 -12.44 7.88 -2.57
N GLY A 100 -11.90 6.67 -2.49
CA GLY A 100 -11.95 5.90 -1.23
C GLY A 100 -11.15 4.61 -1.47
N SER A 101 -9.82 4.74 -1.50
CA SER A 101 -8.91 3.65 -1.83
C SER A 101 -8.40 2.89 -0.63
N GLY A 102 -7.78 1.76 -0.86
CA GLY A 102 -7.18 1.16 0.38
C GLY A 102 -5.86 1.80 0.98
N VAL A 103 -5.28 2.77 0.26
CA VAL A 103 -3.95 3.33 0.59
C VAL A 103 -3.52 4.31 1.73
N THR A 104 -2.77 3.74 2.67
CA THR A 104 -2.37 4.42 3.91
C THR A 104 -0.89 4.26 4.27
N PHE A 105 -0.15 5.36 4.20
CA PHE A 105 1.25 5.30 4.55
C PHE A 105 1.43 5.97 5.91
N LEU A 106 2.56 5.62 6.53
CA LEU A 106 2.99 6.14 7.81
C LEU A 106 4.37 6.76 7.59
N LEU A 107 4.59 7.97 8.10
CA LEU A 107 5.93 8.59 7.98
C LEU A 107 6.42 8.88 9.39
N GLY A 108 7.70 8.55 9.64
CA GLY A 108 8.34 8.82 10.92
C GLY A 108 9.06 10.16 10.79
N THR A 109 8.92 11.00 11.80
CA THR A 109 9.54 12.29 11.75
C THR A 109 9.69 12.73 13.19
N LYS A 110 10.54 13.73 13.38
CA LYS A 110 10.79 14.25 14.73
C LYS A 110 9.63 15.14 15.17
N ASP A 111 9.01 15.82 14.20
CA ASP A 111 7.93 16.77 14.50
C ASP A 111 6.75 16.58 13.56
N ALA A 112 5.70 15.91 14.01
CA ALA A 112 4.55 15.67 13.12
C ALA A 112 3.81 16.96 12.74
N GLU A 113 3.65 17.90 13.69
CA GLU A 113 2.98 19.17 13.38
C GLU A 113 3.67 19.90 12.23
N ALA A 114 5.00 19.94 12.25
CA ALA A 114 5.73 20.64 11.20
C ALA A 114 5.53 19.92 9.85
N ALA A 115 5.53 18.60 9.88
CA ALA A 115 5.35 17.81 8.65
C ALA A 115 3.97 18.06 8.03
N VAL A 116 2.95 18.13 8.89
CA VAL A 116 1.59 18.39 8.42
C VAL A 116 1.55 19.78 7.73
N ALA A 117 2.11 20.78 8.40
CA ALA A 117 2.07 22.13 7.83
C ALA A 117 2.77 22.20 6.46
N LYS A 118 3.91 21.53 6.30
CA LYS A 118 4.62 21.56 5.02
C LYS A 118 3.74 20.90 3.96
N ALA A 119 3.17 19.74 4.32
CA ALA A 119 2.37 19.06 3.30
C ALA A 119 1.07 19.85 3.02
N VAL A 120 0.53 20.54 4.04
CA VAL A 120 -0.71 21.33 3.85
C VAL A 120 -0.44 22.51 2.91
N ASP A 121 0.73 23.14 3.05
CA ASP A 121 1.05 24.29 2.16
C ASP A 121 1.27 23.80 0.73
N ALA A 122 1.43 22.46 0.56
CA ALA A 122 1.65 21.88 -0.74
C ALA A 122 0.36 21.35 -1.33
N GLY A 123 -0.73 21.44 -0.57
CA GLY A 123 -2.01 20.98 -1.11
C GLY A 123 -2.74 19.91 -0.29
N ALA A 124 -2.06 19.33 0.70
CA ALA A 124 -2.72 18.30 1.54
C ALA A 124 -3.68 18.94 2.52
N VAL A 125 -4.61 18.13 3.05
CA VAL A 125 -5.59 18.63 4.01
C VAL A 125 -5.37 17.99 5.35
N LYS A 126 -5.18 18.83 6.38
CA LYS A 126 -4.95 18.32 7.73
C LYS A 126 -6.21 17.68 8.30
N VAL A 127 -6.06 16.48 8.84
CA VAL A 127 -7.20 15.79 9.48
C VAL A 127 -6.82 15.71 10.98
N GLU A 128 -7.71 16.15 11.87
CA GLU A 128 -7.41 16.11 13.29
C GLU A 128 -7.18 14.68 13.72
N VAL A 129 -6.14 14.44 14.51
CA VAL A 129 -5.84 13.11 14.95
C VAL A 129 -6.77 12.73 16.10
N THR A 130 -7.13 11.46 16.12
CA THR A 130 -8.03 10.98 17.19
C THR A 130 -7.22 10.59 18.41
N GLU A 131 -7.95 10.25 19.47
CA GLU A 131 -7.32 9.78 20.70
C GLU A 131 -6.69 8.40 20.43
N ALA A 132 -7.39 7.59 19.65
CA ALA A 132 -6.92 6.26 19.25
C ALA A 132 -5.53 6.40 18.53
N GLU A 133 -5.39 7.42 17.68
CA GLU A 133 -4.11 7.67 16.96
C GLU A 133 -3.02 8.31 17.87
N VAL A 134 -3.43 9.28 18.68
CA VAL A 134 -2.45 9.90 19.60
C VAL A 134 -1.84 8.88 20.55
N GLU A 135 -2.61 7.86 20.95
CA GLU A 135 -2.10 6.83 21.86
C GLU A 135 -1.02 6.01 21.17
N LEU A 136 -1.13 5.90 19.84
CA LEU A 136 -0.15 5.16 19.04
C LEU A 136 1.00 6.08 18.64
N GLY A 137 0.97 7.30 19.14
CA GLY A 137 2.03 8.29 18.83
C GLY A 137 1.84 9.00 17.50
N PHE A 138 0.75 8.67 16.80
CA PHE A 138 0.42 9.25 15.48
C PHE A 138 -0.08 10.66 15.73
N LYS A 139 0.84 11.63 15.72
CA LYS A 139 0.53 13.02 16.07
C LYS A 139 0.11 13.95 14.94
N GLY A 140 0.16 13.46 13.72
CA GLY A 140 -0.25 14.29 12.59
C GLY A 140 -0.85 13.36 11.54
N LYS A 141 -1.72 13.93 10.70
CA LYS A 141 -2.39 13.13 9.69
C LYS A 141 -2.86 14.12 8.62
N VAL A 142 -2.80 13.72 7.36
CA VAL A 142 -3.29 14.57 6.29
C VAL A 142 -3.75 13.74 5.16
N THR A 143 -4.73 14.26 4.40
CA THR A 143 -5.18 13.61 3.19
C THR A 143 -4.53 14.34 2.00
N ASP A 144 -4.41 13.64 0.88
CA ASP A 144 -3.77 14.25 -0.29
C ASP A 144 -4.67 14.29 -1.48
N PRO A 145 -4.25 15.02 -2.52
CA PRO A 145 -5.03 15.16 -3.75
C PRO A 145 -5.34 13.92 -4.50
N PHE A 146 -4.59 12.85 -4.18
CA PHE A 146 -4.74 11.56 -4.87
C PHE A 146 -5.53 10.56 -3.99
N GLY A 147 -6.06 11.05 -2.88
CA GLY A 147 -6.88 10.19 -2.02
C GLY A 147 -6.09 9.33 -1.07
N VAL A 148 -4.79 9.59 -0.97
CA VAL A 148 -3.97 8.78 -0.05
C VAL A 148 -4.05 9.44 1.36
N THR A 149 -3.91 8.62 2.39
CA THR A 149 -3.91 9.12 3.76
C THR A 149 -2.52 8.85 4.29
N TRP A 150 -1.92 9.91 4.82
CA TRP A 150 -0.59 9.86 5.41
C TRP A 150 -0.64 10.14 6.88
N ILE A 151 -0.02 9.30 7.70
CA ILE A 151 -0.02 9.58 9.15
C ILE A 151 1.44 9.77 9.56
N PHE A 152 1.68 10.69 10.49
CA PHE A 152 3.03 11.01 10.94
C PHE A 152 3.19 10.48 12.33
N ALA A 153 4.21 9.62 12.44
CA ALA A 153 4.50 8.95 13.70
C ALA A 153 5.68 9.69 14.28
N GLU A 154 5.51 10.09 15.51
CA GLU A 154 6.56 10.82 16.18
C GLU A 154 6.79 10.17 17.54
N VAL B 22 13.06 15.92 7.26
CA VAL B 22 13.74 14.56 7.41
C VAL B 22 12.74 13.47 7.88
N PHE B 23 12.49 12.46 7.07
CA PHE B 23 11.60 11.36 7.49
C PHE B 23 12.50 10.21 7.82
N THR B 24 12.15 9.45 8.84
CA THR B 24 13.00 8.34 9.32
C THR B 24 12.46 6.97 9.07
N GLU B 25 11.31 6.89 8.38
CA GLU B 25 10.78 5.58 8.00
C GLU B 25 9.54 5.85 7.18
N PHE B 26 9.28 4.98 6.23
CA PHE B 26 8.13 5.12 5.32
C PHE B 26 7.59 3.72 5.21
N LYS B 27 6.40 3.51 5.76
CA LYS B 27 5.78 2.20 5.76
C LYS B 27 4.34 2.26 5.20
N GLN B 28 3.89 1.20 4.55
CA GLN B 28 2.52 1.20 4.08
C GLN B 28 1.70 0.40 5.10
N LEU B 30 -1.75 -1.58 5.85
CA LEU B 30 -2.88 -2.28 5.17
C LEU B 30 -3.96 -2.46 6.27
N LEU B 31 -5.09 -1.79 6.08
CA LEU B 31 -6.16 -1.82 7.09
C LEU B 31 -7.07 -3.04 6.82
N VAL B 32 -7.36 -3.79 7.88
CA VAL B 32 -8.22 -4.96 7.71
C VAL B 32 -9.36 -4.89 8.73
N GLU B 33 -10.39 -5.66 8.40
CA GLU B 33 -11.62 -5.78 9.19
C GLU B 33 -11.32 -6.11 10.64
N ALA B 34 -12.15 -5.59 11.55
CA ALA B 34 -12.00 -5.89 12.96
C ALA B 34 -11.81 -7.40 13.23
N GLN B 35 -10.89 -7.66 14.16
CA GLN B 35 -10.56 -9.01 14.61
C GLN B 35 -9.82 -9.86 13.58
N LYS B 36 -9.44 -9.28 12.45
CA LYS B 36 -8.81 -10.13 11.42
C LYS B 36 -7.31 -9.98 11.18
N VAL B 37 -6.59 -9.25 12.04
CA VAL B 37 -5.13 -9.14 11.78
C VAL B 37 -4.44 -10.50 11.89
N GLY B 38 -4.69 -11.22 12.99
CA GLY B 38 -4.05 -12.54 13.09
C GLY B 38 -4.33 -13.37 11.84
N ASP B 39 -5.58 -13.28 11.34
CA ASP B 39 -5.99 -14.04 10.17
C ASP B 39 -5.30 -13.54 8.90
N ALA B 40 -5.02 -12.24 8.87
CA ALA B 40 -4.35 -11.71 7.68
C ALA B 40 -2.90 -12.20 7.65
N VAL B 41 -2.25 -12.22 8.82
CA VAL B 41 -0.85 -12.68 8.89
C VAL B 41 -0.74 -14.13 8.40
N THR B 42 -1.70 -14.98 8.82
CA THR B 42 -1.74 -16.37 8.41
C THR B 42 -1.75 -16.47 6.88
N PHE B 43 -2.62 -15.67 6.29
CA PHE B 43 -2.72 -15.67 4.85
C PHE B 43 -1.41 -15.22 4.24
N TYR B 44 -0.85 -14.09 4.72
CA TYR B 44 0.37 -13.62 4.05
C TYR B 44 1.56 -14.57 4.20
N LYS B 45 1.70 -15.18 5.37
CA LYS B 45 2.76 -16.16 5.56
C LYS B 45 2.58 -17.34 4.58
N SER B 46 1.36 -17.87 4.52
CA SER B 46 1.08 -19.03 3.65
C SER B 46 1.11 -18.74 2.15
N ALA B 47 0.51 -17.61 1.76
CA ALA B 47 0.45 -17.28 0.36
C ALA B 47 1.76 -16.78 -0.24
N PHE B 48 2.53 -16.06 0.58
CA PHE B 48 3.74 -15.43 0.09
C PHE B 48 5.02 -15.69 0.85
N GLY B 49 4.94 -16.38 1.96
CA GLY B 49 6.14 -16.60 2.73
C GLY B 49 6.59 -15.32 3.46
N ALA B 50 5.64 -14.42 3.72
CA ALA B 50 5.94 -13.22 4.50
C ALA B 50 6.29 -13.64 5.93
N ILE B 51 7.17 -12.89 6.56
CA ILE B 51 7.56 -13.20 7.94
C ILE B 51 7.27 -12.03 8.85
N GLU B 52 6.77 -12.33 10.04
CA GLU B 52 6.48 -11.28 10.99
C GLU B 52 7.82 -10.80 11.60
N SER B 53 7.91 -9.52 11.87
CA SER B 53 9.10 -8.98 12.51
C SER B 53 8.65 -8.64 13.94
N GLY B 54 7.45 -8.11 14.07
CA GLY B 54 6.96 -7.74 15.40
C GLY B 54 5.45 -7.50 15.31
N HIS B 55 4.80 -7.18 16.43
CA HIS B 55 3.35 -6.91 16.39
C HIS B 55 2.97 -6.13 17.63
N SER B 56 1.67 -5.86 17.77
CA SER B 56 1.18 -5.20 18.99
C SER B 56 -0.32 -5.40 19.20
N LEU B 57 -0.76 -5.33 20.45
CA LEU B 57 -2.17 -5.51 20.77
C LEU B 57 -2.82 -4.17 21.09
N HIS B 69 -6.69 -11.09 20.32
CA HIS B 69 -6.65 -10.54 18.97
C HIS B 69 -5.41 -9.67 18.77
N VAL B 70 -4.94 -9.61 17.53
CA VAL B 70 -3.75 -8.82 17.19
C VAL B 70 -4.17 -7.45 16.72
N LEU B 71 -3.54 -6.41 17.25
CA LEU B 71 -3.90 -5.07 16.85
C LEU B 71 -3.18 -4.74 15.54
N SER B 72 -1.97 -5.27 15.38
CA SER B 72 -1.24 -5.01 14.15
C SER B 72 -0.06 -5.95 14.03
N SER B 73 0.49 -6.02 12.82
CA SER B 73 1.64 -6.85 12.59
C SER B 73 2.43 -6.39 11.37
N GLU B 74 3.76 -6.18 11.52
CA GLU B 74 4.57 -5.77 10.37
C GLU B 74 5.13 -7.03 9.70
N LEU B 75 4.93 -7.14 8.39
CA LEU B 75 5.35 -8.30 7.62
C LEU B 75 6.46 -7.89 6.66
N ASN B 76 7.50 -8.75 6.63
CA ASN B 76 8.67 -8.58 5.79
C ASN B 76 8.54 -9.51 4.58
N LEU B 77 8.76 -8.95 3.40
CA LEU B 77 8.60 -9.72 2.20
C LEU B 77 9.44 -9.12 1.12
N ALA B 78 10.27 -9.96 0.56
CA ALA B 78 11.11 -9.59 -0.57
C ALA B 78 11.88 -8.31 -0.40
N GLY B 79 12.44 -8.10 0.81
CA GLY B 79 13.23 -6.91 1.05
C GLY B 79 12.51 -5.71 1.62
N SER B 80 11.17 -5.72 1.49
CA SER B 80 10.42 -4.58 2.02
C SER B 80 9.51 -5.08 3.12
N SER B 81 8.59 -4.24 3.56
CA SER B 81 7.70 -4.69 4.60
C SER B 81 6.42 -3.84 4.53
N PHE B 82 5.47 -4.19 5.40
CA PHE B 82 4.22 -3.40 5.49
C PHE B 82 3.60 -3.79 6.81
N VAL B 83 2.72 -2.94 7.35
CA VAL B 83 2.12 -3.20 8.65
C VAL B 83 0.60 -3.34 8.55
N VAL B 84 0.12 -4.54 8.87
CA VAL B 84 -1.33 -4.81 8.80
C VAL B 84 -1.91 -4.25 10.11
N CYS B 85 -2.99 -3.48 9.99
CA CYS B 85 -3.59 -2.84 11.17
C CYS B 85 -5.10 -3.08 11.24
N ASP B 86 -5.57 -3.34 12.46
CA ASP B 86 -7.03 -3.63 12.68
C ASP B 86 -7.72 -2.24 12.60
N VAL B 87 -8.64 -2.05 11.65
CA VAL B 87 -9.27 -0.75 11.49
C VAL B 87 -10.07 -0.34 12.74
N SER B 88 -10.52 -1.31 13.53
CA SER B 88 -11.28 -0.93 14.75
C SER B 88 -10.40 -0.18 15.77
N SER B 89 -9.11 -0.11 15.51
CA SER B 89 -8.19 0.64 16.37
C SER B 89 -7.93 2.04 15.78
N LEU B 90 -8.53 2.31 14.61
CA LEU B 90 -8.30 3.57 13.88
C LEU B 90 -9.63 4.18 13.42
N PRO B 91 -10.43 4.66 14.39
CA PRO B 91 -11.73 5.25 14.03
C PRO B 91 -11.59 6.36 13.01
N GLY B 92 -12.49 6.36 12.02
CA GLY B 92 -12.42 7.37 11.00
C GLY B 92 -11.72 6.86 9.74
N PHE B 93 -11.17 5.64 9.79
CA PHE B 93 -10.52 5.02 8.64
C PHE B 93 -11.46 3.97 8.08
N SER B 94 -11.26 3.61 6.81
CA SER B 94 -12.10 2.57 6.23
C SER B 94 -11.18 1.61 5.47
N THR B 95 -11.43 0.32 5.57
CA THR B 95 -10.61 -0.64 4.83
C THR B 95 -10.89 -0.49 3.32
N ALA B 96 -12.07 0.04 2.96
CA ALA B 96 -12.48 0.19 1.55
C ALA B 96 -12.32 -1.20 0.93
N LYS B 97 -12.94 -2.18 1.56
CA LYS B 97 -12.86 -3.53 0.98
C LYS B 97 -14.16 -3.92 0.30
N SER B 98 -15.30 -3.60 0.90
CA SER B 98 -16.56 -4.04 0.29
C SER B 98 -16.82 -3.49 -1.11
N GLU B 99 -16.36 -2.27 -1.39
CA GLU B 99 -16.54 -1.63 -2.70
C GLU B 99 -15.30 -1.78 -3.58
N GLY B 100 -14.13 -1.80 -2.95
CA GLY B 100 -12.88 -1.95 -3.69
C GLY B 100 -11.83 -0.98 -3.20
N SER B 101 -10.71 -1.54 -2.74
CA SER B 101 -9.68 -0.68 -2.29
C SER B 101 -8.74 -0.54 -3.51
N GLY B 102 -7.81 0.37 -3.34
CA GLY B 102 -6.87 0.54 -4.42
C GLY B 102 -5.54 -0.06 -4.00
N VAL B 103 -5.55 -0.86 -2.92
CA VAL B 103 -4.25 -1.37 -2.43
C VAL B 103 -3.72 -2.41 -3.43
N THR B 104 -2.61 -2.03 -4.05
CA THR B 104 -2.04 -2.80 -5.14
C THR B 104 -0.55 -3.07 -4.95
N PHE B 105 -0.17 -4.34 -5.07
CA PHE B 105 1.24 -4.66 -4.94
C PHE B 105 1.71 -5.47 -6.11
N LEU B 106 3.01 -5.34 -6.40
CA LEU B 106 3.62 -6.12 -7.45
C LEU B 106 4.64 -7.04 -6.77
N LEU B 107 4.72 -8.29 -7.25
CA LEU B 107 5.68 -9.26 -6.75
C LEU B 107 6.30 -9.89 -8.01
N GLY B 108 7.61 -9.77 -8.16
CA GLY B 108 8.31 -10.36 -9.31
C GLY B 108 8.57 -11.83 -9.07
N THR B 109 8.29 -12.69 -10.04
CA THR B 109 8.48 -14.10 -9.80
C THR B 109 8.90 -14.79 -11.08
N LYS B 110 9.43 -15.99 -10.92
CA LYS B 110 9.85 -16.77 -12.06
C LYS B 110 8.76 -17.72 -12.52
N ASP B 111 7.73 -17.92 -11.69
CA ASP B 111 6.62 -18.79 -12.06
C ASP B 111 5.35 -18.21 -11.45
N ALA B 112 4.72 -17.30 -12.19
CA ALA B 112 3.50 -16.65 -11.70
C ALA B 112 2.36 -17.62 -11.53
N GLU B 113 2.31 -18.62 -12.41
CA GLU B 113 1.24 -19.60 -12.34
C GLU B 113 1.25 -20.32 -10.99
N ALA B 114 2.43 -20.72 -10.55
CA ALA B 114 2.57 -21.38 -9.25
C ALA B 114 2.21 -20.42 -8.12
N ALA B 115 2.63 -19.17 -8.26
CA ALA B 115 2.34 -18.19 -7.19
C ALA B 115 0.85 -17.92 -7.11
N VAL B 116 0.17 -17.93 -8.23
CA VAL B 116 -1.28 -17.75 -8.22
C VAL B 116 -1.95 -18.90 -7.46
N ALA B 117 -1.63 -20.14 -7.84
CA ALA B 117 -2.23 -21.30 -7.14
C ALA B 117 -1.88 -21.36 -5.65
N LYS B 118 -0.65 -20.96 -5.33
CA LYS B 118 -0.16 -20.96 -3.97
C LYS B 118 -0.97 -19.92 -3.21
N ALA B 119 -1.26 -18.77 -3.82
CA ALA B 119 -2.04 -17.72 -3.15
C ALA B 119 -3.52 -18.14 -3.09
N VAL B 120 -4.07 -18.53 -4.24
CA VAL B 120 -5.48 -18.98 -4.31
C VAL B 120 -5.78 -20.10 -3.31
N ASP B 121 -4.82 -21.02 -3.16
CA ASP B 121 -4.96 -22.15 -2.26
C ASP B 121 -5.06 -21.61 -0.86
N ALA B 122 -4.23 -20.63 -0.53
CA ALA B 122 -4.22 -20.09 0.83
C ALA B 122 -5.47 -19.26 1.08
N GLY B 123 -6.31 -19.10 0.08
CA GLY B 123 -7.55 -18.36 0.30
C GLY B 123 -7.81 -17.17 -0.60
N ALA B 124 -6.88 -16.84 -1.52
CA ALA B 124 -7.08 -15.70 -2.44
C ALA B 124 -8.03 -16.10 -3.56
N VAL B 125 -8.45 -15.14 -4.35
CA VAL B 125 -9.33 -15.40 -5.48
C VAL B 125 -8.60 -15.05 -6.77
N LYS B 126 -8.39 -16.06 -7.62
CA LYS B 126 -7.70 -15.83 -8.90
C LYS B 126 -8.45 -14.85 -9.81
N VAL B 127 -7.70 -14.01 -10.53
CA VAL B 127 -8.32 -13.11 -11.49
C VAL B 127 -7.67 -13.50 -12.81
N GLU B 128 -8.48 -13.78 -13.83
CA GLU B 128 -7.90 -14.14 -15.12
C GLU B 128 -7.20 -12.95 -15.73
N VAL B 129 -6.04 -13.18 -16.32
CA VAL B 129 -5.25 -12.14 -16.98
C VAL B 129 -5.28 -12.39 -18.50
N THR B 130 -5.89 -11.47 -19.22
CA THR B 130 -6.02 -11.59 -20.66
C THR B 130 -4.70 -11.30 -21.33
N GLU B 131 -4.65 -11.49 -22.66
CA GLU B 131 -3.42 -11.26 -23.41
C GLU B 131 -2.82 -9.89 -23.12
N ALA B 132 -3.68 -8.93 -22.84
CA ALA B 132 -3.26 -7.60 -22.49
C ALA B 132 -2.20 -7.71 -21.42
N GLU B 133 -2.57 -8.30 -20.29
CA GLU B 133 -1.65 -8.44 -19.18
C GLU B 133 -0.23 -8.88 -19.53
N VAL B 134 -0.09 -10.13 -19.96
CA VAL B 134 1.19 -10.72 -20.34
C VAL B 134 2.01 -9.76 -21.23
N GLU B 135 1.34 -9.05 -22.12
CA GLU B 135 2.00 -8.09 -22.99
C GLU B 135 2.93 -7.19 -22.20
N LEU B 136 2.58 -6.89 -20.96
CA LEU B 136 3.42 -6.01 -20.14
C LEU B 136 4.12 -6.75 -19.00
N GLY B 137 4.08 -8.07 -19.05
CA GLY B 137 4.76 -8.87 -18.02
C GLY B 137 3.96 -9.20 -16.77
N PHE B 138 2.63 -9.24 -16.91
CA PHE B 138 1.75 -9.55 -15.79
C PHE B 138 0.95 -10.82 -16.09
N LYS B 139 1.50 -11.98 -15.73
CA LYS B 139 0.87 -13.27 -16.06
C LYS B 139 0.07 -13.93 -14.97
N GLY B 140 -0.19 -13.19 -13.89
CA GLY B 140 -0.96 -13.75 -12.82
C GLY B 140 -1.52 -12.58 -12.07
N LYS B 141 -2.68 -12.78 -11.47
CA LYS B 141 -3.31 -11.70 -10.73
C LYS B 141 -4.39 -12.24 -9.84
N VAL B 142 -4.29 -11.86 -8.56
CA VAL B 142 -5.30 -12.29 -7.56
C VAL B 142 -5.79 -11.18 -6.66
N THR B 143 -6.92 -11.45 -6.00
CA THR B 143 -7.51 -10.56 -4.98
C THR B 143 -7.36 -11.41 -3.70
N ASP B 144 -6.96 -10.80 -2.59
CA ASP B 144 -6.77 -11.59 -1.39
C ASP B 144 -7.94 -11.42 -0.41
N PRO B 145 -8.01 -12.22 0.68
CA PRO B 145 -9.14 -12.09 1.63
C PRO B 145 -9.34 -10.76 2.33
N PHE B 146 -8.43 -9.83 2.03
CA PHE B 146 -8.44 -8.51 2.63
C PHE B 146 -8.52 -7.41 1.56
N GLY B 147 -8.87 -7.88 0.35
CA GLY B 147 -9.13 -7.00 -0.76
C GLY B 147 -7.93 -6.53 -1.56
N VAL B 148 -6.73 -6.85 -1.09
CA VAL B 148 -5.50 -6.40 -1.81
C VAL B 148 -5.45 -7.15 -3.12
N THR B 149 -5.08 -6.46 -4.20
CA THR B 149 -4.91 -7.13 -5.48
C THR B 149 -3.42 -7.19 -5.75
N TRP B 150 -2.91 -8.42 -5.83
CA TRP B 150 -1.51 -8.73 -6.11
C TRP B 150 -1.41 -9.19 -7.56
N ILE B 151 -0.46 -8.61 -8.30
CA ILE B 151 -0.18 -9.06 -9.67
C ILE B 151 1.23 -9.64 -9.61
N PHE B 152 1.42 -10.82 -10.21
CA PHE B 152 2.76 -11.45 -10.22
C PHE B 152 3.37 -11.20 -11.60
N ALA B 153 4.61 -10.68 -11.62
CA ALA B 153 5.30 -10.38 -12.87
C ALA B 153 6.51 -11.29 -13.05
N GLU B 154 6.69 -11.82 -14.26
CA GLU B 154 7.82 -12.68 -14.55
C GLU B 154 8.73 -11.90 -15.48
N HIS A 20 11.12 -24.21 -1.91
CA HIS A 20 10.61 -22.98 -1.22
C HIS A 20 10.46 -21.90 -2.28
N LEU A 21 9.21 -21.54 -2.60
CA LEU A 21 8.95 -20.50 -3.59
C LEU A 21 9.25 -19.14 -2.93
N VAL A 22 9.95 -18.25 -3.63
CA VAL A 22 10.35 -16.94 -3.06
C VAL A 22 10.17 -15.85 -4.08
N PHE A 23 10.08 -14.61 -3.60
CA PHE A 23 9.92 -13.44 -4.47
C PHE A 23 11.16 -12.63 -4.45
N THR A 24 11.45 -11.98 -5.57
CA THR A 24 12.66 -11.17 -5.69
C THR A 24 12.41 -9.67 -5.63
N GLU A 25 11.19 -9.25 -5.95
CA GLU A 25 10.90 -7.82 -5.93
C GLU A 25 9.47 -7.66 -5.47
N PHE A 26 9.24 -6.57 -4.75
CA PHE A 26 7.95 -6.21 -4.18
C PHE A 26 7.82 -4.74 -4.56
N LYS A 27 6.77 -4.39 -5.29
CA LYS A 27 6.54 -3.00 -5.74
C LYS A 27 5.26 -2.54 -5.07
N GLN A 28 5.32 -1.46 -4.30
CA GLN A 28 4.13 -0.93 -3.60
C GLN A 28 3.58 0.12 -4.54
N LEU A 30 0.80 2.96 -6.18
CA LEU A 30 -0.26 3.93 -5.85
C LEU A 30 -0.93 4.25 -7.21
N LEU A 31 -2.15 3.74 -7.41
CA LEU A 31 -2.85 4.02 -8.66
C LEU A 31 -3.35 5.47 -8.64
N VAL A 32 -3.27 6.10 -9.79
CA VAL A 32 -3.74 7.45 -9.95
C VAL A 32 -4.48 7.50 -11.28
N GLU A 33 -5.33 8.53 -11.41
CA GLU A 33 -6.14 8.72 -12.60
C GLU A 33 -5.31 9.02 -13.86
N ALA A 34 -5.91 8.81 -15.04
CA ALA A 34 -5.16 9.02 -16.29
C ALA A 34 -4.48 10.40 -16.32
N GLN A 35 -3.26 10.43 -16.83
CA GLN A 35 -2.42 11.60 -16.99
C GLN A 35 -1.97 12.28 -15.72
N LYS A 36 -2.15 11.61 -14.58
CA LYS A 36 -1.77 12.21 -13.31
C LYS A 36 -0.40 11.83 -12.71
N VAL A 37 0.30 10.87 -13.29
CA VAL A 37 1.58 10.46 -12.67
C VAL A 37 2.53 11.60 -12.46
N GLY A 38 2.77 12.40 -13.52
CA GLY A 38 3.67 13.53 -13.37
C GLY A 38 3.21 14.53 -12.30
N ASP A 39 1.91 14.73 -12.17
CA ASP A 39 1.39 15.67 -11.20
C ASP A 39 1.58 15.13 -9.79
N ALA A 40 1.29 13.84 -9.63
CA ALA A 40 1.50 13.26 -8.29
C ALA A 40 2.96 13.37 -7.87
N VAL A 41 3.88 13.11 -8.79
CA VAL A 41 5.30 13.23 -8.44
C VAL A 41 5.59 14.65 -7.96
N THR A 42 5.15 15.63 -8.76
CA THR A 42 5.41 17.01 -8.41
C THR A 42 4.81 17.30 -7.05
N PHE A 43 3.63 16.78 -6.80
CA PHE A 43 3.09 17.00 -5.47
C PHE A 43 3.93 16.31 -4.36
N TYR A 44 4.35 15.06 -4.59
CA TYR A 44 5.10 14.33 -3.56
C TYR A 44 6.48 14.90 -3.30
N LYS A 45 7.04 15.54 -4.33
CA LYS A 45 8.33 16.20 -4.13
C LYS A 45 8.13 17.42 -3.26
N SER A 46 7.09 18.23 -3.51
CA SER A 46 6.91 19.45 -2.69
C SER A 46 6.35 19.23 -1.31
N ALA A 47 5.59 18.15 -1.16
CA ALA A 47 4.92 17.89 0.10
C ALA A 47 5.83 17.19 1.11
N PHE A 48 6.51 16.14 0.64
CA PHE A 48 7.31 15.27 1.49
C PHE A 48 8.81 15.19 1.15
N GLY A 49 9.22 15.89 0.10
CA GLY A 49 10.62 15.79 -0.33
C GLY A 49 10.90 14.46 -1.00
N ALA A 50 9.88 13.83 -1.58
CA ALA A 50 10.07 12.55 -2.26
C ALA A 50 11.01 12.83 -3.45
N ILE A 51 11.95 11.93 -3.71
CA ILE A 51 12.89 12.07 -4.84
C ILE A 51 12.63 10.94 -5.85
N GLU A 52 12.57 11.28 -7.12
CA GLU A 52 12.33 10.23 -8.11
C GLU A 52 13.56 9.40 -8.56
N SER A 53 13.25 8.11 -8.73
CA SER A 53 14.05 6.96 -9.18
C SER A 53 14.58 6.05 -8.11
N HIS A 69 2.39 0.72 -22.83
CA HIS A 69 3.38 0.56 -21.78
C HIS A 69 2.91 1.24 -20.48
N VAL A 70 3.22 0.64 -19.33
CA VAL A 70 2.84 1.25 -18.03
C VAL A 70 3.58 2.56 -17.80
N LEU A 71 2.84 3.63 -17.47
CA LEU A 71 3.39 4.96 -17.17
C LEU A 71 3.49 5.01 -15.65
N SER A 72 4.70 5.21 -15.17
CA SER A 72 4.96 5.17 -13.74
C SER A 72 6.15 5.98 -13.31
N SER A 73 6.37 5.99 -12.01
CA SER A 73 7.51 6.74 -11.49
C SER A 73 7.75 6.26 -10.08
N GLU A 74 8.97 5.80 -9.79
CA GLU A 74 9.31 5.32 -8.46
C GLU A 74 9.76 6.53 -7.70
N LEU A 75 9.25 6.66 -6.49
CA LEU A 75 9.56 7.82 -5.67
C LEU A 75 10.20 7.40 -4.39
N ASN A 76 11.47 7.79 -4.19
CA ASN A 76 12.15 7.42 -2.94
C ASN A 76 11.78 8.36 -1.84
N LEU A 77 11.42 7.76 -0.71
CA LEU A 77 11.02 8.49 0.47
C LEU A 77 11.59 7.83 1.73
N ALA A 78 12.31 8.60 2.54
CA ALA A 78 12.84 8.09 3.81
C ALA A 78 13.55 6.72 3.64
N GLY A 79 14.38 6.58 2.61
CA GLY A 79 15.12 5.32 2.41
C GLY A 79 14.54 4.26 1.48
N SER A 80 13.22 4.23 1.43
CA SER A 80 12.56 3.22 0.59
C SER A 80 11.74 4.00 -0.44
N SER A 81 10.65 3.40 -0.88
CA SER A 81 9.84 4.07 -1.93
C SER A 81 8.49 3.39 -2.21
N PHE A 82 7.81 3.95 -3.20
CA PHE A 82 6.54 3.42 -3.73
C PHE A 82 6.57 3.76 -5.22
N VAL A 83 5.61 3.21 -5.97
CA VAL A 83 5.61 3.43 -7.41
C VAL A 83 4.26 4.01 -7.84
N VAL A 84 4.31 5.28 -8.33
CA VAL A 84 3.16 6.04 -8.82
C VAL A 84 2.91 5.45 -10.20
N CYS A 85 1.67 5.06 -10.46
CA CYS A 85 1.34 4.44 -11.76
C CYS A 85 0.01 4.98 -12.34
N ASP A 86 0.07 5.43 -13.59
CA ASP A 86 -1.11 5.96 -14.34
C ASP A 86 -1.95 4.72 -14.62
N VAL A 87 -3.13 4.68 -14.04
CA VAL A 87 -4.00 3.52 -14.12
C VAL A 87 -4.43 3.23 -15.56
N SER A 88 -4.54 4.27 -16.37
CA SER A 88 -5.01 4.06 -17.78
C SER A 88 -4.01 3.20 -18.52
N SER A 89 -2.79 3.09 -17.99
CA SER A 89 -1.76 2.31 -18.65
C SER A 89 -1.67 0.85 -18.14
N LEU A 90 -2.58 0.50 -17.21
CA LEU A 90 -2.64 -0.85 -16.65
C LEU A 90 -3.93 -1.55 -17.17
N PRO A 91 -3.85 -2.27 -18.32
CA PRO A 91 -5.11 -2.89 -18.75
C PRO A 91 -5.57 -3.83 -17.68
N GLY A 92 -6.88 -3.99 -17.56
CA GLY A 92 -7.34 -4.93 -16.54
C GLY A 92 -7.73 -4.22 -15.27
N PHE A 93 -7.34 -2.95 -15.15
CA PHE A 93 -7.69 -2.15 -13.97
C PHE A 93 -8.78 -1.15 -14.37
N SER A 94 -9.85 -1.08 -13.58
CA SER A 94 -10.95 -0.15 -13.85
C SER A 94 -10.60 1.31 -13.52
N THR A 95 -10.36 1.61 -12.23
CA THR A 95 -10.00 3.00 -11.88
C THR A 95 -9.01 3.02 -10.72
N ALA A 96 -8.57 4.21 -10.34
CA ALA A 96 -7.59 4.34 -9.26
C ALA A 96 -8.26 4.28 -7.89
N LYS A 97 -9.60 4.30 -7.87
CA LYS A 97 -10.36 4.28 -6.61
C LYS A 97 -9.95 5.42 -5.71
N SER A 98 -9.48 6.52 -6.31
CA SER A 98 -9.02 7.65 -5.50
C SER A 98 -10.12 8.27 -4.63
N GLU A 99 -11.39 8.07 -4.97
CA GLU A 99 -12.46 8.64 -4.15
C GLU A 99 -12.63 7.90 -2.79
N GLY A 100 -12.14 6.67 -2.71
CA GLY A 100 -12.28 5.94 -1.46
C GLY A 100 -11.33 4.76 -1.45
N SER A 101 -10.04 5.05 -1.45
CA SER A 101 -9.07 3.98 -1.50
C SER A 101 -8.70 3.77 -0.02
N GLY A 102 -8.15 2.63 0.24
CA GLY A 102 -7.77 2.43 1.63
C GLY A 102 -6.30 2.65 1.68
N VAL A 103 -5.76 3.43 0.74
CA VAL A 103 -4.32 3.57 0.69
C VAL A 103 -3.82 4.48 1.80
N THR A 104 -2.97 3.90 2.64
CA THR A 104 -2.47 4.57 3.84
C THR A 104 -0.99 4.34 4.02
N PHE A 105 -0.27 5.43 4.31
CA PHE A 105 1.18 5.31 4.54
C PHE A 105 1.59 6.00 5.82
N LEU A 106 2.55 5.39 6.49
CA LEU A 106 3.06 5.98 7.71
C LEU A 106 4.44 6.58 7.37
N LEU A 107 4.73 7.75 7.96
CA LEU A 107 6.04 8.42 7.79
C LEU A 107 6.54 8.72 9.19
N GLY A 108 7.68 8.11 9.59
CA GLY A 108 8.26 8.44 10.88
C GLY A 108 8.91 9.82 10.84
N THR A 109 8.70 10.61 11.89
CA THR A 109 9.28 11.92 11.92
C THR A 109 9.47 12.40 13.36
N LYS A 110 10.38 13.36 13.53
CA LYS A 110 10.66 13.90 14.88
C LYS A 110 9.89 15.21 15.05
N ASP A 111 9.54 15.84 13.92
CA ASP A 111 8.77 17.07 13.97
C ASP A 111 7.51 16.91 13.09
N ALA A 112 6.47 16.30 13.67
CA ALA A 112 5.24 16.07 12.93
C ALA A 112 4.62 17.42 12.54
N GLU A 113 4.51 18.34 13.52
CA GLU A 113 3.90 19.62 13.25
C GLU A 113 4.49 20.26 12.00
N ALA A 114 5.81 20.23 11.90
CA ALA A 114 6.44 20.86 10.77
C ALA A 114 6.13 20.07 9.48
N ALA A 115 6.23 18.74 9.57
CA ALA A 115 5.97 17.91 8.37
C ALA A 115 4.51 18.12 7.95
N VAL A 116 3.59 18.10 8.94
CA VAL A 116 2.17 18.32 8.69
C VAL A 116 1.99 19.71 8.00
N ALA A 117 2.76 20.69 8.48
CA ALA A 117 2.66 22.04 7.94
C ALA A 117 3.08 22.11 6.51
N LYS A 118 4.21 21.47 6.24
CA LYS A 118 4.76 21.50 4.92
C LYS A 118 3.79 20.84 3.94
N ALA A 119 3.16 19.74 4.39
CA ALA A 119 2.25 19.07 3.46
C ALA A 119 1.05 19.99 3.27
N VAL A 120 0.67 20.70 4.33
CA VAL A 120 -0.49 21.58 4.16
C VAL A 120 -0.11 22.67 3.16
N ASP A 121 1.08 23.25 3.28
CA ASP A 121 1.48 24.30 2.30
C ASP A 121 1.35 23.74 0.85
N ALA A 122 1.66 22.44 0.66
CA ALA A 122 1.60 21.84 -0.67
C ALA A 122 0.24 21.41 -1.18
N GLY A 123 -0.81 21.51 -0.36
CA GLY A 123 -2.12 21.16 -0.91
C GLY A 123 -2.86 20.01 -0.18
N ALA A 124 -2.16 19.33 0.72
CA ALA A 124 -2.83 18.25 1.46
C ALA A 124 -3.94 18.85 2.32
N VAL A 125 -4.90 17.99 2.69
CA VAL A 125 -6.04 18.37 3.56
C VAL A 125 -5.65 17.81 4.90
N LYS A 126 -5.51 18.68 5.92
CA LYS A 126 -5.13 18.23 7.26
C LYS A 126 -6.34 17.50 7.90
N VAL A 127 -6.06 16.62 8.85
CA VAL A 127 -7.15 15.92 9.57
C VAL A 127 -6.70 15.87 11.05
N GLU A 128 -7.60 16.19 12.00
CA GLU A 128 -7.19 16.17 13.40
C GLU A 128 -7.04 14.73 13.80
N VAL A 129 -6.01 14.42 14.57
CA VAL A 129 -5.78 13.06 14.99
C VAL A 129 -6.78 12.69 16.08
N THR A 130 -7.06 11.40 16.15
CA THR A 130 -7.97 10.87 17.16
C THR A 130 -7.21 10.41 18.41
N GLU A 131 -7.96 10.25 19.50
CA GLU A 131 -7.37 9.76 20.75
C GLU A 131 -6.70 8.39 20.45
N ALA A 132 -7.41 7.58 19.67
CA ALA A 132 -6.90 6.27 19.26
C ALA A 132 -5.50 6.46 18.58
N GLU A 133 -5.44 7.30 17.55
CA GLU A 133 -4.16 7.55 16.86
C GLU A 133 -3.04 7.95 17.85
N VAL A 134 -3.35 8.89 18.74
CA VAL A 134 -2.34 9.28 19.74
C VAL A 134 -1.87 8.04 20.55
N GLU A 135 -2.80 7.20 21.02
CA GLU A 135 -2.38 6.02 21.79
C GLU A 135 -1.44 5.13 20.96
N LEU A 136 -1.45 5.32 19.65
CA LEU A 136 -0.62 4.50 18.75
C LEU A 136 0.65 5.19 18.42
N GLY A 137 0.84 6.38 18.98
CA GLY A 137 2.04 7.11 18.71
C GLY A 137 1.98 8.06 17.55
N PHE A 138 0.79 8.31 17.00
CA PHE A 138 0.64 9.21 15.85
C PHE A 138 0.37 10.64 16.32
N LYS A 139 0.85 11.62 15.58
CA LYS A 139 0.62 12.99 16.04
C LYS A 139 0.00 13.90 15.00
N GLY A 140 0.21 13.58 13.72
CA GLY A 140 -0.37 14.39 12.65
C GLY A 140 -0.92 13.46 11.56
N LYS A 141 -1.78 14.00 10.69
CA LYS A 141 -2.42 13.18 9.65
C LYS A 141 -2.98 14.08 8.53
N VAL A 142 -2.75 13.69 7.27
CA VAL A 142 -3.31 14.48 6.18
C VAL A 142 -3.80 13.56 5.09
N THR A 143 -4.66 14.11 4.20
CA THR A 143 -5.08 13.36 3.04
C THR A 143 -4.53 14.18 1.85
N ASP A 144 -4.28 13.51 0.73
CA ASP A 144 -3.73 14.26 -0.40
C ASP A 144 -4.67 14.27 -1.57
N PRO A 145 -4.30 14.97 -2.65
CA PRO A 145 -5.18 15.06 -3.82
C PRO A 145 -5.33 13.80 -4.62
N PHE A 146 -4.59 12.75 -4.21
CA PHE A 146 -4.65 11.47 -4.92
C PHE A 146 -5.33 10.39 -4.07
N GLY A 147 -6.03 10.83 -3.01
CA GLY A 147 -6.80 9.90 -2.19
C GLY A 147 -6.00 9.12 -1.18
N VAL A 148 -4.75 9.50 -0.99
CA VAL A 148 -3.92 8.77 -0.02
C VAL A 148 -3.97 9.45 1.38
N THR A 149 -3.95 8.64 2.43
CA THR A 149 -3.93 9.17 3.78
C THR A 149 -2.53 8.90 4.29
N TRP A 150 -1.94 9.95 4.85
CA TRP A 150 -0.59 9.89 5.43
C TRP A 150 -0.62 10.15 6.91
N ILE A 151 -0.04 9.25 7.68
CA ILE A 151 0.02 9.41 9.15
C ILE A 151 1.47 9.68 9.54
N PHE A 152 1.68 10.62 10.46
CA PHE A 152 3.02 11.01 10.93
C PHE A 152 3.13 10.45 12.32
N ALA A 153 3.98 9.42 12.40
CA ALA A 153 4.25 8.69 13.62
C ALA A 153 5.48 9.39 14.15
N GLU A 154 5.26 10.21 15.15
CA GLU A 154 6.37 10.95 15.71
C GLU A 154 7.21 10.08 16.63
N VAL B 22 13.10 15.92 7.39
CA VAL B 22 13.76 14.53 7.47
C VAL B 22 12.71 13.45 7.91
N PHE B 23 12.51 12.42 7.11
CA PHE B 23 11.60 11.32 7.49
C PHE B 23 12.43 10.09 7.77
N THR B 24 12.23 9.51 8.94
CA THR B 24 13.00 8.35 9.44
C THR B 24 12.56 7.06 8.83
N GLU B 25 11.25 6.91 8.61
CA GLU B 25 10.81 5.63 8.00
C GLU B 25 9.56 5.88 7.15
N PHE B 26 9.25 4.93 6.26
CA PHE B 26 8.09 5.05 5.33
C PHE B 26 7.59 3.62 5.06
N LYS B 27 6.36 3.34 5.43
CA LYS B 27 5.81 1.99 5.26
C LYS B 27 4.31 2.10 4.90
N GLN B 28 3.78 1.15 4.13
CA GLN B 28 2.36 1.18 3.84
C GLN B 28 1.60 0.50 5.01
N LEU B 30 -1.76 -1.60 5.75
CA LEU B 30 -2.91 -2.29 5.13
C LEU B 30 -3.99 -2.35 6.22
N LEU B 31 -5.16 -1.80 5.89
CA LEU B 31 -6.24 -1.79 6.88
C LEU B 31 -7.18 -2.96 6.60
N VAL B 32 -7.39 -3.77 7.63
CA VAL B 32 -8.28 -4.94 7.55
C VAL B 32 -9.37 -4.75 8.63
N GLU B 33 -10.49 -5.43 8.38
CA GLU B 33 -11.66 -5.34 9.25
C GLU B 33 -11.35 -5.88 10.63
N ALA B 34 -12.15 -5.45 11.60
CA ALA B 34 -11.99 -5.92 12.95
C ALA B 34 -11.87 -7.46 13.08
N GLN B 35 -10.98 -7.84 14.00
CA GLN B 35 -10.73 -9.24 14.29
C GLN B 35 -10.22 -10.02 13.09
N LYS B 36 -9.33 -9.43 12.29
CA LYS B 36 -8.86 -10.21 11.12
C LYS B 36 -7.37 -10.19 10.82
N VAL B 37 -6.64 -9.43 11.60
CA VAL B 37 -5.20 -9.34 11.36
C VAL B 37 -4.55 -10.71 11.51
N GLY B 38 -4.99 -11.51 12.48
CA GLY B 38 -4.35 -12.84 12.56
C GLY B 38 -4.59 -13.66 11.29
N ASP B 39 -5.83 -13.61 10.80
CA ASP B 39 -6.15 -14.34 9.56
C ASP B 39 -5.30 -13.79 8.43
N ALA B 40 -5.16 -12.45 8.40
CA ALA B 40 -4.30 -11.87 7.38
C ALA B 40 -2.82 -12.26 7.59
N VAL B 41 -2.28 -12.22 8.83
CA VAL B 41 -0.87 -12.63 9.01
C VAL B 41 -0.72 -14.09 8.57
N THR B 42 -1.65 -14.96 8.99
CA THR B 42 -1.58 -16.35 8.60
C THR B 42 -1.62 -16.47 7.08
N PHE B 43 -2.51 -15.68 6.48
CA PHE B 43 -2.65 -15.69 5.05
C PHE B 43 -1.38 -15.22 4.36
N TYR B 44 -0.82 -14.07 4.76
CA TYR B 44 0.36 -13.62 3.99
C TYR B 44 1.55 -14.56 4.11
N LYS B 45 1.73 -15.15 5.30
CA LYS B 45 2.79 -16.14 5.50
C LYS B 45 2.62 -17.32 4.52
N SER B 46 1.39 -17.85 4.45
CA SER B 46 1.11 -19.01 3.59
C SER B 46 1.11 -18.71 2.08
N ALA B 47 0.52 -17.59 1.72
CA ALA B 47 0.42 -17.25 0.32
C ALA B 47 1.72 -16.74 -0.28
N PHE B 48 2.51 -16.05 0.55
CA PHE B 48 3.73 -15.43 0.05
C PHE B 48 5.01 -15.68 0.82
N GLY B 49 4.92 -16.36 1.94
CA GLY B 49 6.13 -16.57 2.72
C GLY B 49 6.55 -15.30 3.44
N ALA B 50 5.60 -14.39 3.68
CA ALA B 50 5.90 -13.18 4.44
C ALA B 50 6.45 -13.63 5.79
N ILE B 51 7.19 -12.75 6.44
CA ILE B 51 7.79 -12.99 7.75
C ILE B 51 7.36 -11.95 8.80
N GLU B 52 6.86 -12.41 9.93
CA GLU B 52 6.42 -11.49 10.98
C GLU B 52 7.56 -10.98 11.88
N SER B 53 7.90 -9.70 11.76
CA SER B 53 8.95 -9.12 12.59
C SER B 53 8.36 -8.76 13.96
N GLY B 54 7.32 -7.94 13.99
CA GLY B 54 6.76 -7.58 15.29
C GLY B 54 5.23 -7.53 15.21
N HIS B 55 4.54 -7.50 16.37
CA HIS B 55 3.07 -7.38 16.40
C HIS B 55 2.49 -7.03 17.76
N SER B 56 1.64 -6.02 17.81
CA SER B 56 1.08 -5.68 19.12
C SER B 56 -0.27 -6.37 19.32
N LEU B 57 -0.51 -6.85 20.53
CA LEU B 57 -1.74 -7.58 20.84
C LEU B 57 -2.85 -6.75 21.55
N HIS B 69 -6.91 -10.89 20.18
CA HIS B 69 -6.81 -10.31 18.83
C HIS B 69 -5.48 -9.56 18.68
N VAL B 70 -5.09 -9.28 17.44
CA VAL B 70 -3.84 -8.58 17.18
C VAL B 70 -4.14 -7.15 16.75
N LEU B 71 -3.47 -6.17 17.31
CA LEU B 71 -3.73 -4.80 16.93
C LEU B 71 -3.04 -4.41 15.61
N SER B 72 -1.81 -4.86 15.44
CA SER B 72 -1.07 -4.57 14.19
C SER B 72 0.09 -5.53 14.15
N SER B 73 0.45 -5.94 12.93
CA SER B 73 1.57 -6.87 12.73
C SER B 73 2.47 -6.28 11.70
N GLU B 74 3.79 -6.23 11.94
CA GLU B 74 4.66 -5.73 10.89
C GLU B 74 5.25 -6.98 10.27
N LEU B 75 5.14 -7.07 8.94
CA LEU B 75 5.59 -8.21 8.15
C LEU B 75 6.72 -7.78 7.18
N ASN B 76 7.61 -8.74 6.92
CA ASN B 76 8.71 -8.57 5.98
C ASN B 76 8.55 -9.45 4.75
N LEU B 77 8.71 -8.83 3.58
CA LEU B 77 8.61 -9.49 2.32
C LEU B 77 9.52 -8.82 1.30
N ALA B 78 10.14 -9.69 0.53
CA ALA B 78 11.03 -9.35 -0.59
C ALA B 78 11.97 -8.21 -0.35
N GLY B 79 12.41 -8.06 0.89
CA GLY B 79 13.32 -6.97 1.20
C GLY B 79 12.57 -5.67 1.33
N SER B 80 11.37 -5.74 1.91
CA SER B 80 10.54 -4.56 2.18
C SER B 80 9.66 -4.90 3.43
N SER B 81 8.94 -3.92 4.00
CA SER B 81 8.08 -4.29 5.15
C SER B 81 6.79 -3.46 5.10
N PHE B 82 5.69 -4.07 5.53
CA PHE B 82 4.36 -3.37 5.55
C PHE B 82 3.78 -3.56 6.92
N VAL B 83 2.59 -3.03 7.16
CA VAL B 83 2.03 -3.17 8.47
C VAL B 83 0.56 -3.48 8.24
N VAL B 84 0.07 -4.48 8.95
CA VAL B 84 -1.33 -4.91 8.86
C VAL B 84 -1.92 -4.33 10.13
N CYS B 85 -2.96 -3.51 10.00
CA CYS B 85 -3.57 -2.87 11.18
C CYS B 85 -5.08 -3.12 11.23
N ASP B 86 -5.57 -3.38 12.44
CA ASP B 86 -7.03 -3.66 12.64
C ASP B 86 -7.73 -2.27 12.57
N VAL B 87 -8.66 -2.10 11.63
CA VAL B 87 -9.29 -0.78 11.45
C VAL B 87 -10.10 -0.34 12.68
N SER B 88 -10.51 -1.28 13.53
CA SER B 88 -11.27 -0.86 14.72
C SER B 88 -10.38 -0.06 15.69
N SER B 89 -9.07 -0.16 15.52
CA SER B 89 -8.16 0.64 16.33
C SER B 89 -7.95 2.02 15.71
N LEU B 90 -8.55 2.25 14.54
CA LEU B 90 -8.34 3.51 13.80
C LEU B 90 -9.66 4.15 13.38
N PRO B 91 -10.44 4.61 14.38
CA PRO B 91 -11.74 5.23 14.04
C PRO B 91 -11.63 6.34 13.02
N GLY B 92 -12.54 6.31 12.04
CA GLY B 92 -12.54 7.29 10.98
C GLY B 92 -12.22 6.54 9.70
N PHE B 93 -11.07 5.86 9.68
CA PHE B 93 -10.60 5.14 8.49
C PHE B 93 -11.62 4.20 7.94
N SER B 94 -11.18 3.42 6.97
CA SER B 94 -12.05 2.43 6.36
C SER B 94 -11.15 1.54 5.52
N THR B 95 -11.41 0.26 5.60
CA THR B 95 -10.65 -0.71 4.81
C THR B 95 -10.96 -0.48 3.30
N ALA B 96 -12.15 0.06 3.04
CA ALA B 96 -12.66 0.32 1.67
C ALA B 96 -12.85 -0.96 0.87
N LYS B 97 -12.83 -2.10 1.59
CA LYS B 97 -12.93 -3.40 0.92
C LYS B 97 -14.26 -3.57 0.17
N SER B 98 -15.39 -3.38 0.82
CA SER B 98 -16.60 -3.62 0.04
C SER B 98 -16.81 -2.60 -1.08
N GLU B 99 -16.09 -1.48 -1.03
CA GLU B 99 -16.22 -0.41 -2.02
C GLU B 99 -15.11 -0.46 -3.07
N GLY B 100 -14.20 -1.38 -2.87
CA GLY B 100 -13.15 -1.49 -3.85
C GLY B 100 -11.96 -0.80 -3.34
N SER B 101 -11.03 -1.67 -3.08
CA SER B 101 -9.77 -1.29 -2.61
C SER B 101 -8.89 -1.01 -3.84
N GLY B 102 -8.15 0.05 -3.65
CA GLY B 102 -7.18 0.47 -4.63
C GLY B 102 -5.84 -0.03 -4.13
N VAL B 103 -5.82 -0.83 -3.04
CA VAL B 103 -4.51 -1.30 -2.57
C VAL B 103 -4.07 -2.40 -3.54
N THR B 104 -2.83 -2.28 -3.98
CA THR B 104 -2.34 -3.16 -5.03
C THR B 104 -0.83 -3.29 -4.92
N PHE B 105 -0.30 -4.50 -4.99
CA PHE B 105 1.14 -4.69 -4.94
C PHE B 105 1.61 -5.58 -6.06
N LEU B 106 2.89 -5.42 -6.45
CA LEU B 106 3.46 -6.27 -7.50
C LEU B 106 4.53 -7.16 -6.86
N LEU B 107 4.55 -8.45 -7.21
CA LEU B 107 5.58 -9.35 -6.70
C LEU B 107 6.32 -9.91 -7.95
N GLY B 108 7.65 -9.99 -7.86
CA GLY B 108 8.48 -10.54 -8.94
C GLY B 108 8.92 -11.93 -8.48
N THR B 109 8.74 -12.95 -9.31
CA THR B 109 9.08 -14.32 -8.96
C THR B 109 9.39 -15.13 -10.23
N LYS B 110 10.54 -15.79 -10.25
CA LYS B 110 10.95 -16.57 -11.43
C LYS B 110 9.92 -17.63 -11.82
N ASP B 111 8.73 -17.56 -11.23
CA ASP B 111 7.66 -18.48 -11.54
C ASP B 111 6.39 -17.94 -10.92
N ALA B 112 5.48 -17.42 -11.75
CA ALA B 112 4.21 -16.82 -11.30
C ALA B 112 3.14 -17.87 -11.14
N GLU B 113 3.20 -18.85 -12.05
CA GLU B 113 2.27 -19.93 -12.10
C GLU B 113 2.18 -20.61 -10.76
N ALA B 114 3.34 -20.92 -10.19
CA ALA B 114 3.35 -21.57 -8.90
C ALA B 114 2.91 -20.60 -7.82
N ALA B 115 3.31 -19.34 -7.96
CA ALA B 115 2.95 -18.25 -7.01
C ALA B 115 1.44 -18.02 -7.05
N VAL B 116 0.92 -17.79 -8.25
CA VAL B 116 -0.49 -17.58 -8.46
C VAL B 116 -1.25 -18.70 -7.85
N ALA B 117 -0.77 -19.95 -8.05
CA ALA B 117 -1.40 -21.14 -7.46
C ALA B 117 -1.13 -21.21 -5.95
N LYS B 118 0.08 -20.82 -5.51
CA LYS B 118 0.36 -20.90 -4.11
C LYS B 118 -0.56 -19.92 -3.37
N ALA B 119 -0.90 -18.78 -4.00
CA ALA B 119 -1.75 -17.83 -3.29
C ALA B 119 -3.20 -18.34 -3.22
N VAL B 120 -3.60 -19.12 -4.21
CA VAL B 120 -4.98 -19.65 -4.20
C VAL B 120 -5.18 -20.65 -3.06
N ASP B 121 -4.19 -21.52 -2.86
CA ASP B 121 -4.24 -22.51 -1.80
C ASP B 121 -4.47 -21.88 -0.44
N ALA B 122 -3.94 -20.66 -0.25
CA ALA B 122 -4.05 -20.00 1.04
C ALA B 122 -5.37 -19.26 1.16
N GLY B 123 -6.09 -19.16 0.06
CA GLY B 123 -7.39 -18.51 0.16
C GLY B 123 -7.57 -17.34 -0.78
N ALA B 124 -6.62 -17.06 -1.69
CA ALA B 124 -6.81 -15.96 -2.65
C ALA B 124 -7.56 -16.44 -3.89
N VAL B 125 -8.27 -15.50 -4.49
CA VAL B 125 -9.02 -15.77 -5.72
C VAL B 125 -8.34 -15.23 -6.96
N LYS B 126 -8.09 -16.14 -7.89
CA LYS B 126 -7.47 -15.81 -9.15
C LYS B 126 -8.28 -14.80 -9.95
N VAL B 127 -7.57 -13.85 -10.56
CA VAL B 127 -8.21 -12.87 -11.40
C VAL B 127 -7.71 -13.21 -12.78
N GLU B 128 -8.66 -13.54 -13.65
CA GLU B 128 -8.30 -13.88 -15.01
C GLU B 128 -7.56 -12.72 -15.66
N VAL B 129 -6.36 -12.96 -16.17
CA VAL B 129 -5.59 -11.91 -16.83
C VAL B 129 -5.82 -12.05 -18.35
N THR B 130 -5.22 -11.17 -19.12
CA THR B 130 -5.36 -11.15 -20.58
C THR B 130 -4.02 -10.99 -21.27
N GLU B 131 -4.03 -11.12 -22.60
CA GLU B 131 -2.80 -10.96 -23.39
C GLU B 131 -2.26 -9.53 -23.26
N ALA B 132 -3.17 -8.55 -23.17
CA ALA B 132 -2.75 -7.17 -23.04
C ALA B 132 -1.92 -7.04 -21.76
N GLU B 133 -2.30 -7.81 -20.75
CA GLU B 133 -1.60 -7.81 -19.47
C GLU B 133 -0.30 -8.62 -19.59
N VAL B 134 -0.39 -9.81 -20.17
CA VAL B 134 0.79 -10.64 -20.35
C VAL B 134 1.90 -9.92 -21.14
N GLU B 135 1.53 -9.18 -22.19
CA GLU B 135 2.53 -8.43 -22.97
C GLU B 135 3.20 -7.34 -22.15
N LEU B 136 2.67 -7.02 -20.97
CA LEU B 136 3.30 -5.98 -20.16
C LEU B 136 4.08 -6.58 -19.01
N GLY B 137 4.08 -7.90 -18.94
CA GLY B 137 4.83 -8.57 -17.86
C GLY B 137 3.95 -9.07 -16.72
N PHE B 138 2.64 -8.92 -16.84
CA PHE B 138 1.74 -9.37 -15.79
C PHE B 138 1.17 -10.74 -16.10
N LYS B 139 1.74 -11.78 -15.49
CA LYS B 139 1.34 -13.15 -15.79
C LYS B 139 0.39 -13.85 -14.85
N GLY B 140 0.05 -13.18 -13.75
CA GLY B 140 -0.88 -13.76 -12.82
C GLY B 140 -1.45 -12.61 -12.03
N LYS B 141 -2.58 -12.86 -11.38
CA LYS B 141 -3.22 -11.81 -10.59
C LYS B 141 -4.24 -12.39 -9.66
N VAL B 142 -4.20 -11.94 -8.40
CA VAL B 142 -5.22 -12.37 -7.43
C VAL B 142 -5.71 -11.21 -6.59
N THR B 143 -6.80 -11.44 -5.88
CA THR B 143 -7.36 -10.48 -4.93
C THR B 143 -7.44 -11.32 -3.63
N ASP B 144 -6.78 -10.88 -2.57
CA ASP B 144 -6.77 -11.65 -1.36
C ASP B 144 -8.01 -11.41 -0.56
N PRO B 145 -8.17 -12.15 0.56
CA PRO B 145 -9.37 -12.00 1.41
C PRO B 145 -9.48 -10.70 2.15
N PHE B 146 -8.50 -9.82 1.88
CA PHE B 146 -8.43 -8.52 2.54
C PHE B 146 -8.50 -7.36 1.55
N GLY B 147 -8.92 -7.67 0.32
CA GLY B 147 -9.16 -6.61 -0.66
C GLY B 147 -7.94 -6.14 -1.41
N VAL B 148 -6.81 -6.80 -1.20
CA VAL B 148 -5.57 -6.37 -1.88
C VAL B 148 -5.43 -7.11 -3.21
N THR B 149 -5.05 -6.37 -4.25
CA THR B 149 -4.81 -6.96 -5.57
C THR B 149 -3.30 -7.13 -5.69
N TRP B 150 -2.88 -8.35 -6.00
CA TRP B 150 -1.47 -8.69 -6.17
C TRP B 150 -1.27 -9.07 -7.64
N ILE B 151 -0.26 -8.47 -8.23
CA ILE B 151 0.13 -8.78 -9.62
C ILE B 151 1.44 -9.53 -9.56
N PHE B 152 1.55 -10.58 -10.37
CA PHE B 152 2.79 -11.37 -10.37
C PHE B 152 3.51 -11.17 -11.71
N ALA B 153 4.80 -10.87 -11.65
CA ALA B 153 5.58 -10.69 -12.86
C ALA B 153 6.82 -11.58 -12.77
N GLU B 154 6.94 -12.55 -13.69
CA GLU B 154 8.11 -13.46 -13.70
C GLU B 154 9.31 -12.68 -14.16
N HIS A 20 10.99 -24.63 -3.39
CA HIS A 20 10.43 -23.45 -2.67
C HIS A 20 10.12 -22.30 -3.61
N LEU A 21 8.97 -21.68 -3.43
CA LEU A 21 8.55 -20.57 -4.27
C LEU A 21 8.95 -19.28 -3.53
N VAL A 22 9.79 -18.47 -4.17
CA VAL A 22 10.29 -17.24 -3.56
C VAL A 22 9.95 -16.07 -4.48
N PHE A 23 10.13 -14.86 -3.96
CA PHE A 23 9.86 -13.62 -4.71
C PHE A 23 11.13 -12.80 -4.87
N THR A 24 11.21 -11.98 -5.91
CA THR A 24 12.42 -11.22 -6.11
C THR A 24 12.25 -9.71 -5.98
N GLU A 25 11.09 -9.23 -6.43
CA GLU A 25 10.80 -7.79 -6.35
C GLU A 25 9.41 -7.66 -5.76
N PHE A 26 9.20 -6.58 -5.01
CA PHE A 26 7.92 -6.30 -4.33
C PHE A 26 7.79 -4.79 -4.41
N LYS A 27 6.80 -4.32 -5.18
CA LYS A 27 6.60 -2.89 -5.37
C LYS A 27 5.22 -2.51 -4.89
N GLN A 28 5.12 -1.44 -4.09
CA GLN A 28 3.81 -1.04 -3.58
C GLN A 28 3.37 0.06 -4.47
N LEU A 30 0.84 2.96 -6.13
CA LEU A 30 -0.25 3.92 -5.83
C LEU A 30 -0.91 4.20 -7.19
N LEU A 31 -2.14 3.71 -7.38
CA LEU A 31 -2.84 3.99 -8.64
C LEU A 31 -3.36 5.44 -8.59
N VAL A 32 -3.37 6.03 -9.77
CA VAL A 32 -3.86 7.37 -9.91
C VAL A 32 -4.61 7.35 -11.23
N GLU A 33 -5.61 8.25 -11.30
CA GLU A 33 -6.48 8.38 -12.44
C GLU A 33 -5.62 8.73 -13.69
N ALA A 34 -6.19 8.47 -14.86
CA ALA A 34 -5.53 8.73 -16.12
C ALA A 34 -4.98 10.11 -15.98
N GLN A 35 -3.83 10.31 -16.60
CA GLN A 35 -3.12 11.57 -16.65
C GLN A 35 -2.70 12.28 -15.40
N LYS A 36 -2.21 11.54 -14.42
CA LYS A 36 -1.79 12.20 -13.20
C LYS A 36 -0.40 11.91 -12.57
N VAL A 37 0.40 11.03 -13.17
CA VAL A 37 1.71 10.68 -12.58
C VAL A 37 2.64 11.88 -12.35
N GLY A 38 3.01 12.58 -13.43
CA GLY A 38 3.89 13.74 -13.25
C GLY A 38 3.36 14.70 -12.17
N ASP A 39 2.05 14.86 -12.11
CA ASP A 39 1.46 15.74 -11.12
C ASP A 39 1.64 15.22 -9.70
N ALA A 40 1.42 13.91 -9.53
CA ALA A 40 1.60 13.34 -8.17
C ALA A 40 3.08 13.37 -7.80
N VAL A 41 3.94 13.13 -8.76
CA VAL A 41 5.38 13.16 -8.50
C VAL A 41 5.82 14.51 -7.99
N THR A 42 5.32 15.58 -8.62
CA THR A 42 5.72 16.91 -8.17
C THR A 42 5.04 17.26 -6.88
N PHE A 43 3.81 16.82 -6.70
CA PHE A 43 3.14 17.07 -5.44
C PHE A 43 3.91 16.42 -4.28
N TYR A 44 4.34 15.17 -4.46
CA TYR A 44 5.04 14.45 -3.38
C TYR A 44 6.39 15.10 -3.15
N LYS A 45 7.07 15.55 -4.23
CA LYS A 45 8.35 16.23 -4.02
C LYS A 45 8.07 17.46 -3.16
N SER A 46 7.03 18.24 -3.50
CA SER A 46 6.74 19.44 -2.71
C SER A 46 6.30 19.20 -1.28
N ALA A 47 5.47 18.20 -1.10
CA ALA A 47 4.87 17.94 0.21
C ALA A 47 5.71 17.14 1.21
N PHE A 48 6.52 16.20 0.68
CA PHE A 48 7.29 15.28 1.51
C PHE A 48 8.77 15.16 1.15
N GLY A 49 9.22 15.94 0.17
CA GLY A 49 10.62 15.83 -0.27
C GLY A 49 10.89 14.49 -0.94
N ALA A 50 9.88 13.87 -1.56
CA ALA A 50 10.07 12.60 -2.23
C ALA A 50 11.04 12.86 -3.41
N ILE A 51 11.92 11.91 -3.69
CA ILE A 51 12.88 12.05 -4.82
C ILE A 51 12.63 10.88 -5.80
N GLU A 52 12.59 11.17 -7.09
CA GLU A 52 12.38 10.09 -8.07
C GLU A 52 13.65 9.27 -8.44
N SER A 53 13.44 7.96 -8.44
CA SER A 53 14.36 6.84 -8.72
C SER A 53 15.58 6.75 -7.88
N HIS A 69 2.68 1.56 -22.95
CA HIS A 69 3.33 0.85 -21.85
C HIS A 69 2.91 1.46 -20.50
N VAL A 70 3.21 0.78 -19.40
CA VAL A 70 2.88 1.32 -18.06
C VAL A 70 3.61 2.64 -17.81
N LEU A 71 2.86 3.69 -17.49
CA LEU A 71 3.39 5.03 -17.17
C LEU A 71 3.48 5.06 -15.64
N SER A 72 4.70 5.24 -15.16
CA SER A 72 4.94 5.21 -13.72
C SER A 72 6.21 5.90 -13.29
N SER A 73 6.25 6.20 -12.00
CA SER A 73 7.41 6.87 -11.43
C SER A 73 7.66 6.25 -10.06
N GLU A 74 8.91 5.93 -9.78
CA GLU A 74 9.26 5.34 -8.51
C GLU A 74 9.75 6.45 -7.66
N LEU A 75 9.20 6.55 -6.45
CA LEU A 75 9.52 7.62 -5.53
C LEU A 75 10.05 7.01 -4.23
N ASN A 76 10.97 7.75 -3.62
CA ASN A 76 11.67 7.30 -2.41
C ASN A 76 11.54 8.34 -1.29
N LEU A 77 11.20 7.84 -0.10
CA LEU A 77 11.09 8.59 1.16
C LEU A 77 11.70 7.69 2.24
N ALA A 78 12.51 8.26 3.12
CA ALA A 78 13.08 7.54 4.27
C ALA A 78 13.82 6.30 3.84
N GLY A 79 14.42 6.31 2.66
CA GLY A 79 15.16 5.12 2.27
C GLY A 79 14.36 3.96 1.70
N SER A 80 13.09 4.21 1.36
CA SER A 80 12.25 3.12 0.77
C SER A 80 11.52 3.70 -0.44
N SER A 81 10.59 2.93 -0.98
CA SER A 81 9.92 3.46 -2.17
C SER A 81 8.47 3.08 -2.31
N PHE A 82 7.77 3.80 -3.20
CA PHE A 82 6.37 3.43 -3.62
C PHE A 82 6.24 3.86 -5.09
N VAL A 83 5.58 3.09 -5.93
CA VAL A 83 5.53 3.44 -7.36
C VAL A 83 4.18 4.03 -7.72
N VAL A 84 4.18 5.22 -8.32
CA VAL A 84 2.95 5.86 -8.72
C VAL A 84 2.68 5.36 -10.14
N CYS A 85 1.46 4.87 -10.36
CA CYS A 85 1.13 4.30 -11.68
C CYS A 85 -0.14 4.89 -12.27
N ASP A 86 -0.10 5.21 -13.57
CA ASP A 86 -1.26 5.80 -14.30
C ASP A 86 -2.18 4.61 -14.54
N VAL A 87 -3.38 4.65 -13.97
CA VAL A 87 -4.25 3.51 -14.05
C VAL A 87 -4.73 3.22 -15.47
N SER A 88 -4.75 4.24 -16.30
CA SER A 88 -5.24 4.03 -17.70
C SER A 88 -4.23 3.19 -18.44
N SER A 89 -2.97 3.16 -17.94
CA SER A 89 -1.93 2.41 -18.61
C SER A 89 -1.79 0.95 -18.10
N LEU A 90 -2.72 0.55 -17.21
CA LEU A 90 -2.74 -0.80 -16.65
C LEU A 90 -4.01 -1.59 -17.13
N PRO A 91 -3.89 -2.41 -18.19
CA PRO A 91 -5.10 -3.14 -18.62
C PRO A 91 -5.55 -3.98 -17.48
N GLY A 92 -6.85 -4.16 -17.33
CA GLY A 92 -7.28 -5.01 -16.23
C GLY A 92 -7.79 -4.21 -15.03
N PHE A 93 -7.40 -2.94 -14.95
CA PHE A 93 -7.90 -2.12 -13.84
C PHE A 93 -8.84 -1.07 -14.45
N SER A 94 -9.93 -0.74 -13.75
CA SER A 94 -10.90 0.27 -14.22
C SER A 94 -10.67 1.70 -13.68
N THR A 95 -10.23 1.85 -12.43
CA THR A 95 -9.97 3.21 -11.90
C THR A 95 -9.02 3.11 -10.72
N ALA A 96 -8.51 4.25 -10.28
CA ALA A 96 -7.55 4.24 -9.17
C ALA A 96 -8.27 4.19 -7.82
N LYS A 97 -9.62 4.27 -7.84
CA LYS A 97 -10.39 4.27 -6.60
C LYS A 97 -9.97 5.44 -5.73
N SER A 98 -9.51 6.53 -6.35
CA SER A 98 -9.04 7.67 -5.58
C SER A 98 -10.09 8.29 -4.66
N GLU A 99 -11.38 8.11 -4.94
CA GLU A 99 -12.37 8.71 -4.03
C GLU A 99 -12.54 7.94 -2.70
N GLY A 100 -12.11 6.68 -2.65
CA GLY A 100 -12.24 5.92 -1.41
C GLY A 100 -11.32 4.73 -1.44
N SER A 101 -10.01 5.01 -1.43
CA SER A 101 -9.05 3.94 -1.51
C SER A 101 -8.66 3.69 -0.04
N GLY A 102 -8.10 2.57 0.22
CA GLY A 102 -7.70 2.38 1.61
C GLY A 102 -6.23 2.56 1.64
N VAL A 103 -5.70 3.45 0.77
CA VAL A 103 -4.28 3.56 0.69
C VAL A 103 -3.75 4.47 1.80
N THR A 104 -2.90 3.88 2.63
CA THR A 104 -2.40 4.53 3.84
C THR A 104 -0.91 4.30 4.08
N PHE A 105 -0.18 5.39 4.35
CA PHE A 105 1.26 5.28 4.66
C PHE A 105 1.60 6.02 5.94
N LEU A 106 2.58 5.52 6.68
CA LEU A 106 3.02 6.18 7.89
C LEU A 106 4.38 6.80 7.63
N LEU A 107 4.60 8.02 8.12
CA LEU A 107 5.94 8.63 7.95
C LEU A 107 6.45 8.99 9.33
N GLY A 108 7.68 8.54 9.64
CA GLY A 108 8.29 8.87 10.92
C GLY A 108 9.10 10.14 10.75
N THR A 109 9.05 11.03 11.73
CA THR A 109 9.82 12.23 11.63
C THR A 109 10.00 12.74 13.02
N LYS A 110 10.82 13.78 13.15
CA LYS A 110 11.12 14.35 14.47
C LYS A 110 10.10 15.40 14.81
N ASP A 111 9.58 16.06 13.76
CA ASP A 111 8.59 17.09 13.96
C ASP A 111 7.34 16.84 13.10
N ALA A 112 6.30 16.29 13.71
CA ALA A 112 5.05 15.98 12.99
C ALA A 112 4.32 17.29 12.60
N GLU A 113 4.10 18.19 13.58
CA GLU A 113 3.39 19.43 13.25
C GLU A 113 4.06 20.12 12.06
N ALA A 114 5.39 20.15 12.04
CA ALA A 114 6.06 20.84 10.94
C ALA A 114 5.87 20.04 9.64
N ALA A 115 5.80 18.71 9.74
CA ALA A 115 5.62 17.90 8.51
C ALA A 115 4.18 18.10 7.99
N VAL A 116 3.21 18.13 8.91
CA VAL A 116 1.82 18.37 8.51
C VAL A 116 1.69 19.75 7.81
N ALA A 117 2.31 20.76 8.39
CA ALA A 117 2.17 22.09 7.83
C ALA A 117 2.80 22.22 6.44
N LYS A 118 3.94 21.58 6.23
CA LYS A 118 4.62 21.66 4.93
C LYS A 118 3.73 20.92 3.90
N ALA A 119 3.11 19.81 4.34
CA ALA A 119 2.30 19.09 3.35
C ALA A 119 1.02 19.87 3.02
N VAL A 120 0.43 20.54 4.00
CA VAL A 120 -0.80 21.32 3.75
C VAL A 120 -0.50 22.51 2.84
N ASP A 121 0.67 23.13 3.02
CA ASP A 121 1.03 24.29 2.15
C ASP A 121 1.23 23.77 0.71
N ALA A 122 1.43 22.46 0.56
CA ALA A 122 1.64 21.88 -0.75
C ALA A 122 0.34 21.35 -1.33
N GLY A 123 -0.75 21.42 -0.56
CA GLY A 123 -2.02 20.98 -1.12
C GLY A 123 -2.75 19.85 -0.35
N ALA A 124 -2.12 19.35 0.72
CA ALA A 124 -2.78 18.28 1.53
C ALA A 124 -3.77 18.92 2.47
N VAL A 125 -4.66 18.07 3.02
CA VAL A 125 -5.68 18.56 3.97
C VAL A 125 -5.43 17.95 5.31
N LYS A 126 -5.25 18.78 6.34
CA LYS A 126 -4.99 18.29 7.69
C LYS A 126 -6.25 17.66 8.28
N VAL A 127 -6.09 16.50 8.92
CA VAL A 127 -7.24 15.83 9.60
C VAL A 127 -6.84 15.60 11.09
N GLU A 128 -7.50 16.29 12.02
CA GLU A 128 -7.15 16.17 13.44
C GLU A 128 -7.04 14.72 13.81
N VAL A 129 -6.01 14.37 14.57
CA VAL A 129 -5.82 12.99 14.96
C VAL A 129 -6.81 12.64 16.04
N THR A 130 -7.06 11.34 16.13
CA THR A 130 -7.96 10.78 17.16
C THR A 130 -7.20 10.34 18.41
N GLU A 131 -7.95 10.14 19.50
CA GLU A 131 -7.36 9.65 20.74
C GLU A 131 -6.67 8.30 20.43
N ALA A 132 -7.40 7.50 19.65
CA ALA A 132 -6.92 6.18 19.21
C ALA A 132 -5.54 6.31 18.49
N GLU A 133 -5.43 7.26 17.56
CA GLU A 133 -4.15 7.48 16.86
C GLU A 133 -3.04 7.89 17.85
N VAL A 134 -3.34 8.84 18.73
CA VAL A 134 -2.34 9.24 19.73
C VAL A 134 -1.88 7.99 20.54
N GLU A 135 -2.80 7.18 21.03
CA GLU A 135 -2.39 5.98 21.80
C GLU A 135 -1.44 5.11 20.96
N LEU A 136 -1.45 5.31 19.65
CA LEU A 136 -0.61 4.50 18.75
C LEU A 136 0.67 5.21 18.41
N GLY A 137 0.84 6.38 18.98
CA GLY A 137 2.04 7.13 18.72
C GLY A 137 1.98 8.07 17.54
N PHE A 138 0.78 8.32 16.99
CA PHE A 138 0.64 9.21 15.83
C PHE A 138 0.39 10.66 16.31
N LYS A 139 0.88 11.63 15.56
CA LYS A 139 0.71 12.99 16.02
C LYS A 139 0.27 13.97 14.92
N GLY A 140 0.13 13.44 13.71
CA GLY A 140 -0.33 14.27 12.60
C GLY A 140 -0.92 13.37 11.51
N LYS A 141 -1.77 13.95 10.65
CA LYS A 141 -2.44 13.14 9.62
C LYS A 141 -2.99 14.04 8.50
N VAL A 142 -2.74 13.68 7.25
CA VAL A 142 -3.31 14.47 6.17
C VAL A 142 -3.81 13.57 5.09
N THR A 143 -4.68 14.11 4.21
CA THR A 143 -5.10 13.37 3.04
C THR A 143 -4.54 14.19 1.86
N ASP A 144 -4.28 13.53 0.75
CA ASP A 144 -3.72 14.27 -0.38
C ASP A 144 -4.67 14.28 -1.55
N PRO A 145 -4.29 14.97 -2.64
CA PRO A 145 -5.16 15.06 -3.82
C PRO A 145 -5.31 13.80 -4.61
N PHE A 146 -4.59 12.75 -4.21
CA PHE A 146 -4.65 11.47 -4.92
C PHE A 146 -5.32 10.38 -4.07
N GLY A 147 -6.02 10.82 -3.02
CA GLY A 147 -6.77 9.88 -2.20
C GLY A 147 -6.00 9.11 -1.17
N VAL A 148 -4.74 9.49 -0.95
CA VAL A 148 -3.92 8.74 0.03
C VAL A 148 -3.89 9.45 1.43
N THR A 149 -4.13 8.73 2.53
CA THR A 149 -4.01 9.39 3.85
C THR A 149 -2.62 9.06 4.34
N TRP A 150 -2.02 10.05 4.98
CA TRP A 150 -0.69 9.93 5.55
C TRP A 150 -0.79 10.12 7.02
N ILE A 151 -0.03 9.28 7.72
CA ILE A 151 0.05 9.23 9.18
C ILE A 151 1.50 9.72 9.55
N PHE A 152 1.65 10.57 10.57
CA PHE A 152 2.95 11.13 10.98
C PHE A 152 3.16 10.76 12.41
N ALA A 153 4.14 9.87 12.58
CA ALA A 153 4.49 9.32 13.88
C ALA A 153 5.69 10.07 14.34
N GLU A 154 5.55 10.71 15.48
CA GLU A 154 6.65 11.46 16.02
C GLU A 154 7.35 10.78 17.17
N VAL B 22 13.25 15.81 7.82
CA VAL B 22 13.77 14.44 7.42
C VAL B 22 12.76 13.36 7.88
N PHE B 23 12.47 12.38 7.04
CA PHE B 23 11.57 11.29 7.43
C PHE B 23 12.40 10.07 7.69
N THR B 24 12.24 9.52 8.89
CA THR B 24 13.01 8.36 9.39
C THR B 24 12.49 7.05 8.94
N GLU B 25 11.16 6.92 8.76
CA GLU B 25 10.60 5.60 8.28
C GLU B 25 9.47 5.91 7.29
N PHE B 26 9.14 4.96 6.43
CA PHE B 26 8.04 5.10 5.42
C PHE B 26 7.57 3.66 5.09
N LYS B 27 6.35 3.33 5.45
CA LYS B 27 5.84 1.97 5.22
C LYS B 27 4.34 2.07 4.90
N GLN B 28 3.81 1.12 4.13
CA GLN B 28 2.39 1.12 3.88
C GLN B 28 1.68 0.45 5.10
N LEU B 30 -1.74 -1.56 5.75
CA LEU B 30 -2.92 -2.24 5.17
C LEU B 30 -3.97 -2.29 6.30
N LEU B 31 -5.16 -1.81 5.98
CA LEU B 31 -6.20 -1.79 7.00
C LEU B 31 -7.11 -3.00 6.76
N VAL B 32 -7.37 -3.76 7.82
CA VAL B 32 -8.24 -4.93 7.70
C VAL B 32 -9.33 -4.80 8.80
N GLU B 33 -10.38 -5.58 8.57
CA GLU B 33 -11.55 -5.60 9.46
C GLU B 33 -11.19 -6.01 10.87
N ALA B 34 -11.94 -5.45 11.82
CA ALA B 34 -11.76 -5.75 13.23
C ALA B 34 -11.66 -7.29 13.45
N GLN B 35 -10.73 -7.62 14.33
CA GLN B 35 -10.44 -9.00 14.72
C GLN B 35 -9.73 -9.84 13.64
N LYS B 36 -9.44 -9.29 12.48
CA LYS B 36 -8.85 -10.13 11.43
C LYS B 36 -7.36 -10.03 11.16
N VAL B 37 -6.62 -9.27 11.97
CA VAL B 37 -5.16 -9.18 11.67
C VAL B 37 -4.50 -10.54 11.79
N GLY B 38 -4.92 -11.37 12.75
CA GLY B 38 -4.26 -12.69 12.81
C GLY B 38 -4.48 -13.52 11.56
N ASP B 39 -5.71 -13.52 11.04
CA ASP B 39 -6.02 -14.29 9.83
C ASP B 39 -5.21 -13.73 8.66
N ALA B 40 -5.09 -12.40 8.61
CA ALA B 40 -4.31 -11.79 7.55
C ALA B 40 -2.83 -12.23 7.66
N VAL B 41 -2.25 -12.22 8.86
CA VAL B 41 -0.83 -12.65 8.99
C VAL B 41 -0.70 -14.10 8.52
N THR B 42 -1.67 -14.95 8.90
CA THR B 42 -1.70 -16.35 8.50
C THR B 42 -1.74 -16.45 6.97
N PHE B 43 -2.60 -15.64 6.39
CA PHE B 43 -2.73 -15.66 4.96
C PHE B 43 -1.45 -15.21 4.31
N TYR B 44 -0.85 -14.10 4.81
CA TYR B 44 0.36 -13.61 4.12
C TYR B 44 1.57 -14.54 4.29
N LYS B 45 1.66 -15.20 5.44
CA LYS B 45 2.74 -16.17 5.62
C LYS B 45 2.52 -17.34 4.66
N SER B 46 1.31 -17.88 4.70
CA SER B 46 1.05 -19.05 3.87
C SER B 46 1.11 -18.77 2.36
N ALA B 47 0.53 -17.67 1.90
CA ALA B 47 0.50 -17.34 0.49
C ALA B 47 1.85 -16.90 -0.11
N PHE B 48 2.56 -16.09 0.67
CA PHE B 48 3.79 -15.49 0.19
C PHE B 48 5.06 -15.73 0.97
N GLY B 49 4.96 -16.40 2.10
CA GLY B 49 6.16 -16.60 2.91
C GLY B 49 6.61 -15.32 3.62
N ALA B 50 5.65 -14.40 3.80
CA ALA B 50 5.92 -13.18 4.58
C ALA B 50 6.29 -13.61 5.99
N ILE B 51 7.19 -12.85 6.60
CA ILE B 51 7.60 -13.16 7.97
C ILE B 51 7.29 -12.01 8.91
N GLU B 52 6.78 -12.34 10.07
CA GLU B 52 6.46 -11.32 11.05
C GLU B 52 7.76 -10.84 11.73
N SER B 53 7.96 -9.55 11.76
CA SER B 53 9.14 -9.00 12.40
C SER B 53 8.74 -8.67 13.84
N GLY B 54 7.46 -8.40 14.05
CA GLY B 54 6.94 -8.07 15.38
C GLY B 54 5.44 -7.76 15.26
N HIS B 55 4.72 -7.65 16.39
CA HIS B 55 3.29 -7.34 16.36
C HIS B 55 2.86 -6.78 17.70
N SER B 56 1.66 -6.22 17.77
CA SER B 56 1.16 -5.72 19.06
C SER B 56 -0.22 -6.31 19.30
N LEU B 57 -0.44 -6.79 20.53
CA LEU B 57 -1.69 -7.43 20.92
C LEU B 57 -2.70 -6.54 21.69
N HIS B 69 -6.35 -11.77 20.00
CA HIS B 69 -6.41 -11.02 18.75
C HIS B 69 -5.26 -10.04 18.68
N VAL B 70 -4.83 -9.76 17.46
CA VAL B 70 -3.70 -8.86 17.21
C VAL B 70 -4.20 -7.52 16.70
N LEU B 71 -3.61 -6.45 17.18
CA LEU B 71 -4.05 -5.15 16.71
C LEU B 71 -3.23 -4.72 15.50
N SER B 72 -1.99 -5.21 15.40
CA SER B 72 -1.17 -4.84 14.22
C SER B 72 0.02 -5.77 14.13
N SER B 73 0.48 -5.98 12.90
CA SER B 73 1.65 -6.83 12.69
C SER B 73 2.44 -6.36 11.49
N GLU B 74 3.77 -6.17 11.64
CA GLU B 74 4.57 -5.75 10.49
C GLU B 74 5.12 -7.01 9.81
N LEU B 75 4.97 -7.11 8.49
CA LEU B 75 5.38 -8.27 7.73
C LEU B 75 6.46 -7.90 6.73
N ASN B 76 7.54 -8.69 6.77
CA ASN B 76 8.68 -8.55 5.87
C ASN B 76 8.49 -9.49 4.71
N LEU B 77 8.72 -8.98 3.51
CA LEU B 77 8.52 -9.76 2.33
C LEU B 77 9.38 -9.24 1.22
N ALA B 78 10.25 -10.12 0.77
CA ALA B 78 11.08 -9.83 -0.39
C ALA B 78 11.72 -8.44 -0.39
N GLY B 79 12.43 -8.16 0.72
CA GLY B 79 13.17 -6.91 0.85
C GLY B 79 12.46 -5.71 1.41
N SER B 80 11.13 -5.76 1.43
CA SER B 80 10.40 -4.62 1.99
C SER B 80 9.49 -5.11 3.09
N SER B 81 8.51 -4.30 3.44
CA SER B 81 7.63 -4.75 4.48
C SER B 81 6.38 -3.89 4.45
N PHE B 82 5.39 -4.29 5.26
CA PHE B 82 4.17 -3.48 5.38
C PHE B 82 3.59 -3.80 6.74
N VAL B 83 2.64 -2.98 7.20
CA VAL B 83 2.07 -3.17 8.53
C VAL B 83 0.58 -3.45 8.38
N VAL B 84 0.13 -4.54 8.98
CA VAL B 84 -1.29 -4.94 8.95
C VAL B 84 -1.90 -4.26 10.19
N CYS B 85 -3.01 -3.55 10.01
CA CYS B 85 -3.60 -2.83 11.15
C CYS B 85 -5.09 -3.11 11.24
N ASP B 86 -5.56 -3.32 12.47
CA ASP B 86 -7.02 -3.61 12.69
C ASP B 86 -7.72 -2.23 12.61
N VAL B 87 -8.64 -2.04 11.67
CA VAL B 87 -9.27 -0.73 11.50
C VAL B 87 -10.07 -0.30 12.73
N SER B 88 -10.46 -1.24 13.60
CA SER B 88 -11.22 -0.81 14.79
C SER B 88 -10.35 -0.03 15.78
N SER B 89 -9.04 -0.03 15.57
CA SER B 89 -8.14 0.78 16.40
C SER B 89 -7.91 2.16 15.76
N LEU B 90 -8.53 2.38 14.60
CA LEU B 90 -8.32 3.62 13.82
C LEU B 90 -9.65 4.25 13.39
N PRO B 91 -10.46 4.62 14.40
CA PRO B 91 -11.75 5.24 14.04
C PRO B 91 -11.60 6.34 13.03
N GLY B 92 -12.49 6.33 12.03
CA GLY B 92 -12.41 7.36 11.00
C GLY B 92 -11.73 6.82 9.74
N PHE B 93 -11.15 5.62 9.80
CA PHE B 93 -10.53 5.00 8.63
C PHE B 93 -11.45 3.93 8.12
N SER B 94 -11.16 3.40 6.94
CA SER B 94 -11.98 2.32 6.41
C SER B 94 -11.05 1.36 5.68
N THR B 95 -11.45 0.12 5.54
CA THR B 95 -10.62 -0.83 4.78
C THR B 95 -11.02 -0.81 3.28
N ALA B 96 -12.00 0.04 2.93
CA ALA B 96 -12.51 0.16 1.52
C ALA B 96 -12.80 -1.18 0.89
N LYS B 97 -12.93 -2.21 1.73
CA LYS B 97 -13.19 -3.54 1.18
C LYS B 97 -14.43 -3.52 0.28
N SER B 98 -15.59 -3.24 0.85
CA SER B 98 -16.78 -3.33 0.03
C SER B 98 -16.78 -2.41 -1.22
N GLU B 99 -16.06 -1.29 -1.16
CA GLU B 99 -16.04 -0.32 -2.26
C GLU B 99 -14.84 -0.50 -3.21
N GLY B 100 -13.85 -1.25 -2.77
CA GLY B 100 -12.69 -1.46 -3.60
C GLY B 100 -11.62 -0.57 -3.06
N SER B 101 -10.61 -1.22 -2.51
CA SER B 101 -9.51 -0.53 -1.93
C SER B 101 -8.47 -0.62 -3.03
N GLY B 102 -8.01 0.52 -3.45
CA GLY B 102 -7.02 0.50 -4.51
C GLY B 102 -5.69 -0.05 -4.04
N VAL B 103 -5.67 -0.87 -2.96
CA VAL B 103 -4.35 -1.34 -2.48
C VAL B 103 -3.82 -2.37 -3.50
N THR B 104 -2.65 -2.06 -4.04
CA THR B 104 -2.10 -2.83 -5.15
C THR B 104 -0.61 -3.10 -4.95
N PHE B 105 -0.24 -4.38 -5.05
CA PHE B 105 1.16 -4.72 -4.92
C PHE B 105 1.63 -5.55 -6.09
N LEU B 106 2.92 -5.42 -6.42
CA LEU B 106 3.51 -6.24 -7.48
C LEU B 106 4.56 -7.13 -6.83
N LEU B 107 4.59 -8.42 -7.23
CA LEU B 107 5.61 -9.33 -6.72
C LEU B 107 6.32 -9.91 -7.97
N GLY B 108 7.66 -10.02 -7.89
CA GLY B 108 8.45 -10.59 -8.97
C GLY B 108 8.68 -12.06 -8.62
N THR B 109 8.59 -12.96 -9.59
CA THR B 109 8.79 -14.37 -9.29
C THR B 109 9.11 -15.13 -10.56
N LYS B 110 9.77 -16.28 -10.43
CA LYS B 110 10.07 -17.00 -11.66
C LYS B 110 8.91 -17.81 -12.22
N ASP B 111 7.88 -18.07 -11.41
CA ASP B 111 6.72 -18.85 -11.87
C ASP B 111 5.44 -18.21 -11.37
N ALA B 112 4.87 -17.30 -12.16
CA ALA B 112 3.65 -16.60 -11.76
C ALA B 112 2.48 -17.55 -11.59
N GLU B 113 2.39 -18.55 -12.48
CA GLU B 113 1.28 -19.46 -12.39
C GLU B 113 1.28 -20.22 -11.07
N ALA B 114 2.45 -20.62 -10.61
CA ALA B 114 2.58 -21.32 -9.33
C ALA B 114 2.23 -20.40 -8.16
N ALA B 115 2.65 -19.15 -8.26
CA ALA B 115 2.38 -18.20 -7.17
C ALA B 115 0.88 -17.94 -7.06
N VAL B 116 0.19 -17.94 -8.17
CA VAL B 116 -1.27 -17.77 -8.14
C VAL B 116 -1.92 -18.93 -7.37
N ALA B 117 -1.52 -20.16 -7.69
CA ALA B 117 -2.09 -21.34 -6.98
C ALA B 117 -1.78 -21.39 -5.50
N LYS B 118 -0.59 -20.96 -5.13
CA LYS B 118 -0.16 -20.95 -3.75
C LYS B 118 -1.05 -19.94 -3.02
N ALA B 119 -1.30 -18.78 -3.64
CA ALA B 119 -2.13 -17.73 -3.02
C ALA B 119 -3.60 -18.16 -2.95
N VAL B 120 -4.13 -18.69 -4.04
CA VAL B 120 -5.52 -19.17 -4.06
C VAL B 120 -5.76 -20.26 -3.01
N ASP B 121 -4.79 -21.16 -2.87
CA ASP B 121 -4.85 -22.25 -1.89
C ASP B 121 -4.98 -21.66 -0.51
N ALA B 122 -4.39 -20.48 -0.30
CA ALA B 122 -4.44 -19.85 1.02
C ALA B 122 -5.73 -19.03 1.17
N GLY B 123 -6.52 -18.93 0.11
CA GLY B 123 -7.77 -18.18 0.23
C GLY B 123 -7.97 -17.01 -0.75
N ALA B 124 -6.97 -16.70 -1.57
CA ALA B 124 -7.09 -15.62 -2.56
C ALA B 124 -7.91 -16.10 -3.73
N VAL B 125 -8.35 -15.16 -4.57
CA VAL B 125 -9.08 -15.54 -5.78
C VAL B 125 -8.33 -15.10 -7.04
N LYS B 126 -8.13 -16.07 -7.93
CA LYS B 126 -7.43 -15.87 -9.18
C LYS B 126 -8.15 -14.94 -10.14
N VAL B 127 -7.40 -14.06 -10.80
CA VAL B 127 -7.95 -13.17 -11.80
C VAL B 127 -7.24 -13.53 -13.10
N GLU B 128 -7.99 -13.99 -14.11
CA GLU B 128 -7.34 -14.35 -15.37
C GLU B 128 -6.70 -13.11 -16.00
N VAL B 129 -5.50 -13.26 -16.51
CA VAL B 129 -4.83 -12.14 -17.18
C VAL B 129 -5.01 -12.29 -18.70
N THR B 130 -5.09 -11.16 -19.38
CA THR B 130 -5.27 -11.07 -20.82
C THR B 130 -3.95 -10.88 -21.53
N GLU B 131 -3.97 -11.00 -22.86
CA GLU B 131 -2.76 -10.80 -23.65
C GLU B 131 -2.19 -9.38 -23.40
N ALA B 132 -3.04 -8.37 -23.31
CA ALA B 132 -2.49 -7.03 -23.09
C ALA B 132 -1.73 -6.96 -21.77
N GLU B 133 -2.19 -7.74 -20.79
CA GLU B 133 -1.54 -7.81 -19.49
C GLU B 133 -0.25 -8.63 -19.62
N VAL B 134 -0.35 -9.80 -20.22
CA VAL B 134 0.85 -10.63 -20.39
C VAL B 134 1.95 -9.89 -21.17
N GLU B 135 1.62 -9.20 -22.27
CA GLU B 135 2.63 -8.46 -23.03
C GLU B 135 3.37 -7.43 -22.17
N LEU B 136 2.68 -6.85 -21.20
CA LEU B 136 3.32 -5.85 -20.32
C LEU B 136 4.04 -6.48 -19.15
N GLY B 137 3.98 -7.80 -19.06
CA GLY B 137 4.67 -8.47 -17.96
C GLY B 137 3.73 -8.98 -16.87
N PHE B 138 2.45 -8.63 -16.93
CA PHE B 138 1.50 -9.06 -15.91
C PHE B 138 1.09 -10.50 -16.16
N LYS B 139 1.78 -11.44 -15.53
CA LYS B 139 1.50 -12.85 -15.78
C LYS B 139 0.40 -13.52 -15.01
N GLY B 140 0.27 -13.16 -13.73
CA GLY B 140 -0.76 -13.71 -12.90
C GLY B 140 -1.35 -12.58 -12.09
N LYS B 141 -2.52 -12.80 -11.51
CA LYS B 141 -3.17 -11.75 -10.71
C LYS B 141 -4.20 -12.32 -9.78
N VAL B 142 -4.13 -11.90 -8.51
CA VAL B 142 -5.15 -12.33 -7.54
C VAL B 142 -5.62 -11.19 -6.66
N THR B 143 -6.77 -11.41 -6.04
CA THR B 143 -7.33 -10.48 -5.03
C THR B 143 -7.30 -11.34 -3.77
N ASP B 144 -6.88 -10.78 -2.64
CA ASP B 144 -6.78 -11.59 -1.45
C ASP B 144 -7.96 -11.40 -0.53
N PRO B 145 -8.06 -12.18 0.58
CA PRO B 145 -9.23 -12.02 1.47
C PRO B 145 -9.44 -10.68 2.11
N PHE B 146 -8.45 -9.80 1.95
CA PHE B 146 -8.46 -8.47 2.55
C PHE B 146 -8.61 -7.38 1.49
N GLY B 147 -8.87 -7.82 0.25
CA GLY B 147 -9.18 -6.88 -0.81
C GLY B 147 -7.98 -6.31 -1.52
N VAL B 148 -6.80 -6.87 -1.27
CA VAL B 148 -5.58 -6.37 -1.92
C VAL B 148 -5.42 -7.04 -3.28
N THR B 149 -4.98 -6.28 -4.28
CA THR B 149 -4.70 -6.82 -5.60
C THR B 149 -3.19 -7.07 -5.66
N TRP B 150 -2.80 -8.25 -6.12
CA TRP B 150 -1.40 -8.65 -6.24
C TRP B 150 -1.07 -9.02 -7.69
N ILE B 151 -0.25 -8.20 -8.30
CA ILE B 151 0.21 -8.49 -9.67
C ILE B 151 1.44 -9.40 -9.60
N PHE B 152 1.48 -10.44 -10.43
CA PHE B 152 2.64 -11.35 -10.43
C PHE B 152 3.32 -11.23 -11.80
N ALA B 153 4.62 -10.89 -11.81
CA ALA B 153 5.36 -10.75 -13.06
C ALA B 153 6.60 -11.65 -13.04
N GLU B 154 7.02 -12.17 -14.21
CA GLU B 154 8.21 -13.03 -14.28
C GLU B 154 9.23 -12.34 -15.16
N HIS A 20 10.79 -24.53 -2.88
CA HIS A 20 10.42 -23.25 -2.21
C HIS A 20 10.09 -22.14 -3.21
N LEU A 21 8.99 -21.45 -2.95
CA LEU A 21 8.58 -20.36 -3.82
C LEU A 21 9.10 -19.07 -3.18
N VAL A 22 9.82 -18.27 -3.95
CA VAL A 22 10.39 -17.03 -3.43
C VAL A 22 10.06 -15.92 -4.41
N PHE A 23 10.12 -14.70 -3.91
CA PHE A 23 9.84 -13.49 -4.71
C PHE A 23 11.08 -12.66 -4.75
N THR A 24 11.32 -12.02 -5.88
CA THR A 24 12.53 -11.24 -6.03
C THR A 24 12.35 -9.77 -5.70
N GLU A 25 11.11 -9.31 -5.63
CA GLU A 25 10.93 -7.93 -5.28
C GLU A 25 9.51 -7.73 -4.79
N PHE A 26 9.30 -6.71 -3.98
CA PHE A 26 7.98 -6.41 -3.44
C PHE A 26 7.78 -4.91 -3.55
N LYS A 27 6.95 -4.52 -4.50
CA LYS A 27 6.65 -3.12 -4.78
C LYS A 27 5.23 -2.79 -4.35
N GLN A 28 5.02 -1.53 -4.00
CA GLN A 28 3.70 -1.08 -3.55
C GLN A 28 3.35 0.02 -4.50
N LEU A 30 0.87 2.94 -6.07
CA LEU A 30 -0.25 3.88 -5.84
C LEU A 30 -0.84 4.15 -7.24
N LEU A 31 -2.11 3.81 -7.41
CA LEU A 31 -2.77 4.06 -8.70
C LEU A 31 -3.31 5.51 -8.71
N VAL A 32 -3.13 6.17 -9.82
CA VAL A 32 -3.65 7.51 -10.00
C VAL A 32 -4.37 7.52 -11.34
N GLU A 33 -5.21 8.57 -11.52
CA GLU A 33 -6.01 8.72 -12.72
C GLU A 33 -5.17 9.01 -13.99
N ALA A 34 -5.69 8.70 -15.19
CA ALA A 34 -4.86 8.92 -16.42
C ALA A 34 -4.28 10.33 -16.41
N GLN A 35 -3.06 10.45 -16.90
CA GLN A 35 -2.31 11.68 -17.01
C GLN A 35 -1.95 12.36 -15.69
N LYS A 36 -2.09 11.62 -14.57
CA LYS A 36 -1.79 12.21 -13.28
C LYS A 36 -0.42 11.90 -12.63
N VAL A 37 0.36 10.99 -13.22
CA VAL A 37 1.65 10.62 -12.60
C VAL A 37 2.55 11.83 -12.36
N GLY A 38 2.81 12.61 -13.43
CA GLY A 38 3.64 13.79 -13.28
C GLY A 38 3.17 14.76 -12.19
N ASP A 39 1.86 14.89 -12.07
CA ASP A 39 1.27 15.78 -11.10
C ASP A 39 1.47 15.24 -9.70
N ALA A 40 1.15 13.95 -9.53
CA ALA A 40 1.40 13.34 -8.20
C ALA A 40 2.89 13.39 -7.85
N VAL A 41 3.77 13.13 -8.81
CA VAL A 41 5.20 13.20 -8.52
C VAL A 41 5.64 14.55 -8.00
N THR A 42 5.10 15.65 -8.58
CA THR A 42 5.54 16.97 -8.13
C THR A 42 5.05 17.29 -6.74
N PHE A 43 3.79 16.99 -6.51
CA PHE A 43 3.19 17.23 -5.20
C PHE A 43 4.01 16.51 -4.11
N TYR A 44 4.30 15.23 -4.34
CA TYR A 44 5.05 14.43 -3.36
C TYR A 44 6.42 15.06 -3.17
N LYS A 45 7.05 15.55 -4.25
CA LYS A 45 8.33 16.23 -4.06
C LYS A 45 8.08 17.46 -3.20
N SER A 46 7.04 18.24 -3.52
CA SER A 46 6.78 19.45 -2.72
C SER A 46 6.33 19.22 -1.31
N ALA A 47 5.52 18.19 -1.12
CA ALA A 47 4.97 17.96 0.19
C ALA A 47 5.93 17.24 1.15
N PHE A 48 6.48 16.13 0.66
CA PHE A 48 7.31 15.25 1.49
C PHE A 48 8.79 15.15 1.14
N GLY A 49 9.23 15.94 0.15
CA GLY A 49 10.62 15.84 -0.29
C GLY A 49 10.89 14.48 -0.94
N ALA A 50 9.88 13.87 -1.56
CA ALA A 50 10.08 12.59 -2.23
C ALA A 50 11.04 12.85 -3.39
N ILE A 51 11.94 11.91 -3.67
CA ILE A 51 12.90 12.04 -4.79
C ILE A 51 12.64 10.90 -5.78
N GLU A 52 12.59 11.22 -7.07
CA GLU A 52 12.36 10.18 -8.06
C GLU A 52 13.59 9.38 -8.51
N SER A 53 13.36 8.08 -8.61
CA SER A 53 14.24 6.99 -9.01
C SER A 53 15.36 6.68 -8.12
N HIS A 69 2.60 1.70 -23.10
CA HIS A 69 3.18 0.93 -22.02
C HIS A 69 2.67 1.46 -20.66
N VAL A 70 3.43 1.24 -19.59
CA VAL A 70 3.05 1.71 -18.25
C VAL A 70 3.67 3.07 -17.97
N LEU A 71 2.88 4.04 -17.53
CA LEU A 71 3.40 5.36 -17.18
C LEU A 71 3.49 5.29 -15.67
N SER A 72 4.69 5.48 -15.17
CA SER A 72 4.93 5.36 -13.74
C SER A 72 6.16 6.09 -13.30
N SER A 73 6.34 6.08 -11.99
CA SER A 73 7.50 6.72 -11.38
C SER A 73 7.68 6.07 -10.01
N GLU A 74 8.91 5.72 -9.68
CA GLU A 74 9.16 5.10 -8.38
C GLU A 74 9.84 6.13 -7.51
N LEU A 75 9.10 6.58 -6.49
CA LEU A 75 9.53 7.62 -5.59
C LEU A 75 10.10 7.03 -4.31
N ASN A 76 11.02 7.80 -3.71
CA ASN A 76 11.73 7.34 -2.50
C ASN A 76 11.58 8.37 -1.38
N LEU A 77 11.24 7.86 -0.21
CA LEU A 77 11.09 8.60 1.07
C LEU A 77 11.69 7.70 2.17
N ALA A 78 12.49 8.29 3.06
CA ALA A 78 13.05 7.59 4.22
C ALA A 78 13.79 6.34 3.83
N GLY A 79 14.42 6.35 2.67
CA GLY A 79 15.17 5.15 2.28
C GLY A 79 14.37 3.99 1.69
N SER A 80 13.08 4.22 1.40
CA SER A 80 12.25 3.13 0.82
C SER A 80 11.50 3.73 -0.38
N SER A 81 10.68 2.93 -1.03
CA SER A 81 10.01 3.50 -2.19
C SER A 81 8.61 3.03 -2.42
N PHE A 82 7.88 3.81 -3.23
CA PHE A 82 6.52 3.42 -3.71
C PHE A 82 6.48 3.84 -5.19
N VAL A 83 5.64 3.17 -5.96
CA VAL A 83 5.58 3.40 -7.40
C VAL A 83 4.22 3.94 -7.83
N VAL A 84 4.22 5.21 -8.27
CA VAL A 84 3.02 5.87 -8.73
C VAL A 84 2.83 5.35 -10.15
N CYS A 85 1.62 4.86 -10.42
CA CYS A 85 1.33 4.27 -11.72
C CYS A 85 0.01 4.76 -12.38
N ASP A 86 0.13 5.36 -13.57
CA ASP A 86 -1.04 5.88 -14.34
C ASP A 86 -1.87 4.65 -14.67
N VAL A 87 -3.05 4.61 -14.06
CA VAL A 87 -3.92 3.47 -14.13
C VAL A 87 -4.36 3.17 -15.57
N SER A 88 -4.54 4.23 -16.37
CA SER A 88 -5.02 4.02 -17.76
C SER A 88 -4.02 3.16 -18.51
N SER A 89 -2.79 3.07 -18.00
CA SER A 89 -1.75 2.30 -18.67
C SER A 89 -1.66 0.84 -18.15
N LEU A 90 -2.57 0.49 -17.22
CA LEU A 90 -2.64 -0.85 -16.65
C LEU A 90 -3.93 -1.56 -17.16
N PRO A 91 -3.84 -2.31 -18.28
CA PRO A 91 -5.08 -2.94 -18.72
C PRO A 91 -5.57 -3.86 -17.65
N GLY A 92 -6.87 -4.04 -17.54
CA GLY A 92 -7.34 -4.95 -16.52
C GLY A 92 -7.71 -4.24 -15.25
N PHE A 93 -7.31 -2.97 -15.15
CA PHE A 93 -7.64 -2.14 -13.99
C PHE A 93 -8.73 -1.14 -14.40
N SER A 94 -9.80 -1.05 -13.62
CA SER A 94 -10.87 -0.10 -13.92
C SER A 94 -10.45 1.33 -13.55
N THR A 95 -10.39 1.66 -12.26
CA THR A 95 -10.00 3.04 -11.89
C THR A 95 -9.02 3.04 -10.73
N ALA A 96 -8.55 4.22 -10.34
CA ALA A 96 -7.58 4.33 -9.25
C ALA A 96 -8.25 4.27 -7.89
N LYS A 97 -9.59 4.29 -7.86
CA LYS A 97 -10.36 4.27 -6.62
C LYS A 97 -9.96 5.43 -5.71
N SER A 98 -9.47 6.51 -6.31
CA SER A 98 -9.01 7.65 -5.50
C SER A 98 -10.12 8.26 -4.64
N GLU A 99 -11.39 8.06 -4.98
CA GLU A 99 -12.45 8.64 -4.14
C GLU A 99 -12.63 7.89 -2.79
N GLY A 100 -12.14 6.66 -2.72
CA GLY A 100 -12.27 5.93 -1.45
C GLY A 100 -11.32 4.75 -1.44
N SER A 101 -10.04 5.05 -1.45
CA SER A 101 -9.06 4.00 -1.50
C SER A 101 -8.69 3.83 -0.01
N GLY A 102 -8.20 2.69 0.29
CA GLY A 102 -7.81 2.49 1.66
C GLY A 102 -6.35 2.71 1.73
N VAL A 103 -5.78 3.46 0.78
CA VAL A 103 -4.34 3.59 0.76
C VAL A 103 -3.87 4.56 1.82
N THR A 104 -2.99 4.07 2.71
CA THR A 104 -2.52 4.86 3.85
C THR A 104 -1.06 4.51 4.12
N PHE A 105 -0.24 5.54 4.35
CA PHE A 105 1.19 5.31 4.67
C PHE A 105 1.51 6.05 5.99
N LEU A 106 2.56 5.58 6.69
CA LEU A 106 3.01 6.23 7.93
C LEU A 106 4.38 6.85 7.72
N LEU A 107 4.57 8.08 8.16
CA LEU A 107 5.92 8.69 8.05
C LEU A 107 6.42 8.99 9.46
N GLY A 108 7.71 8.70 9.68
CA GLY A 108 8.40 8.95 10.94
C GLY A 108 9.10 10.29 10.79
N THR A 109 8.95 11.14 11.78
CA THR A 109 9.51 12.46 11.70
C THR A 109 9.75 12.86 13.13
N LYS A 110 10.58 13.88 13.30
CA LYS A 110 10.90 14.39 14.64
C LYS A 110 9.78 15.32 15.10
N ASP A 111 8.93 15.78 14.18
CA ASP A 111 7.87 16.72 14.54
C ASP A 111 6.67 16.57 13.61
N ALA A 112 5.63 15.85 14.04
CA ALA A 112 4.48 15.65 13.15
C ALA A 112 3.79 16.98 12.75
N GLU A 113 3.52 17.86 13.71
CA GLU A 113 2.89 19.15 13.41
C GLU A 113 3.61 19.87 12.27
N ALA A 114 4.94 19.87 12.30
CA ALA A 114 5.71 20.56 11.28
C ALA A 114 5.49 19.88 9.92
N ALA A 115 5.57 18.56 9.92
CA ALA A 115 5.38 17.78 8.67
C ALA A 115 4.01 18.05 8.06
N VAL A 116 2.99 18.11 8.92
CA VAL A 116 1.64 18.39 8.43
C VAL A 116 1.65 19.78 7.76
N ALA A 117 2.31 20.73 8.41
CA ALA A 117 2.34 22.09 7.88
C ALA A 117 2.97 22.12 6.49
N LYS A 118 4.07 21.41 6.33
CA LYS A 118 4.74 21.42 5.04
C LYS A 118 3.78 20.83 4.02
N ALA A 119 3.18 19.70 4.39
CA ALA A 119 2.29 19.05 3.43
C ALA A 119 1.09 19.95 3.24
N VAL A 120 0.69 20.66 4.29
CA VAL A 120 -0.46 21.54 4.12
C VAL A 120 -0.03 22.69 3.17
N ASP A 121 1.13 23.30 3.41
CA ASP A 121 1.56 24.42 2.49
C ASP A 121 1.35 23.96 1.05
N ALA A 122 1.83 22.73 0.78
CA ALA A 122 1.67 22.19 -0.57
C ALA A 122 0.18 22.18 -0.94
N GLY A 123 -0.57 21.16 -0.55
CA GLY A 123 -1.98 21.11 -0.94
C GLY A 123 -2.77 19.97 -0.23
N ALA A 124 -2.13 19.34 0.76
CA ALA A 124 -2.83 18.26 1.50
C ALA A 124 -3.91 18.90 2.39
N VAL A 125 -4.55 18.05 3.21
CA VAL A 125 -5.63 18.50 4.11
C VAL A 125 -5.34 17.97 5.51
N LYS A 126 -5.15 18.85 6.48
CA LYS A 126 -4.87 18.38 7.83
C LYS A 126 -6.11 17.72 8.46
N VAL A 127 -6.01 16.48 8.87
CA VAL A 127 -7.17 15.87 9.55
C VAL A 127 -6.73 15.85 11.04
N GLU A 128 -7.64 16.14 11.98
CA GLU A 128 -7.22 16.13 13.38
C GLU A 128 -7.07 14.69 13.78
N VAL A 129 -6.03 14.37 14.55
CA VAL A 129 -5.79 13.00 14.96
C VAL A 129 -6.77 12.59 16.05
N THR A 130 -7.05 11.30 16.08
CA THR A 130 -7.94 10.72 17.09
C THR A 130 -7.20 10.36 18.38
N GLU A 131 -7.94 10.28 19.48
CA GLU A 131 -7.31 9.86 20.74
C GLU A 131 -6.69 8.48 20.46
N ALA A 132 -7.41 7.69 19.67
CA ALA A 132 -6.94 6.38 19.27
C ALA A 132 -5.53 6.54 18.61
N GLU A 133 -5.44 7.39 17.57
CA GLU A 133 -4.15 7.61 16.90
C GLU A 133 -3.03 8.09 17.87
N VAL A 134 -3.40 8.99 18.76
CA VAL A 134 -2.40 9.44 19.74
C VAL A 134 -1.88 8.26 20.59
N GLU A 135 -2.77 7.36 21.01
CA GLU A 135 -2.32 6.21 21.82
C GLU A 135 -1.17 5.50 21.11
N LEU A 136 -1.25 5.49 19.78
CA LEU A 136 -0.26 4.83 18.91
C LEU A 136 0.91 5.74 18.55
N GLY A 137 0.91 6.95 19.08
CA GLY A 137 2.00 7.88 18.78
C GLY A 137 1.89 8.61 17.46
N PHE A 138 0.72 8.53 16.82
CA PHE A 138 0.44 9.16 15.50
C PHE A 138 -0.03 10.58 15.76
N LYS A 139 0.90 11.53 15.66
CA LYS A 139 0.66 12.92 16.01
C LYS A 139 0.25 13.90 14.90
N GLY A 140 0.06 13.37 13.70
CA GLY A 140 -0.34 14.21 12.58
C GLY A 140 -0.93 13.29 11.50
N LYS A 141 -1.77 13.87 10.64
CA LYS A 141 -2.42 13.09 9.60
C LYS A 141 -2.92 14.04 8.51
N VAL A 142 -2.76 13.65 7.26
CA VAL A 142 -3.31 14.48 6.18
C VAL A 142 -3.79 13.58 5.09
N THR A 143 -4.67 14.12 4.22
CA THR A 143 -5.09 13.38 3.05
C THR A 143 -4.53 14.20 1.86
N ASP A 144 -4.30 13.53 0.74
CA ASP A 144 -3.73 14.27 -0.40
C ASP A 144 -4.66 14.26 -1.57
N PRO A 145 -4.26 14.90 -2.69
CA PRO A 145 -5.12 14.96 -3.88
C PRO A 145 -5.25 13.69 -4.68
N PHE A 146 -4.55 12.64 -4.24
CA PHE A 146 -4.57 11.36 -4.94
C PHE A 146 -5.18 10.22 -4.13
N GLY A 147 -5.99 10.58 -3.12
CA GLY A 147 -6.69 9.57 -2.34
C GLY A 147 -5.89 8.89 -1.27
N VAL A 148 -4.72 9.43 -0.98
CA VAL A 148 -3.89 8.76 0.03
C VAL A 148 -3.96 9.46 1.40
N THR A 149 -3.97 8.68 2.47
CA THR A 149 -3.95 9.27 3.81
C THR A 149 -2.56 8.97 4.33
N TRP A 150 -1.98 10.00 4.92
CA TRP A 150 -0.65 9.91 5.50
C TRP A 150 -0.74 10.13 6.98
N ILE A 151 0.00 9.32 7.71
CA ILE A 151 0.03 9.39 9.18
C ILE A 151 1.48 9.74 9.57
N PHE A 152 1.68 10.65 10.53
CA PHE A 152 3.01 11.07 10.96
C PHE A 152 3.18 10.59 12.36
N ALA A 153 4.18 9.74 12.49
CA ALA A 153 4.46 9.08 13.75
C ALA A 153 5.73 9.64 14.30
N GLU A 154 5.67 9.99 15.57
CA GLU A 154 6.85 10.53 16.18
C GLU A 154 7.26 9.54 17.32
N VAL B 22 13.31 15.72 7.62
CA VAL B 22 13.86 14.38 7.12
C VAL B 22 13.06 13.17 7.66
N PHE B 23 12.32 12.46 6.83
CA PHE B 23 11.60 11.34 7.40
C PHE B 23 12.56 10.24 7.89
N THR B 24 12.11 9.41 8.80
CA THR B 24 12.98 8.34 9.33
C THR B 24 12.40 6.98 9.15
N GLU B 25 11.14 6.93 8.67
CA GLU B 25 10.56 5.60 8.33
C GLU B 25 9.43 5.93 7.38
N PHE B 26 9.20 5.01 6.45
CA PHE B 26 8.09 5.15 5.47
C PHE B 26 7.54 3.74 5.63
N LYS B 27 6.29 3.61 6.03
CA LYS B 27 5.68 2.28 6.21
C LYS B 27 4.23 2.28 5.69
N GLN B 28 3.94 1.37 4.77
CA GLN B 28 2.60 1.25 4.22
C GLN B 28 1.77 0.43 5.20
N LEU B 30 -1.77 -1.54 5.90
CA LEU B 30 -2.86 -2.23 5.19
C LEU B 30 -3.94 -2.50 6.29
N LEU B 31 -5.05 -1.76 6.22
CA LEU B 31 -6.11 -1.84 7.24
C LEU B 31 -6.96 -3.12 7.02
N VAL B 32 -7.37 -3.81 8.08
CA VAL B 32 -8.20 -4.98 7.78
C VAL B 32 -9.36 -5.04 8.79
N GLU B 33 -10.26 -5.95 8.45
CA GLU B 33 -11.47 -6.25 9.22
C GLU B 33 -11.22 -6.39 10.74
N ALA B 34 -12.16 -5.89 11.56
CA ALA B 34 -12.06 -6.02 12.99
C ALA B 34 -11.70 -7.45 13.42
N GLN B 35 -10.70 -7.53 14.31
CA GLN B 35 -10.15 -8.76 14.88
C GLN B 35 -9.51 -9.71 13.81
N LYS B 36 -9.38 -9.26 12.57
CA LYS B 36 -8.85 -10.15 11.51
C LYS B 36 -7.36 -10.07 11.19
N VAL B 37 -6.60 -9.29 11.94
CA VAL B 37 -5.17 -9.20 11.59
C VAL B 37 -4.49 -10.57 11.72
N GLY B 38 -4.88 -11.37 12.72
CA GLY B 38 -4.22 -12.70 12.79
C GLY B 38 -4.44 -13.54 11.54
N ASP B 39 -5.68 -13.53 11.03
CA ASP B 39 -6.00 -14.30 9.83
C ASP B 39 -5.18 -13.74 8.64
N ALA B 40 -5.12 -12.41 8.55
CA ALA B 40 -4.31 -11.85 7.47
C ALA B 40 -2.82 -12.22 7.65
N VAL B 41 -2.28 -12.21 8.87
CA VAL B 41 -0.87 -12.62 9.05
C VAL B 41 -0.72 -14.07 8.61
N THR B 42 -1.66 -14.93 9.04
CA THR B 42 -1.59 -16.33 8.65
C THR B 42 -1.62 -16.45 7.13
N PHE B 43 -2.50 -15.66 6.51
CA PHE B 43 -2.63 -15.67 5.08
C PHE B 43 -1.34 -15.22 4.40
N TYR B 44 -0.76 -14.07 4.81
CA TYR B 44 0.44 -13.64 4.06
C TYR B 44 1.65 -14.55 4.31
N LYS B 45 1.62 -15.30 5.42
CA LYS B 45 2.68 -16.26 5.67
C LYS B 45 2.48 -17.48 4.77
N SER B 46 1.40 -18.20 5.01
CA SER B 46 1.26 -19.45 4.25
C SER B 46 0.92 -19.25 2.76
N ALA B 47 1.15 -18.05 2.24
CA ALA B 47 0.90 -17.75 0.84
C ALA B 47 2.15 -17.24 0.17
N PHE B 48 2.66 -16.17 0.77
CA PHE B 48 3.80 -15.50 0.17
C PHE B 48 5.13 -15.65 0.87
N GLY B 49 5.12 -16.34 1.99
CA GLY B 49 6.37 -16.50 2.74
C GLY B 49 6.69 -15.27 3.60
N ALA B 50 5.71 -14.37 3.73
CA ALA B 50 5.88 -13.18 4.58
C ALA B 50 6.31 -13.61 5.98
N ILE B 51 7.20 -12.82 6.55
CA ILE B 51 7.71 -13.08 7.88
C ILE B 51 7.34 -11.98 8.88
N GLU B 52 6.81 -12.40 10.02
CA GLU B 52 6.41 -11.44 11.04
C GLU B 52 7.63 -10.96 11.84
N SER B 53 8.01 -9.71 11.60
CA SER B 53 9.17 -9.14 12.25
C SER B 53 8.86 -8.67 13.66
N GLY B 54 7.56 -8.58 13.99
CA GLY B 54 7.04 -8.18 15.29
C GLY B 54 5.51 -7.88 15.16
N HIS B 55 4.76 -7.82 16.29
CA HIS B 55 3.32 -7.51 16.26
C HIS B 55 2.90 -6.93 17.59
N SER B 56 1.63 -6.56 17.73
CA SER B 56 1.12 -6.03 19.00
C SER B 56 -0.22 -6.69 19.28
N LEU B 57 -0.56 -6.85 20.56
CA LEU B 57 -1.80 -7.51 20.98
C LEU B 57 -2.96 -6.58 21.42
N HIS B 69 -7.30 -10.02 20.48
CA HIS B 69 -6.28 -10.58 19.58
C HIS B 69 -5.24 -9.54 19.18
N VAL B 70 -4.32 -9.94 18.31
CA VAL B 70 -3.29 -9.02 17.82
C VAL B 70 -3.93 -7.84 17.08
N LEU B 71 -3.49 -6.63 17.35
CA LEU B 71 -4.06 -5.47 16.70
C LEU B 71 -3.31 -5.11 15.42
N SER B 72 -1.97 -5.21 15.46
CA SER B 72 -1.19 -4.86 14.25
C SER B 72 0.00 -5.80 14.15
N SER B 73 0.45 -5.99 12.91
CA SER B 73 1.58 -6.87 12.66
C SER B 73 2.51 -6.21 11.71
N GLU B 74 3.82 -6.29 11.93
CA GLU B 74 4.70 -5.74 10.94
C GLU B 74 5.26 -6.98 10.27
N LEU B 75 5.13 -7.05 8.94
CA LEU B 75 5.56 -8.19 8.15
C LEU B 75 6.67 -7.78 7.18
N ASN B 76 7.66 -8.67 7.08
CA ASN B 76 8.74 -8.50 6.13
C ASN B 76 8.51 -9.37 4.93
N LEU B 77 8.63 -8.73 3.77
CA LEU B 77 8.47 -9.42 2.52
C LEU B 77 9.39 -8.93 1.46
N ALA B 78 10.03 -9.92 0.84
CA ALA B 78 10.88 -9.70 -0.31
C ALA B 78 11.61 -8.37 -0.38
N GLY B 79 12.39 -8.10 0.69
CA GLY B 79 13.16 -6.87 0.73
C GLY B 79 12.53 -5.66 1.37
N SER B 80 11.21 -5.70 1.60
CA SER B 80 10.59 -4.54 2.28
C SER B 80 9.61 -5.03 3.32
N SER B 81 8.84 -4.12 3.92
CA SER B 81 7.86 -4.57 4.88
C SER B 81 6.55 -3.80 4.73
N PHE B 82 5.65 -4.02 5.67
CA PHE B 82 4.34 -3.29 5.68
C PHE B 82 3.69 -3.74 6.96
N VAL B 83 2.73 -2.94 7.47
CA VAL B 83 2.12 -3.29 8.73
C VAL B 83 0.60 -3.39 8.57
N VAL B 84 0.08 -4.59 8.81
CA VAL B 84 -1.38 -4.81 8.69
C VAL B 84 -1.96 -4.34 10.03
N CYS B 85 -2.94 -3.45 9.98
CA CYS B 85 -3.55 -2.86 11.19
C CYS B 85 -5.06 -3.10 11.27
N ASP B 86 -5.54 -3.33 12.50
CA ASP B 86 -7.01 -3.59 12.73
C ASP B 86 -7.75 -2.23 12.56
N VAL B 87 -8.64 -2.12 11.59
CA VAL B 87 -9.33 -0.84 11.29
C VAL B 87 -10.17 -0.39 12.49
N SER B 88 -10.60 -1.35 13.32
CA SER B 88 -11.38 -0.96 14.52
C SER B 88 -10.49 -0.23 15.55
N SER B 89 -9.17 -0.36 15.44
CA SER B 89 -8.31 0.37 16.36
C SER B 89 -7.98 1.78 15.86
N LEU B 90 -8.53 2.14 14.70
CA LEU B 90 -8.26 3.44 14.04
C LEU B 90 -9.58 3.96 13.52
N PRO B 91 -10.40 4.58 14.41
CA PRO B 91 -11.71 5.13 14.04
C PRO B 91 -11.57 6.25 13.04
N GLY B 92 -12.45 6.28 12.04
CA GLY B 92 -12.36 7.31 11.03
C GLY B 92 -11.76 6.74 9.76
N PHE B 93 -11.05 5.62 9.84
CA PHE B 93 -10.49 4.99 8.64
C PHE B 93 -11.48 3.98 8.09
N SER B 94 -11.21 3.53 6.87
CA SER B 94 -12.08 2.52 6.27
C SER B 94 -11.17 1.58 5.48
N THR B 95 -11.43 0.29 5.58
CA THR B 95 -10.65 -0.67 4.81
C THR B 95 -10.98 -0.49 3.30
N ALA B 96 -12.15 0.07 3.02
CA ALA B 96 -12.66 0.30 1.64
C ALA B 96 -12.83 -1.02 0.90
N LYS B 97 -12.85 -2.12 1.65
CA LYS B 97 -12.95 -3.44 0.99
C LYS B 97 -14.28 -3.64 0.27
N SER B 98 -15.38 -3.08 0.78
CA SER B 98 -16.65 -3.32 0.09
C SER B 98 -16.73 -2.65 -1.29
N GLU B 99 -16.19 -1.44 -1.43
CA GLU B 99 -16.23 -0.73 -2.70
C GLU B 99 -14.95 -0.94 -3.55
N GLY B 100 -13.80 -1.14 -2.89
CA GLY B 100 -12.56 -1.33 -3.62
C GLY B 100 -11.58 -0.39 -3.01
N SER B 101 -10.56 -0.96 -2.35
CA SER B 101 -9.60 -0.16 -1.64
C SER B 101 -8.59 0.29 -2.67
N GLY B 102 -7.64 1.12 -2.33
CA GLY B 102 -6.72 1.34 -3.49
C GLY B 102 -5.51 0.37 -3.55
N VAL B 103 -5.39 -0.50 -2.53
CA VAL B 103 -4.16 -1.33 -2.35
C VAL B 103 -3.71 -2.31 -3.47
N THR B 104 -2.53 -2.03 -4.02
CA THR B 104 -2.05 -2.79 -5.17
C THR B 104 -0.55 -3.04 -5.03
N PHE B 105 -0.15 -4.29 -5.19
CA PHE B 105 1.25 -4.62 -5.11
C PHE B 105 1.63 -5.46 -6.32
N LEU B 106 2.95 -5.52 -6.57
CA LEU B 106 3.47 -6.35 -7.64
C LEU B 106 4.68 -7.13 -7.13
N LEU B 107 4.58 -8.47 -6.99
CA LEU B 107 5.72 -9.28 -6.54
C LEU B 107 6.48 -9.78 -7.81
N GLY B 108 7.82 -9.81 -7.74
CA GLY B 108 8.66 -10.31 -8.84
C GLY B 108 8.81 -11.82 -8.65
N THR B 109 8.59 -12.63 -9.69
CA THR B 109 8.68 -14.07 -9.55
C THR B 109 9.17 -14.74 -10.83
N LYS B 110 9.79 -15.91 -10.70
CA LYS B 110 10.23 -16.60 -11.90
C LYS B 110 9.11 -17.47 -12.47
N ASP B 111 8.04 -17.64 -11.72
CA ASP B 111 6.93 -18.41 -12.25
C ASP B 111 5.60 -17.90 -11.73
N ALA B 112 5.01 -16.97 -12.48
CA ALA B 112 3.74 -16.37 -12.05
C ALA B 112 2.67 -17.41 -11.75
N GLU B 113 2.40 -18.33 -12.69
CA GLU B 113 1.36 -19.31 -12.43
C GLU B 113 1.63 -20.12 -11.16
N ALA B 114 2.91 -20.31 -10.85
CA ALA B 114 3.33 -21.04 -9.64
C ALA B 114 3.01 -20.20 -8.43
N ALA B 115 3.38 -18.94 -8.52
CA ALA B 115 3.12 -18.00 -7.40
C ALA B 115 1.62 -18.07 -7.06
N VAL B 116 0.77 -17.78 -8.05
CA VAL B 116 -0.70 -17.80 -7.94
C VAL B 116 -1.22 -19.05 -7.26
N ALA B 117 -0.70 -20.19 -7.72
CA ALA B 117 -1.10 -21.46 -7.10
C ALA B 117 -1.04 -21.41 -5.58
N LYS B 118 0.10 -20.98 -5.02
CA LYS B 118 0.23 -20.97 -3.58
C LYS B 118 -0.74 -19.95 -2.99
N ALA B 119 -0.96 -18.81 -3.66
CA ALA B 119 -1.85 -17.79 -3.10
C ALA B 119 -3.29 -18.31 -3.13
N VAL B 120 -3.63 -19.09 -4.17
CA VAL B 120 -5.00 -19.63 -4.22
C VAL B 120 -5.20 -20.62 -3.08
N ASP B 121 -4.22 -21.48 -2.86
CA ASP B 121 -4.26 -22.49 -1.79
C ASP B 121 -4.59 -21.82 -0.46
N ALA B 122 -4.11 -20.59 -0.29
CA ALA B 122 -4.32 -19.88 0.96
C ALA B 122 -5.62 -19.09 0.89
N GLY B 123 -6.23 -19.02 -0.28
CA GLY B 123 -7.50 -18.31 -0.32
C GLY B 123 -7.57 -17.19 -1.36
N ALA B 124 -6.49 -16.91 -2.05
CA ALA B 124 -6.62 -15.86 -3.06
C ALA B 124 -7.33 -16.44 -4.27
N VAL B 125 -7.95 -15.50 -4.99
CA VAL B 125 -8.66 -15.80 -6.22
C VAL B 125 -7.81 -15.30 -7.39
N LYS B 126 -7.59 -16.20 -8.34
CA LYS B 126 -6.81 -15.93 -9.54
C LYS B 126 -7.57 -15.23 -10.64
N VAL B 127 -7.39 -13.92 -10.75
CA VAL B 127 -8.03 -13.16 -11.80
C VAL B 127 -7.25 -13.53 -13.06
N GLU B 128 -7.94 -14.03 -14.10
CA GLU B 128 -7.20 -14.40 -15.30
C GLU B 128 -6.65 -13.16 -15.99
N VAL B 129 -5.43 -13.23 -16.46
CA VAL B 129 -4.85 -12.09 -17.18
C VAL B 129 -5.20 -12.22 -18.66
N THR B 130 -4.75 -11.23 -19.45
CA THR B 130 -5.01 -11.15 -20.88
C THR B 130 -3.78 -10.82 -21.71
N GLU B 131 -3.93 -10.91 -23.03
CA GLU B 131 -2.84 -10.60 -23.94
C GLU B 131 -2.17 -9.24 -23.58
N ALA B 132 -2.96 -8.18 -23.42
CA ALA B 132 -2.29 -6.90 -23.13
C ALA B 132 -1.56 -6.94 -21.77
N GLU B 133 -2.10 -7.70 -20.83
CA GLU B 133 -1.48 -7.84 -19.52
C GLU B 133 -0.18 -8.63 -19.65
N VAL B 134 -0.26 -9.81 -20.24
CA VAL B 134 0.93 -10.63 -20.43
C VAL B 134 2.04 -9.86 -21.19
N GLU B 135 1.72 -9.21 -22.30
CA GLU B 135 2.75 -8.45 -23.05
C GLU B 135 3.48 -7.46 -22.16
N LEU B 136 2.74 -6.77 -21.28
CA LEU B 136 3.35 -5.78 -20.38
C LEU B 136 4.06 -6.41 -19.22
N GLY B 137 3.94 -7.73 -19.08
CA GLY B 137 4.64 -8.41 -17.99
C GLY B 137 3.73 -8.94 -16.89
N PHE B 138 2.44 -8.58 -16.93
CA PHE B 138 1.52 -9.07 -15.89
C PHE B 138 1.09 -10.49 -16.17
N LYS B 139 1.79 -11.46 -15.56
CA LYS B 139 1.52 -12.86 -15.82
C LYS B 139 0.56 -13.60 -14.93
N GLY B 140 0.51 -13.19 -13.66
CA GLY B 140 -0.39 -13.78 -12.70
C GLY B 140 -0.92 -12.64 -11.82
N LYS B 141 -2.17 -12.77 -11.36
CA LYS B 141 -2.79 -11.73 -10.49
C LYS B 141 -3.86 -12.36 -9.64
N VAL B 142 -3.95 -11.90 -8.38
CA VAL B 142 -5.03 -12.37 -7.49
C VAL B 142 -5.55 -11.23 -6.64
N THR B 143 -6.71 -11.46 -6.03
CA THR B 143 -7.31 -10.53 -5.05
C THR B 143 -7.30 -11.37 -3.76
N ASP B 144 -6.88 -10.79 -2.64
CA ASP B 144 -6.80 -11.60 -1.45
C ASP B 144 -7.99 -11.40 -0.54
N PRO B 145 -8.09 -12.17 0.57
CA PRO B 145 -9.26 -12.01 1.47
C PRO B 145 -9.43 -10.70 2.16
N PHE B 146 -8.46 -9.80 1.93
CA PHE B 146 -8.45 -8.49 2.56
C PHE B 146 -8.57 -7.38 1.51
N GLY B 147 -8.89 -7.79 0.28
CA GLY B 147 -9.18 -6.81 -0.76
C GLY B 147 -7.97 -6.26 -1.49
N VAL B 148 -6.81 -6.85 -1.26
CA VAL B 148 -5.57 -6.37 -1.91
C VAL B 148 -5.44 -7.04 -3.28
N THR B 149 -4.98 -6.27 -4.26
CA THR B 149 -4.70 -6.81 -5.60
C THR B 149 -3.21 -7.05 -5.69
N TRP B 150 -2.83 -8.25 -6.10
CA TRP B 150 -1.44 -8.65 -6.26
C TRP B 150 -1.22 -8.95 -7.74
N ILE B 151 -0.12 -8.41 -8.24
CA ILE B 151 0.32 -8.62 -9.61
C ILE B 151 1.60 -9.43 -9.55
N PHE B 152 1.64 -10.50 -10.33
CA PHE B 152 2.83 -11.37 -10.35
C PHE B 152 3.46 -11.18 -11.73
N ALA B 153 4.71 -10.75 -11.74
CA ALA B 153 5.41 -10.53 -13.00
C ALA B 153 6.70 -11.34 -13.08
N GLU B 154 7.04 -11.78 -14.29
CA GLU B 154 8.26 -12.54 -14.55
C GLU B 154 9.18 -11.61 -15.36
N HIS A 20 10.79 -24.31 -2.23
CA HIS A 20 10.42 -23.00 -1.62
C HIS A 20 10.13 -21.95 -2.69
N LEU A 21 9.02 -21.26 -2.55
CA LEU A 21 8.67 -20.21 -3.50
C LEU A 21 9.29 -18.91 -2.98
N VAL A 22 9.87 -18.13 -3.90
CA VAL A 22 10.52 -16.85 -3.54
C VAL A 22 10.08 -15.79 -4.54
N PHE A 23 10.16 -14.53 -4.11
CA PHE A 23 9.78 -13.36 -4.93
C PHE A 23 10.91 -12.37 -5.19
N THR A 24 11.23 -12.18 -6.45
CA THR A 24 12.32 -11.34 -6.88
C THR A 24 12.25 -9.86 -6.49
N GLU A 25 11.05 -9.28 -6.56
CA GLU A 25 10.88 -7.87 -6.16
C GLU A 25 9.46 -7.69 -5.64
N PHE A 26 9.26 -6.59 -4.91
CA PHE A 26 7.98 -6.26 -4.30
C PHE A 26 7.85 -4.77 -4.54
N LYS A 27 6.79 -4.33 -5.20
CA LYS A 27 6.62 -2.90 -5.49
C LYS A 27 5.27 -2.47 -4.97
N GLN A 28 5.22 -1.43 -4.15
CA GLN A 28 3.92 -1.00 -3.59
C GLN A 28 3.44 0.09 -4.48
N LEU A 30 0.81 2.99 -6.17
CA LEU A 30 -0.25 3.96 -5.85
C LEU A 30 -0.87 4.25 -7.26
N LEU A 31 -2.11 3.84 -7.45
CA LEU A 31 -2.77 4.09 -8.74
C LEU A 31 -3.31 5.55 -8.77
N VAL A 32 -3.03 6.27 -9.84
CA VAL A 32 -3.57 7.62 -9.99
C VAL A 32 -4.34 7.68 -11.30
N GLU A 33 -5.17 8.74 -11.45
CA GLU A 33 -6.00 8.92 -12.63
C GLU A 33 -5.18 9.22 -13.90
N ALA A 34 -5.76 8.94 -15.08
CA ALA A 34 -4.99 9.13 -16.35
C ALA A 34 -4.23 10.47 -16.43
N GLN A 35 -3.00 10.39 -16.95
CA GLN A 35 -2.08 11.52 -17.15
C GLN A 35 -1.65 12.24 -15.88
N LYS A 36 -1.97 11.69 -14.70
CA LYS A 36 -1.62 12.38 -13.46
C LYS A 36 -0.34 11.96 -12.75
N VAL A 37 0.44 11.06 -13.34
CA VAL A 37 1.66 10.61 -12.65
C VAL A 37 2.60 11.78 -12.38
N GLY A 38 2.89 12.58 -13.44
CA GLY A 38 3.78 13.72 -13.23
C GLY A 38 3.26 14.71 -12.17
N ASP A 39 1.95 14.86 -12.08
CA ASP A 39 1.34 15.75 -11.13
C ASP A 39 1.49 15.21 -9.73
N ALA A 40 1.07 13.96 -9.54
CA ALA A 40 1.29 13.36 -8.21
C ALA A 40 2.80 13.39 -7.86
N VAL A 41 3.67 13.13 -8.82
CA VAL A 41 5.10 13.18 -8.53
C VAL A 41 5.62 14.51 -8.02
N THR A 42 5.16 15.61 -8.64
CA THR A 42 5.62 16.92 -8.21
C THR A 42 5.01 17.25 -6.88
N PHE A 43 3.77 16.83 -6.68
CA PHE A 43 3.16 17.07 -5.39
C PHE A 43 3.97 16.41 -4.24
N TYR A 44 4.39 15.15 -4.42
CA TYR A 44 5.13 14.42 -3.37
C TYR A 44 6.52 15.02 -3.12
N LYS A 45 6.98 15.85 -4.08
CA LYS A 45 8.23 16.57 -3.93
C LYS A 45 7.95 17.75 -2.97
N SER A 46 6.98 18.60 -3.30
CA SER A 46 6.73 19.76 -2.39
C SER A 46 6.30 19.32 -1.02
N ALA A 47 5.37 18.37 -1.01
CA ALA A 47 4.79 17.93 0.24
C ALA A 47 5.70 17.17 1.21
N PHE A 48 6.46 16.20 0.68
CA PHE A 48 7.28 15.32 1.52
C PHE A 48 8.76 15.26 1.16
N GLY A 49 9.14 15.98 0.11
CA GLY A 49 10.53 15.91 -0.35
C GLY A 49 10.86 14.53 -0.90
N ALA A 50 9.91 13.87 -1.57
CA ALA A 50 10.16 12.57 -2.17
C ALA A 50 11.18 12.82 -3.28
N ILE A 51 12.04 11.82 -3.51
CA ILE A 51 13.07 11.89 -4.58
C ILE A 51 12.67 10.92 -5.69
N GLU A 52 12.58 11.43 -6.91
CA GLU A 52 12.20 10.59 -8.03
C GLU A 52 13.35 9.76 -8.68
N SER A 53 13.06 8.45 -8.70
CA SER A 53 13.78 7.32 -9.27
C SER A 53 14.53 6.38 -8.35
N HIS A 69 2.42 1.40 -22.99
CA HIS A 69 3.39 1.06 -21.96
C HIS A 69 2.98 1.67 -20.60
N VAL A 70 3.31 0.97 -19.50
CA VAL A 70 3.00 1.47 -18.15
C VAL A 70 3.66 2.84 -17.94
N LEU A 71 2.89 3.82 -17.48
CA LEU A 71 3.39 5.16 -17.18
C LEU A 71 3.50 5.17 -15.67
N SER A 72 4.68 5.47 -15.19
CA SER A 72 4.92 5.42 -13.75
C SER A 72 6.17 6.16 -13.35
N SER A 73 6.37 6.20 -12.05
CA SER A 73 7.59 6.85 -11.56
C SER A 73 7.73 6.43 -10.12
N GLU A 74 8.80 5.67 -9.85
CA GLU A 74 9.09 5.14 -8.50
C GLU A 74 9.77 6.20 -7.70
N LEU A 75 9.15 6.56 -6.58
CA LEU A 75 9.60 7.63 -5.71
C LEU A 75 10.32 7.11 -4.48
N ASN A 76 11.08 8.00 -3.81
CA ASN A 76 11.84 7.56 -2.64
C ASN A 76 11.63 8.53 -1.48
N LEU A 77 11.28 7.92 -0.35
CA LEU A 77 11.07 8.60 0.96
C LEU A 77 11.70 7.75 2.06
N ALA A 78 12.49 8.39 2.94
CA ALA A 78 13.07 7.73 4.12
C ALA A 78 13.75 6.42 3.75
N GLY A 79 14.40 6.37 2.61
CA GLY A 79 15.09 5.12 2.25
C GLY A 79 14.26 3.94 1.75
N SER A 80 12.96 4.16 1.54
CA SER A 80 12.00 3.11 1.03
C SER A 80 11.38 3.62 -0.27
N SER A 81 10.82 2.73 -1.08
CA SER A 81 10.26 3.20 -2.34
C SER A 81 8.78 2.95 -2.54
N PHE A 82 8.21 3.65 -3.53
CA PHE A 82 6.80 3.43 -3.91
C PHE A 82 6.67 3.93 -5.32
N VAL A 83 5.78 3.27 -6.07
CA VAL A 83 5.62 3.63 -7.46
C VAL A 83 4.21 4.20 -7.70
N VAL A 84 4.16 5.31 -8.44
CA VAL A 84 2.92 5.96 -8.75
C VAL A 84 2.60 5.52 -10.17
N CYS A 85 1.47 4.86 -10.35
CA CYS A 85 1.12 4.31 -11.67
C CYS A 85 -0.15 4.91 -12.27
N ASP A 86 -0.08 5.23 -13.57
CA ASP A 86 -1.23 5.81 -14.33
C ASP A 86 -2.13 4.62 -14.57
N VAL A 87 -3.32 4.65 -13.99
CA VAL A 87 -4.19 3.50 -14.07
C VAL A 87 -4.64 3.23 -15.52
N SER A 88 -4.65 4.28 -16.34
CA SER A 88 -5.14 4.12 -17.75
C SER A 88 -4.04 3.47 -18.56
N SER A 89 -2.87 3.28 -17.96
CA SER A 89 -1.76 2.70 -18.69
C SER A 89 -1.48 1.28 -18.19
N LEU A 90 -2.26 0.81 -17.20
CA LEU A 90 -2.08 -0.54 -16.71
C LEU A 90 -3.27 -1.33 -17.24
N PRO A 91 -2.98 -2.39 -18.03
CA PRO A 91 -4.07 -3.19 -18.57
C PRO A 91 -4.69 -4.04 -17.50
N GLY A 92 -6.02 -4.19 -17.56
CA GLY A 92 -6.67 -5.04 -16.58
C GLY A 92 -7.26 -4.27 -15.43
N PHE A 93 -6.87 -2.99 -15.29
CA PHE A 93 -7.36 -2.13 -14.23
C PHE A 93 -8.63 -1.36 -14.63
N SER A 94 -9.61 -1.30 -13.73
CA SER A 94 -10.86 -0.61 -14.02
C SER A 94 -11.08 0.68 -13.22
N THR A 95 -10.24 0.94 -12.20
CA THR A 95 -10.32 2.18 -11.43
C THR A 95 -9.06 2.48 -10.57
N ALA A 96 -8.74 3.78 -10.41
CA ALA A 96 -7.59 4.21 -9.60
C ALA A 96 -8.01 4.38 -8.14
N LYS A 97 -9.32 4.32 -7.89
CA LYS A 97 -9.76 4.50 -6.50
C LYS A 97 -9.05 5.78 -6.05
N SER A 98 -9.30 6.89 -6.74
CA SER A 98 -8.65 8.17 -6.38
C SER A 98 -9.57 8.84 -5.38
N GLU A 99 -10.74 9.24 -5.85
CA GLU A 99 -11.73 9.88 -5.00
C GLU A 99 -12.37 8.79 -4.16
N GLY A 100 -11.54 8.04 -3.46
CA GLY A 100 -12.04 6.95 -2.66
C GLY A 100 -11.11 5.75 -2.60
N SER A 101 -10.46 5.58 -1.45
CA SER A 101 -9.59 4.45 -1.22
C SER A 101 -9.32 4.31 0.31
N GLY A 102 -8.51 3.28 0.55
CA GLY A 102 -8.05 2.89 1.85
C GLY A 102 -6.55 2.97 1.89
N VAL A 103 -5.91 3.50 0.82
CA VAL A 103 -4.45 3.55 0.75
C VAL A 103 -3.96 4.46 1.87
N THR A 104 -3.01 3.93 2.64
CA THR A 104 -2.51 4.61 3.84
C THR A 104 -1.04 4.37 3.99
N PHE A 105 -0.31 5.44 4.27
CA PHE A 105 1.13 5.33 4.47
C PHE A 105 1.51 5.96 5.80
N LEU A 106 2.54 5.40 6.41
CA LEU A 106 3.05 5.96 7.65
C LEU A 106 4.44 6.56 7.33
N LEU A 107 4.73 7.72 7.95
CA LEU A 107 6.04 8.40 7.81
C LEU A 107 6.51 8.69 9.23
N GLY A 108 7.70 8.18 9.60
CA GLY A 108 8.29 8.49 10.90
C GLY A 108 8.91 9.89 10.86
N THR A 109 8.68 10.66 11.91
CA THR A 109 9.22 12.00 11.97
C THR A 109 9.37 12.44 13.43
N LYS A 110 10.22 13.44 13.65
CA LYS A 110 10.46 13.97 15.00
C LYS A 110 9.61 15.22 15.27
N ASP A 111 8.76 15.58 14.31
CA ASP A 111 7.93 16.78 14.48
C ASP A 111 6.70 16.66 13.57
N ALA A 112 5.73 15.87 13.97
CA ALA A 112 4.56 15.66 13.12
C ALA A 112 3.85 16.98 12.74
N GLU A 113 3.79 17.95 13.66
CA GLU A 113 3.16 19.24 13.38
C GLU A 113 3.84 19.96 12.20
N ALA A 114 5.16 20.02 12.18
CA ALA A 114 5.83 20.73 11.10
C ALA A 114 5.62 19.98 9.77
N ALA A 115 5.56 18.64 9.85
CA ALA A 115 5.37 17.84 8.62
C ALA A 115 3.99 18.07 8.02
N VAL A 116 2.97 18.13 8.90
CA VAL A 116 1.62 18.39 8.42
C VAL A 116 1.57 19.78 7.73
N ALA A 117 2.13 20.79 8.39
CA ALA A 117 2.06 22.13 7.83
C ALA A 117 2.72 22.24 6.43
N LYS A 118 3.87 21.59 6.25
CA LYS A 118 4.55 21.63 4.94
C LYS A 118 3.64 20.93 3.91
N ALA A 119 3.01 19.82 4.35
CA ALA A 119 2.17 19.06 3.41
C ALA A 119 0.95 19.88 2.98
N VAL A 120 0.33 20.53 3.94
CA VAL A 120 -0.87 21.33 3.66
C VAL A 120 -0.45 22.53 2.79
N ASP A 121 0.74 23.10 3.05
CA ASP A 121 1.17 24.25 2.19
C ASP A 121 1.37 23.79 0.74
N ALA A 122 1.43 22.45 0.53
CA ALA A 122 1.63 21.89 -0.79
C ALA A 122 0.34 21.35 -1.36
N GLY A 123 -0.75 21.43 -0.58
CA GLY A 123 -2.02 20.98 -1.12
C GLY A 123 -2.74 19.84 -0.37
N ALA A 124 -2.14 19.35 0.71
CA ALA A 124 -2.78 18.27 1.51
C ALA A 124 -3.80 18.91 2.45
N VAL A 125 -4.71 18.07 2.96
CA VAL A 125 -5.75 18.54 3.89
C VAL A 125 -5.46 17.93 5.24
N LYS A 126 -5.29 18.78 6.28
CA LYS A 126 -5.00 18.29 7.62
C LYS A 126 -6.27 17.65 8.22
N VAL A 127 -6.10 16.49 8.84
CA VAL A 127 -7.23 15.81 9.51
C VAL A 127 -6.82 15.72 11.00
N GLU A 128 -7.67 16.19 11.93
CA GLU A 128 -7.31 16.15 13.34
C GLU A 128 -7.12 14.72 13.75
N VAL A 129 -6.09 14.44 14.53
CA VAL A 129 -5.83 13.08 14.96
C VAL A 129 -6.79 12.72 16.09
N THR A 130 -7.10 11.44 16.15
CA THR A 130 -8.00 10.94 17.19
C THR A 130 -7.22 10.53 18.42
N GLU A 131 -7.93 10.40 19.54
CA GLU A 131 -7.25 9.93 20.76
C GLU A 131 -6.66 8.52 20.47
N ALA A 132 -7.40 7.74 19.67
CA ALA A 132 -6.99 6.42 19.25
C ALA A 132 -5.58 6.49 18.55
N GLU A 133 -5.43 7.44 17.62
CA GLU A 133 -4.14 7.63 16.92
C GLU A 133 -3.03 8.16 17.86
N VAL A 134 -3.39 9.12 18.70
CA VAL A 134 -2.37 9.64 19.65
C VAL A 134 -1.81 8.55 20.58
N GLU A 135 -2.64 7.57 20.93
CA GLU A 135 -2.20 6.47 21.82
C GLU A 135 -1.33 5.46 21.06
N LEU A 136 -1.42 5.48 19.72
CA LEU A 136 -0.67 4.57 18.85
C LEU A 136 0.63 5.18 18.45
N GLY A 137 0.86 6.38 18.97
CA GLY A 137 2.08 7.07 18.67
C GLY A 137 2.00 7.99 17.47
N PHE A 138 0.79 8.19 16.92
CA PHE A 138 0.60 9.05 15.74
C PHE A 138 0.36 10.47 16.23
N LYS A 139 0.90 11.47 15.51
CA LYS A 139 0.74 12.82 15.97
C LYS A 139 0.31 13.84 14.91
N GLY A 140 0.01 13.32 13.72
CA GLY A 140 -0.44 14.17 12.62
C GLY A 140 -0.99 13.27 11.51
N LYS A 141 -1.84 13.85 10.65
CA LYS A 141 -2.46 13.08 9.57
C LYS A 141 -2.98 14.01 8.47
N VAL A 142 -2.74 13.65 7.22
CA VAL A 142 -3.30 14.48 6.15
C VAL A 142 -3.79 13.57 5.06
N THR A 143 -4.68 14.10 4.19
CA THR A 143 -5.10 13.35 3.03
C THR A 143 -4.56 14.18 1.85
N ASP A 144 -4.27 13.51 0.74
CA ASP A 144 -3.72 14.27 -0.38
C ASP A 144 -4.68 14.31 -1.53
N PRO A 145 -4.35 15.06 -2.59
CA PRO A 145 -5.26 15.17 -3.74
C PRO A 145 -5.40 13.92 -4.53
N PHE A 146 -4.67 12.85 -4.14
CA PHE A 146 -4.75 11.59 -4.87
C PHE A 146 -5.45 10.52 -4.02
N GLY A 147 -6.06 10.97 -2.92
CA GLY A 147 -6.84 10.05 -2.10
C GLY A 147 -6.06 9.23 -1.12
N VAL A 148 -4.78 9.54 -0.98
CA VAL A 148 -3.97 8.77 -0.03
C VAL A 148 -4.07 9.44 1.37
N THR A 149 -3.91 8.64 2.42
CA THR A 149 -3.91 9.14 3.78
C THR A 149 -2.52 8.88 4.29
N TRP A 150 -1.93 9.92 4.86
CA TRP A 150 -0.60 9.87 5.45
C TRP A 150 -0.64 10.15 6.92
N ILE A 151 -0.06 9.26 7.73
CA ILE A 151 -0.02 9.46 9.18
C ILE A 151 1.44 9.77 9.56
N PHE A 152 1.65 10.67 10.52
CA PHE A 152 3.01 11.07 10.95
C PHE A 152 3.19 10.54 12.35
N ALA A 153 4.18 9.68 12.47
CA ALA A 153 4.48 9.03 13.74
C ALA A 153 5.70 9.72 14.26
N GLU A 154 5.56 10.24 15.46
CA GLU A 154 6.67 10.94 16.06
C GLU A 154 7.07 10.19 17.32
N VAL B 22 12.90 16.22 7.46
CA VAL B 22 13.61 14.89 7.68
C VAL B 22 12.65 13.73 8.10
N PHE B 23 12.67 12.63 7.38
CA PHE B 23 11.83 11.48 7.78
C PHE B 23 12.77 10.37 8.33
N THR B 24 12.18 9.38 8.96
CA THR B 24 13.00 8.32 9.55
C THR B 24 12.57 7.03 8.95
N GLU B 25 11.29 6.95 8.54
CA GLU B 25 10.90 5.68 7.92
C GLU B 25 9.60 5.85 7.13
N PHE B 26 9.36 4.94 6.19
CA PHE B 26 8.18 5.01 5.32
C PHE B 26 7.62 3.61 5.40
N LYS B 27 6.32 3.46 5.62
CA LYS B 27 5.74 2.12 5.77
C LYS B 27 4.25 2.13 5.37
N GLN B 28 3.86 1.28 4.43
CA GLN B 28 2.46 1.24 4.08
C GLN B 28 1.71 0.50 5.20
N LEU B 30 -1.77 -1.58 5.81
CA LEU B 30 -2.90 -2.27 5.15
C LEU B 30 -3.99 -2.37 6.24
N LEU B 31 -5.14 -1.76 5.96
CA LEU B 31 -6.23 -1.74 6.95
C LEU B 31 -7.06 -3.02 6.83
N VAL B 32 -7.37 -3.63 7.96
CA VAL B 32 -8.16 -4.85 7.87
C VAL B 32 -9.27 -4.75 8.93
N GLU B 33 -10.27 -5.57 8.68
CA GLU B 33 -11.45 -5.66 9.53
C GLU B 33 -11.08 -5.96 10.98
N ALA B 34 -11.93 -5.49 11.89
CA ALA B 34 -11.74 -5.72 13.32
C ALA B 34 -11.56 -7.23 13.59
N GLN B 35 -10.59 -7.51 14.46
CA GLN B 35 -10.24 -8.87 14.86
C GLN B 35 -9.60 -9.75 13.74
N LYS B 36 -9.42 -9.23 12.52
CA LYS B 36 -8.89 -10.06 11.42
C LYS B 36 -7.40 -10.08 11.18
N VAL B 37 -6.65 -9.25 11.88
CA VAL B 37 -5.19 -9.21 11.60
C VAL B 37 -4.55 -10.57 11.72
N GLY B 38 -4.98 -11.38 12.69
CA GLY B 38 -4.33 -12.71 12.77
C GLY B 38 -4.57 -13.53 11.50
N ASP B 39 -5.81 -13.51 10.98
CA ASP B 39 -6.12 -14.28 9.77
C ASP B 39 -5.31 -13.72 8.60
N ALA B 40 -5.06 -12.41 8.67
CA ALA B 40 -4.26 -11.77 7.62
C ALA B 40 -2.79 -12.22 7.71
N VAL B 41 -2.22 -12.19 8.92
CA VAL B 41 -0.82 -12.63 9.09
C VAL B 41 -0.69 -14.09 8.61
N THR B 42 -1.66 -14.92 9.00
CA THR B 42 -1.67 -16.32 8.60
C THR B 42 -1.71 -16.44 7.08
N PHE B 43 -2.60 -15.64 6.48
CA PHE B 43 -2.74 -15.67 5.05
C PHE B 43 -1.47 -15.20 4.39
N TYR B 44 -0.86 -14.12 4.92
CA TYR B 44 0.34 -13.59 4.25
C TYR B 44 1.54 -14.53 4.38
N LYS B 45 1.65 -15.20 5.52
CA LYS B 45 2.72 -16.19 5.64
C LYS B 45 2.44 -17.35 4.68
N SER B 46 1.22 -17.89 4.76
CA SER B 46 0.92 -19.03 3.92
C SER B 46 1.05 -18.76 2.42
N ALA B 47 0.49 -17.66 1.92
CA ALA B 47 0.51 -17.34 0.49
C ALA B 47 1.86 -16.91 -0.09
N PHE B 48 2.55 -16.07 0.67
CA PHE B 48 3.77 -15.47 0.17
C PHE B 48 5.05 -15.72 0.95
N GLY B 49 4.96 -16.40 2.07
CA GLY B 49 6.16 -16.62 2.86
C GLY B 49 6.60 -15.34 3.56
N ALA B 50 5.66 -14.42 3.77
CA ALA B 50 5.96 -13.20 4.54
C ALA B 50 6.28 -13.63 5.98
N ILE B 51 7.17 -12.89 6.62
CA ILE B 51 7.51 -13.21 8.00
C ILE B 51 7.24 -12.05 8.93
N GLU B 52 6.73 -12.35 10.10
CA GLU B 52 6.44 -11.32 11.08
C GLU B 52 7.74 -10.87 11.72
N SER B 53 7.99 -9.58 11.66
CA SER B 53 9.20 -9.04 12.20
C SER B 53 8.96 -8.62 13.64
N GLY B 54 7.66 -8.61 14.02
CA GLY B 54 7.13 -8.23 15.35
C GLY B 54 5.61 -7.91 15.22
N HIS B 55 4.87 -7.78 16.34
CA HIS B 55 3.42 -7.44 16.32
C HIS B 55 2.98 -6.85 17.64
N SER B 56 1.75 -6.35 17.74
CA SER B 56 1.26 -5.83 19.01
C SER B 56 -0.16 -6.35 19.28
N LEU B 57 -0.36 -6.91 20.46
CA LEU B 57 -1.64 -7.49 20.86
C LEU B 57 -2.70 -6.50 21.34
N HIS B 69 -6.63 -11.26 20.09
CA HIS B 69 -6.62 -10.57 18.79
C HIS B 69 -5.33 -9.78 18.66
N VAL B 70 -5.06 -9.25 17.46
CA VAL B 70 -3.81 -8.49 17.23
C VAL B 70 -4.12 -7.06 16.78
N LEU B 71 -3.45 -6.09 17.35
CA LEU B 71 -3.74 -4.71 16.95
C LEU B 71 -3.01 -4.28 15.64
N SER B 72 -1.72 -4.55 15.59
CA SER B 72 -0.89 -4.26 14.40
C SER B 72 0.25 -5.27 14.43
N SER B 73 0.84 -5.51 13.26
CA SER B 73 1.96 -6.47 13.12
C SER B 73 2.67 -6.11 11.82
N GLU B 74 4.00 -6.12 11.79
CA GLU B 74 4.70 -5.79 10.53
C GLU B 74 5.19 -7.08 9.90
N LEU B 75 5.07 -7.19 8.58
CA LEU B 75 5.41 -8.40 7.87
C LEU B 75 6.46 -8.18 6.80
N ASN B 76 7.69 -8.64 7.04
CA ASN B 76 8.74 -8.54 6.04
C ASN B 76 8.43 -9.46 4.89
N LEU B 77 8.68 -8.95 3.68
CA LEU B 77 8.44 -9.73 2.49
C LEU B 77 9.30 -9.27 1.35
N ALA B 78 10.16 -10.18 0.93
CA ALA B 78 11.01 -9.95 -0.23
C ALA B 78 11.65 -8.56 -0.35
N GLY B 79 12.42 -8.22 0.71
CA GLY B 79 13.18 -6.98 0.75
C GLY B 79 12.49 -5.78 1.34
N SER B 80 11.17 -5.81 1.38
CA SER B 80 10.50 -4.66 1.94
C SER B 80 9.44 -5.15 2.89
N SER B 81 8.37 -4.40 3.03
CA SER B 81 7.39 -4.87 3.96
C SER B 81 6.20 -3.97 4.07
N PHE B 82 5.22 -4.44 4.83
CA PHE B 82 4.04 -3.59 5.09
C PHE B 82 3.48 -3.92 6.44
N VAL B 83 2.60 -3.06 6.94
CA VAL B 83 2.08 -3.28 8.27
C VAL B 83 0.58 -3.56 8.16
N VAL B 84 0.11 -4.45 9.03
CA VAL B 84 -1.30 -4.85 9.08
C VAL B 84 -1.88 -4.12 10.31
N CYS B 85 -3.03 -3.48 10.12
CA CYS B 85 -3.59 -2.72 11.23
C CYS B 85 -5.09 -2.92 11.40
N ASP B 86 -5.50 -3.13 12.65
CA ASP B 86 -6.96 -3.35 12.94
C ASP B 86 -7.70 -2.04 12.75
N VAL B 87 -8.58 -1.95 11.75
CA VAL B 87 -9.26 -0.69 11.47
C VAL B 87 -10.11 -0.25 12.67
N SER B 88 -10.44 -1.16 13.59
CA SER B 88 -11.22 -0.68 14.74
C SER B 88 -10.35 0.24 15.61
N SER B 89 -9.06 -0.07 15.76
CA SER B 89 -8.19 0.81 16.55
C SER B 89 -7.87 2.17 15.90
N LEU B 90 -8.48 2.44 14.74
CA LEU B 90 -8.23 3.65 13.92
C LEU B 90 -9.59 4.21 13.46
N PRO B 91 -10.41 4.66 14.42
CA PRO B 91 -11.72 5.21 14.05
C PRO B 91 -11.59 6.32 13.04
N GLY B 92 -12.48 6.33 12.04
CA GLY B 92 -12.40 7.35 11.01
C GLY B 92 -11.69 6.86 9.76
N PHE B 93 -11.17 5.63 9.78
CA PHE B 93 -10.53 5.02 8.61
C PHE B 93 -11.44 3.96 8.07
N SER B 94 -11.26 3.61 6.81
CA SER B 94 -12.10 2.56 6.24
C SER B 94 -11.17 1.61 5.48
N THR B 95 -11.47 0.34 5.53
CA THR B 95 -10.69 -0.64 4.79
C THR B 95 -11.00 -0.51 3.25
N ALA B 96 -12.17 0.04 2.92
CA ALA B 96 -12.64 0.16 1.51
C ALA B 96 -12.68 -1.23 0.90
N LYS B 97 -12.83 -2.24 1.74
CA LYS B 97 -12.80 -3.58 1.17
C LYS B 97 -14.07 -3.98 0.48
N SER B 98 -15.24 -3.53 0.96
CA SER B 98 -16.49 -3.98 0.34
C SER B 98 -16.76 -3.50 -1.08
N GLU B 99 -16.33 -2.27 -1.40
CA GLU B 99 -16.53 -1.72 -2.74
C GLU B 99 -15.27 -1.90 -3.63
N GLY B 100 -14.19 -2.36 -3.00
CA GLY B 100 -12.96 -2.60 -3.72
C GLY B 100 -11.97 -1.53 -3.31
N SER B 101 -10.80 -1.90 -2.83
CA SER B 101 -9.86 -0.89 -2.46
C SER B 101 -8.92 -0.74 -3.69
N GLY B 102 -8.05 0.22 -3.51
CA GLY B 102 -7.07 0.47 -4.54
C GLY B 102 -5.74 -0.06 -4.07
N VAL B 103 -5.74 -0.87 -3.00
CA VAL B 103 -4.44 -1.35 -2.50
C VAL B 103 -3.98 -2.46 -3.46
N THR B 104 -2.78 -2.25 -3.99
CA THR B 104 -2.27 -3.12 -5.05
C THR B 104 -0.77 -3.25 -4.91
N PHE B 105 -0.26 -4.47 -4.99
CA PHE B 105 1.18 -4.64 -4.89
C PHE B 105 1.73 -5.51 -5.99
N LEU B 106 3.02 -5.31 -6.31
CA LEU B 106 3.69 -6.16 -7.28
C LEU B 106 4.71 -7.10 -6.56
N LEU B 107 4.79 -8.34 -7.06
CA LEU B 107 5.73 -9.34 -6.55
C LEU B 107 6.35 -10.04 -7.77
N GLY B 108 7.69 -10.10 -7.82
CA GLY B 108 8.40 -10.80 -8.91
C GLY B 108 8.39 -12.29 -8.57
N THR B 109 8.58 -13.14 -9.57
CA THR B 109 8.57 -14.56 -9.32
C THR B 109 8.98 -15.36 -10.53
N LYS B 110 9.62 -16.50 -10.29
CA LYS B 110 10.00 -17.32 -11.42
C LYS B 110 8.81 -17.79 -12.24
N ASP B 111 7.69 -18.08 -11.57
CA ASP B 111 6.53 -18.55 -12.30
C ASP B 111 5.26 -18.06 -11.67
N ALA B 112 4.52 -17.24 -12.41
CA ALA B 112 3.31 -16.65 -11.88
C ALA B 112 2.19 -17.63 -11.52
N GLU B 113 1.78 -18.50 -12.46
CA GLU B 113 0.69 -19.42 -12.13
C GLU B 113 1.06 -20.21 -10.87
N ALA B 114 2.35 -20.48 -10.71
CA ALA B 114 2.87 -21.18 -9.54
C ALA B 114 2.58 -20.39 -8.27
N ALA B 115 2.77 -19.08 -8.36
CA ALA B 115 2.55 -18.19 -7.18
C ALA B 115 1.05 -18.01 -6.95
N VAL B 116 0.28 -17.94 -8.04
CA VAL B 116 -1.18 -17.83 -7.94
C VAL B 116 -1.72 -19.03 -7.14
N ALA B 117 -1.21 -20.22 -7.48
CA ALA B 117 -1.63 -21.45 -6.82
C ALA B 117 -1.44 -21.45 -5.32
N LYS B 118 -0.30 -20.97 -4.86
CA LYS B 118 -0.04 -20.95 -3.43
C LYS B 118 -1.05 -19.96 -2.80
N ALA B 119 -1.21 -18.78 -3.42
CA ALA B 119 -2.10 -17.72 -2.91
C ALA B 119 -3.56 -18.21 -2.90
N VAL B 120 -4.00 -18.85 -3.98
CA VAL B 120 -5.38 -19.36 -4.03
C VAL B 120 -5.59 -20.42 -2.92
N ASP B 121 -4.60 -21.30 -2.76
CA ASP B 121 -4.61 -22.36 -1.74
C ASP B 121 -4.81 -21.72 -0.37
N ALA B 122 -4.37 -20.47 -0.22
CA ALA B 122 -4.50 -19.78 1.07
C ALA B 122 -5.79 -18.97 1.14
N GLY B 123 -6.53 -18.88 0.03
CA GLY B 123 -7.78 -18.12 0.08
C GLY B 123 -7.95 -16.97 -0.94
N ALA B 124 -6.89 -16.66 -1.70
CA ALA B 124 -7.00 -15.59 -2.70
C ALA B 124 -7.85 -16.07 -3.85
N VAL B 125 -8.06 -15.22 -4.84
CA VAL B 125 -8.79 -15.60 -6.05
C VAL B 125 -8.04 -15.11 -7.30
N LYS B 126 -7.93 -16.02 -8.27
CA LYS B 126 -7.22 -15.77 -9.52
C LYS B 126 -7.97 -14.97 -10.55
N VAL B 127 -7.40 -13.83 -10.94
CA VAL B 127 -7.97 -12.99 -11.96
C VAL B 127 -7.24 -13.36 -13.25
N GLU B 128 -7.96 -13.89 -14.25
CA GLU B 128 -7.32 -14.27 -15.49
C GLU B 128 -6.64 -13.04 -16.10
N VAL B 129 -5.45 -13.22 -16.66
CA VAL B 129 -4.75 -12.10 -17.30
C VAL B 129 -4.77 -12.24 -18.83
N THR B 130 -4.91 -11.10 -19.51
CA THR B 130 -4.94 -11.04 -20.96
C THR B 130 -3.53 -10.91 -21.53
N GLU B 131 -3.42 -11.18 -22.84
CA GLU B 131 -2.12 -11.08 -23.49
C GLU B 131 -1.49 -9.70 -23.29
N ALA B 132 -2.30 -8.65 -23.31
CA ALA B 132 -1.68 -7.35 -23.13
C ALA B 132 -1.00 -7.39 -21.74
N GLU B 133 -1.76 -7.74 -20.72
CA GLU B 133 -1.19 -7.86 -19.39
C GLU B 133 0.08 -8.70 -19.48
N VAL B 134 -0.01 -9.84 -20.14
CA VAL B 134 1.18 -10.67 -20.30
C VAL B 134 2.29 -9.92 -21.05
N GLU B 135 1.98 -9.24 -22.16
CA GLU B 135 3.02 -8.52 -22.90
C GLU B 135 3.77 -7.49 -22.02
N LEU B 136 3.07 -6.92 -21.04
CA LEU B 136 3.68 -5.93 -20.14
C LEU B 136 4.33 -6.54 -18.90
N GLY B 137 4.50 -7.86 -18.90
CA GLY B 137 5.11 -8.52 -17.75
C GLY B 137 4.11 -8.95 -16.68
N PHE B 138 2.82 -8.65 -16.87
CA PHE B 138 1.84 -9.01 -15.84
C PHE B 138 1.24 -10.39 -16.11
N LYS B 139 2.00 -11.42 -15.72
CA LYS B 139 1.63 -12.83 -15.97
C LYS B 139 0.99 -13.65 -14.87
N GLY B 140 0.40 -12.95 -13.90
CA GLY B 140 -0.27 -13.62 -12.81
C GLY B 140 -0.83 -12.49 -11.95
N LYS B 141 -2.15 -12.51 -11.80
CA LYS B 141 -2.88 -11.48 -10.99
C LYS B 141 -3.69 -12.25 -9.97
N VAL B 142 -3.67 -11.78 -8.72
CA VAL B 142 -4.46 -12.37 -7.63
C VAL B 142 -5.06 -11.30 -6.73
N THR B 143 -6.34 -11.45 -6.37
CA THR B 143 -6.96 -10.53 -5.40
C THR B 143 -6.97 -11.39 -4.11
N ASP B 144 -6.68 -10.78 -2.96
CA ASP B 144 -6.59 -11.58 -1.77
C ASP B 144 -7.83 -11.38 -0.92
N PRO B 145 -7.94 -12.08 0.23
CA PRO B 145 -9.13 -11.96 1.08
C PRO B 145 -9.44 -10.65 1.71
N PHE B 146 -8.39 -9.85 1.88
CA PHE B 146 -8.43 -8.55 2.54
C PHE B 146 -8.55 -7.46 1.48
N GLY B 147 -8.86 -7.91 0.26
CA GLY B 147 -9.17 -7.01 -0.83
C GLY B 147 -7.97 -6.46 -1.58
N VAL B 148 -6.77 -6.90 -1.21
CA VAL B 148 -5.54 -6.39 -1.88
C VAL B 148 -5.41 -7.09 -3.23
N THR B 149 -4.99 -6.34 -4.25
CA THR B 149 -4.75 -6.91 -5.57
C THR B 149 -3.24 -7.09 -5.72
N TRP B 150 -2.82 -8.30 -6.04
CA TRP B 150 -1.42 -8.64 -6.25
C TRP B 150 -1.23 -8.97 -7.75
N ILE B 151 0.00 -8.73 -8.17
CA ILE B 151 0.45 -8.97 -9.55
C ILE B 151 1.84 -9.56 -9.46
N PHE B 152 2.04 -10.66 -10.20
CA PHE B 152 3.32 -11.34 -10.18
C PHE B 152 4.01 -11.01 -11.52
N ALA B 153 5.19 -10.42 -11.43
CA ALA B 153 5.92 -10.10 -12.64
C ALA B 153 6.91 -11.24 -12.84
N GLU B 154 7.08 -11.69 -14.09
CA GLU B 154 8.00 -12.78 -14.40
C GLU B 154 9.41 -12.26 -14.51
N HIS A 20 11.00 -24.16 -1.99
CA HIS A 20 10.49 -22.98 -1.21
C HIS A 20 10.23 -21.83 -2.16
N LEU A 21 9.00 -21.35 -2.25
CA LEU A 21 8.70 -20.23 -3.12
C LEU A 21 9.32 -18.95 -2.51
N VAL A 22 9.79 -18.05 -3.37
CA VAL A 22 10.44 -16.82 -2.88
C VAL A 22 10.36 -15.67 -3.87
N PHE A 23 10.05 -14.49 -3.38
CA PHE A 23 9.96 -13.32 -4.25
C PHE A 23 11.19 -12.48 -4.10
N THR A 24 11.62 -11.91 -5.22
CA THR A 24 12.81 -11.09 -5.27
C THR A 24 12.51 -9.59 -5.28
N GLU A 25 11.23 -9.23 -5.34
CA GLU A 25 10.90 -7.83 -5.34
C GLU A 25 9.49 -7.70 -4.79
N PHE A 26 9.27 -6.65 -4.02
CA PHE A 26 7.96 -6.39 -3.45
C PHE A 26 7.78 -4.88 -3.55
N LYS A 27 6.96 -4.49 -4.51
CA LYS A 27 6.68 -3.08 -4.75
C LYS A 27 5.29 -2.75 -4.30
N GLN A 28 5.11 -1.46 -4.02
CA GLN A 28 3.84 -0.94 -3.54
C GLN A 28 3.41 0.02 -4.60
N LEU A 30 0.83 2.95 -6.07
CA LEU A 30 -0.27 3.90 -5.84
C LEU A 30 -0.81 4.16 -7.27
N LEU A 31 -2.10 3.90 -7.45
CA LEU A 31 -2.74 4.12 -8.76
C LEU A 31 -3.28 5.58 -8.80
N VAL A 32 -2.95 6.33 -9.85
CA VAL A 32 -3.49 7.68 -10.00
C VAL A 32 -4.30 7.74 -11.31
N GLU A 33 -5.16 8.78 -11.43
CA GLU A 33 -6.00 8.95 -12.60
C GLU A 33 -5.21 9.28 -13.86
N ALA A 34 -5.79 8.96 -15.02
CA ALA A 34 -5.05 9.18 -16.30
C ALA A 34 -4.35 10.54 -16.36
N GLN A 35 -3.12 10.50 -16.87
CA GLN A 35 -2.23 11.64 -17.09
C GLN A 35 -1.76 12.35 -15.83
N LYS A 36 -2.02 11.76 -14.65
CA LYS A 36 -1.64 12.43 -13.42
C LYS A 36 -0.37 11.99 -12.71
N VAL A 37 0.42 11.14 -13.33
CA VAL A 37 1.63 10.66 -12.65
C VAL A 37 2.61 11.81 -12.38
N GLY A 38 2.95 12.57 -13.45
CA GLY A 38 3.88 13.68 -13.23
C GLY A 38 3.35 14.66 -12.17
N ASP A 39 2.04 14.83 -12.10
CA ASP A 39 1.46 15.74 -11.13
C ASP A 39 1.63 15.21 -9.71
N ALA A 40 1.39 13.90 -9.53
CA ALA A 40 1.57 13.34 -8.18
C ALA A 40 3.05 13.37 -7.81
N VAL A 41 3.91 13.13 -8.77
CA VAL A 41 5.34 13.16 -8.49
C VAL A 41 5.80 14.51 -7.99
N THR A 42 5.29 15.59 -8.61
CA THR A 42 5.69 16.92 -8.17
C THR A 42 5.05 17.27 -6.86
N PHE A 43 3.79 16.84 -6.69
CA PHE A 43 3.15 17.09 -5.41
C PHE A 43 3.92 16.42 -4.26
N TYR A 44 4.34 15.17 -4.46
CA TYR A 44 5.05 14.44 -3.39
C TYR A 44 6.40 15.09 -3.15
N LYS A 45 7.07 15.55 -4.23
CA LYS A 45 8.34 16.23 -4.03
C LYS A 45 8.07 17.47 -3.16
N SER A 46 7.03 18.23 -3.51
CA SER A 46 6.73 19.45 -2.72
C SER A 46 6.31 19.21 -1.29
N ALA A 47 5.47 18.20 -1.12
CA ALA A 47 4.91 17.96 0.20
C ALA A 47 5.83 17.22 1.17
N PHE A 48 6.50 16.18 0.65
CA PHE A 48 7.31 15.29 1.49
C PHE A 48 8.80 15.21 1.14
N GLY A 49 9.21 15.89 0.08
CA GLY A 49 10.61 15.81 -0.37
C GLY A 49 10.89 14.45 -1.01
N ALA A 50 9.87 13.81 -1.59
CA ALA A 50 10.10 12.52 -2.23
C ALA A 50 11.11 12.76 -3.35
N ILE A 51 11.95 11.75 -3.62
CA ILE A 51 12.96 11.80 -4.68
C ILE A 51 12.69 10.63 -5.66
N GLU A 52 12.72 10.92 -6.95
CA GLU A 52 12.48 9.90 -7.97
C GLU A 52 13.73 9.05 -8.34
N SER A 53 13.46 7.76 -8.50
CA SER A 53 14.35 6.65 -8.84
C SER A 53 14.52 5.64 -7.71
N HIS A 69 3.37 1.38 -22.66
CA HIS A 69 3.89 0.80 -21.43
C HIS A 69 3.16 1.39 -20.19
N VAL A 70 3.54 0.92 -18.99
CA VAL A 70 2.90 1.39 -17.72
C VAL A 70 3.38 2.70 -17.07
N LEU A 71 3.05 3.83 -17.68
CA LEU A 71 3.46 5.14 -17.16
C LEU A 71 3.51 5.12 -15.64
N SER A 72 4.71 5.28 -15.14
CA SER A 72 4.94 5.22 -13.70
C SER A 72 6.21 5.89 -13.28
N SER A 73 6.24 6.20 -11.99
CA SER A 73 7.41 6.86 -11.41
C SER A 73 7.66 6.22 -10.05
N GLU A 74 8.92 5.97 -9.74
CA GLU A 74 9.25 5.37 -8.47
C GLU A 74 9.75 6.49 -7.63
N LEU A 75 9.20 6.58 -6.42
CA LEU A 75 9.52 7.65 -5.50
C LEU A 75 10.03 7.03 -4.19
N ASN A 76 10.92 7.79 -3.52
CA ASN A 76 11.62 7.32 -2.32
C ASN A 76 11.49 8.32 -1.16
N LEU A 77 11.16 7.81 0.01
CA LEU A 77 11.07 8.57 1.28
C LEU A 77 11.68 7.65 2.33
N ALA A 78 12.52 8.22 3.20
CA ALA A 78 13.12 7.49 4.32
C ALA A 78 13.85 6.25 3.86
N GLY A 79 14.42 6.28 2.68
CA GLY A 79 15.15 5.08 2.25
C GLY A 79 14.33 3.92 1.70
N SER A 80 13.05 4.16 1.41
CA SER A 80 12.18 3.09 0.86
C SER A 80 11.37 3.69 -0.28
N SER A 81 10.81 2.85 -1.14
CA SER A 81 10.11 3.45 -2.26
C SER A 81 8.70 2.99 -2.49
N PHE A 82 8.00 3.75 -3.36
CA PHE A 82 6.62 3.38 -3.82
C PHE A 82 6.51 3.87 -5.24
N VAL A 83 5.65 3.21 -6.01
CA VAL A 83 5.50 3.54 -7.42
C VAL A 83 4.12 4.16 -7.66
N VAL A 84 4.10 5.25 -8.41
CA VAL A 84 2.87 5.93 -8.73
C VAL A 84 2.57 5.51 -10.16
N CYS A 85 1.45 4.83 -10.35
CA CYS A 85 1.11 4.30 -11.68
C CYS A 85 -0.17 4.90 -12.25
N ASP A 86 -0.19 5.14 -13.56
CA ASP A 86 -1.36 5.73 -14.24
C ASP A 86 -2.32 4.57 -14.47
N VAL A 87 -3.52 4.65 -13.90
CA VAL A 87 -4.42 3.52 -13.98
C VAL A 87 -4.91 3.17 -15.38
N SER A 88 -4.90 4.17 -16.25
CA SER A 88 -5.39 3.94 -17.65
C SER A 88 -4.34 3.10 -18.37
N SER A 89 -3.09 3.12 -17.89
CA SER A 89 -2.03 2.37 -18.54
C SER A 89 -1.93 0.91 -18.01
N LEU A 90 -2.88 0.54 -17.14
CA LEU A 90 -2.94 -0.81 -16.54
C LEU A 90 -4.15 -1.65 -17.06
N PRO A 91 -3.95 -2.37 -18.18
CA PRO A 91 -5.10 -3.15 -18.66
C PRO A 91 -5.66 -3.99 -17.56
N GLY A 92 -6.96 -4.12 -17.49
CA GLY A 92 -7.49 -4.99 -16.45
C GLY A 92 -7.79 -4.25 -15.18
N PHE A 93 -7.37 -2.98 -15.14
CA PHE A 93 -7.62 -2.12 -13.98
C PHE A 93 -8.77 -1.16 -14.30
N SER A 94 -9.83 -1.22 -13.49
CA SER A 94 -10.99 -0.34 -13.66
C SER A 94 -10.60 1.11 -13.44
N THR A 95 -10.43 1.53 -12.18
CA THR A 95 -10.04 2.92 -11.90
C THR A 95 -9.03 3.00 -10.75
N ALA A 96 -8.59 4.22 -10.43
CA ALA A 96 -7.59 4.43 -9.38
C ALA A 96 -8.22 4.42 -7.99
N LYS A 97 -9.56 4.38 -7.97
CA LYS A 97 -10.33 4.38 -6.72
C LYS A 97 -9.98 5.61 -5.88
N SER A 98 -9.44 6.64 -6.55
CA SER A 98 -9.00 7.84 -5.83
C SER A 98 -10.03 8.36 -4.84
N GLU A 99 -11.32 8.12 -5.08
CA GLU A 99 -12.32 8.59 -4.13
C GLU A 99 -11.91 8.14 -2.71
N GLY A 100 -12.42 7.01 -2.25
CA GLY A 100 -12.10 6.57 -0.90
C GLY A 100 -11.32 5.29 -0.89
N SER A 101 -10.07 5.36 -1.35
CA SER A 101 -9.28 4.19 -1.38
C SER A 101 -9.00 3.98 0.13
N GLY A 102 -8.25 2.95 0.36
CA GLY A 102 -7.86 2.62 1.70
C GLY A 102 -6.38 2.79 1.76
N VAL A 103 -5.79 3.45 0.76
CA VAL A 103 -4.34 3.56 0.71
C VAL A 103 -3.85 4.48 1.81
N THR A 104 -2.98 3.91 2.65
CA THR A 104 -2.50 4.58 3.86
C THR A 104 -1.03 4.35 4.05
N PHE A 105 -0.30 5.45 4.27
CA PHE A 105 1.14 5.35 4.47
C PHE A 105 1.53 5.97 5.78
N LEU A 106 2.54 5.37 6.42
CA LEU A 106 3.07 5.94 7.64
C LEU A 106 4.44 6.55 7.32
N LEU A 107 4.74 7.71 7.93
CA LEU A 107 6.06 8.39 7.79
C LEU A 107 6.52 8.69 9.22
N GLY A 108 7.69 8.15 9.60
CA GLY A 108 8.27 8.48 10.90
C GLY A 108 8.91 9.86 10.83
N THR A 109 8.72 10.68 11.86
CA THR A 109 9.29 12.01 11.87
C THR A 109 9.56 12.47 13.30
N LYS A 110 10.45 13.46 13.42
CA LYS A 110 10.83 14.00 14.74
C LYS A 110 10.04 15.27 15.04
N ASP A 111 9.01 15.51 14.23
CA ASP A 111 8.16 16.68 14.39
C ASP A 111 7.04 16.61 13.39
N ALA A 112 5.97 15.94 13.79
CA ALA A 112 4.83 15.76 12.90
C ALA A 112 4.26 17.17 12.59
N GLU A 113 4.62 18.15 13.45
CA GLU A 113 4.14 19.51 13.31
C GLU A 113 4.56 20.18 12.03
N ALA A 114 5.87 20.30 11.84
CA ALA A 114 6.35 20.98 10.66
C ALA A 114 6.00 20.13 9.42
N ALA A 115 6.08 18.79 9.54
CA ALA A 115 5.78 17.94 8.36
C ALA A 115 4.30 18.12 7.93
N VAL A 116 3.37 18.13 8.91
CA VAL A 116 1.96 18.34 8.58
C VAL A 116 1.77 19.72 7.88
N ALA A 117 2.49 20.73 8.39
CA ALA A 117 2.34 22.06 7.84
C ALA A 117 2.87 22.19 6.42
N LYS A 118 4.00 21.56 6.18
CA LYS A 118 4.61 21.63 4.86
C LYS A 118 3.68 20.91 3.86
N ALA A 119 3.03 19.83 4.34
CA ALA A 119 2.13 19.06 3.43
C ALA A 119 0.95 19.88 2.97
N VAL A 120 0.32 20.53 3.94
CA VAL A 120 -0.85 21.36 3.65
C VAL A 120 -0.33 22.54 2.79
N ASP A 121 0.85 23.10 3.11
CA ASP A 121 1.34 24.22 2.25
C ASP A 121 1.50 23.77 0.79
N ALA A 122 1.47 22.45 0.55
CA ALA A 122 1.62 21.89 -0.79
C ALA A 122 0.31 21.36 -1.33
N GLY A 123 -0.77 21.44 -0.55
CA GLY A 123 -2.05 20.99 -1.10
C GLY A 123 -2.75 19.83 -0.39
N ALA A 124 -2.17 19.35 0.72
CA ALA A 124 -2.82 18.25 1.48
C ALA A 124 -3.87 18.87 2.39
N VAL A 125 -4.81 18.04 2.83
CA VAL A 125 -5.89 18.48 3.76
C VAL A 125 -5.55 17.90 5.10
N LYS A 126 -5.40 18.75 6.14
CA LYS A 126 -5.06 18.27 7.48
C LYS A 126 -6.32 17.59 8.09
N VAL A 127 -6.08 16.55 8.88
CA VAL A 127 -7.21 15.87 9.55
C VAL A 127 -6.78 15.76 11.04
N GLU A 128 -7.62 16.21 11.99
CA GLU A 128 -7.21 16.16 13.40
C GLU A 128 -7.07 14.70 13.78
N VAL A 129 -6.03 14.39 14.56
CA VAL A 129 -5.82 13.01 14.95
C VAL A 129 -6.81 12.64 16.05
N THR A 130 -7.05 11.35 16.13
CA THR A 130 -7.96 10.79 17.15
C THR A 130 -7.20 10.36 18.41
N GLU A 131 -7.95 10.15 19.49
CA GLU A 131 -7.36 9.66 20.75
C GLU A 131 -6.68 8.32 20.43
N ALA A 132 -7.40 7.51 19.65
CA ALA A 132 -6.91 6.20 19.22
C ALA A 132 -5.53 6.34 18.51
N GLU A 133 -5.43 7.29 17.56
CA GLU A 133 -4.15 7.52 16.87
C GLU A 133 -3.03 7.95 17.85
N VAL A 134 -3.36 8.89 18.74
CA VAL A 134 -2.37 9.30 19.74
C VAL A 134 -1.89 8.06 20.56
N GLU A 135 -2.81 7.22 21.03
CA GLU A 135 -2.39 6.03 21.80
C GLU A 135 -1.33 5.24 21.02
N LEU A 136 -1.34 5.41 19.70
CA LEU A 136 -0.41 4.69 18.83
C LEU A 136 0.81 5.52 18.46
N GLY A 137 0.90 6.73 19.01
CA GLY A 137 2.05 7.57 18.70
C GLY A 137 1.95 8.33 17.40
N PHE A 138 0.73 8.43 16.84
CA PHE A 138 0.46 9.14 15.55
C PHE A 138 0.01 10.54 15.86
N LYS A 139 0.90 11.51 15.64
CA LYS A 139 0.66 12.91 16.00
C LYS A 139 0.23 13.88 14.91
N GLY A 140 0.10 13.36 13.70
CA GLY A 140 -0.33 14.19 12.58
C GLY A 140 -0.92 13.29 11.49
N LYS A 141 -1.76 13.87 10.64
CA LYS A 141 -2.42 13.11 9.60
C LYS A 141 -2.95 14.04 8.51
N VAL A 142 -2.74 13.65 7.25
CA VAL A 142 -3.31 14.47 6.18
C VAL A 142 -3.79 13.57 5.09
N THR A 143 -4.67 14.12 4.22
CA THR A 143 -5.09 13.38 3.05
C THR A 143 -4.53 14.21 1.87
N ASP A 144 -4.27 13.54 0.75
CA ASP A 144 -3.71 14.29 -0.38
C ASP A 144 -4.67 14.29 -1.54
N PRO A 145 -4.30 15.01 -2.61
CA PRO A 145 -5.18 15.10 -3.80
C PRO A 145 -5.34 13.85 -4.59
N PHE A 146 -4.62 12.79 -4.19
CA PHE A 146 -4.69 11.51 -4.91
C PHE A 146 -5.38 10.44 -4.05
N GLY A 147 -6.04 10.90 -2.98
CA GLY A 147 -6.80 9.98 -2.15
C GLY A 147 -6.02 9.17 -1.15
N VAL A 148 -4.75 9.51 -0.96
CA VAL A 148 -3.94 8.75 0.00
C VAL A 148 -3.94 9.43 1.39
N THR A 149 -4.02 8.66 2.47
CA THR A 149 -3.96 9.27 3.81
C THR A 149 -2.57 8.98 4.32
N TRP A 150 -1.98 10.00 4.91
CA TRP A 150 -0.65 9.92 5.49
C TRP A 150 -0.71 10.13 6.96
N ILE A 151 -0.03 9.25 7.69
CA ILE A 151 0.03 9.27 9.15
C ILE A 151 1.49 9.62 9.55
N PHE A 152 1.67 10.57 10.47
CA PHE A 152 3.01 11.01 10.92
C PHE A 152 3.19 10.46 12.30
N ALA A 153 4.17 9.56 12.39
CA ALA A 153 4.43 8.90 13.64
C ALA A 153 5.55 9.64 14.28
N GLU A 154 5.28 10.00 15.50
CA GLU A 154 6.24 10.69 16.30
C GLU A 154 6.02 10.04 17.67
N VAL B 22 13.10 15.92 7.44
CA VAL B 22 13.76 14.54 7.50
C VAL B 22 12.72 13.45 7.92
N PHE B 23 12.50 12.44 7.10
CA PHE B 23 11.59 11.34 7.47
C PHE B 23 12.42 10.13 7.71
N THR B 24 12.25 9.53 8.89
CA THR B 24 13.03 8.37 9.38
C THR B 24 12.54 7.07 8.85
N GLU B 25 11.21 6.92 8.68
CA GLU B 25 10.70 5.63 8.14
C GLU B 25 9.50 5.94 7.24
N PHE B 26 9.18 5.00 6.34
CA PHE B 26 8.05 5.13 5.38
C PHE B 26 7.56 3.70 5.15
N LYS B 27 6.36 3.40 5.62
CA LYS B 27 5.80 2.04 5.52
C LYS B 27 4.29 2.10 5.14
N GLN B 28 3.83 1.20 4.26
CA GLN B 28 2.42 1.19 3.93
C GLN B 28 1.66 0.42 5.04
N LEU B 30 -1.75 -1.59 5.80
CA LEU B 30 -2.90 -2.27 5.16
C LEU B 30 -3.98 -2.35 6.25
N LEU B 31 -5.15 -1.79 5.96
CA LEU B 31 -6.23 -1.76 6.95
C LEU B 31 -7.10 -3.00 6.74
N VAL B 32 -7.37 -3.72 7.84
CA VAL B 32 -8.22 -4.89 7.74
C VAL B 32 -9.29 -4.78 8.87
N GLU B 33 -10.31 -5.61 8.70
CA GLU B 33 -11.46 -5.66 9.61
C GLU B 33 -11.05 -5.96 11.05
N ALA B 34 -11.86 -5.48 11.97
CA ALA B 34 -11.65 -5.71 13.40
C ALA B 34 -11.46 -7.23 13.72
N GLN B 35 -10.52 -7.50 14.63
CA GLN B 35 -10.21 -8.87 15.06
C GLN B 35 -9.47 -9.71 13.95
N LYS B 36 -9.36 -9.19 12.72
CA LYS B 36 -8.76 -10.03 11.68
C LYS B 36 -7.28 -9.85 11.44
N VAL B 37 -6.55 -9.15 12.30
CA VAL B 37 -5.10 -9.04 12.00
C VAL B 37 -4.42 -10.42 12.06
N GLY B 38 -4.66 -11.16 13.14
CA GLY B 38 -4.04 -12.51 13.20
C GLY B 38 -4.30 -13.33 11.95
N ASP B 39 -5.53 -13.25 11.41
CA ASP B 39 -5.87 -14.03 10.24
C ASP B 39 -5.13 -13.55 8.98
N ALA B 40 -5.13 -12.24 8.77
CA ALA B 40 -4.43 -11.76 7.57
C ALA B 40 -2.97 -12.22 7.56
N VAL B 41 -2.32 -12.29 8.71
CA VAL B 41 -0.92 -12.76 8.73
C VAL B 41 -0.83 -14.20 8.18
N THR B 42 -1.75 -15.05 8.65
CA THR B 42 -1.84 -16.44 8.18
C THR B 42 -1.76 -16.54 6.63
N PHE B 43 -2.54 -15.68 6.00
CA PHE B 43 -2.55 -15.65 4.54
C PHE B 43 -1.15 -15.27 3.97
N TYR B 44 -0.70 -14.03 4.18
CA TYR B 44 0.60 -13.65 3.59
C TYR B 44 1.78 -14.59 4.05
N LYS B 45 1.70 -15.13 5.27
CA LYS B 45 2.72 -16.09 5.75
C LYS B 45 2.64 -17.33 4.91
N SER B 46 1.40 -17.70 4.58
CA SER B 46 1.14 -18.91 3.80
C SER B 46 1.21 -18.71 2.30
N ALA B 47 0.58 -17.63 1.81
CA ALA B 47 0.51 -17.32 0.39
C ALA B 47 1.83 -16.84 -0.21
N PHE B 48 2.57 -16.09 0.61
CA PHE B 48 3.80 -15.46 0.13
C PHE B 48 5.06 -15.71 0.94
N GLY B 49 4.95 -16.38 2.06
CA GLY B 49 6.15 -16.58 2.87
C GLY B 49 6.61 -15.32 3.61
N ALA B 50 5.67 -14.41 3.83
CA ALA B 50 5.96 -13.20 4.62
C ALA B 50 6.30 -13.62 6.06
N ILE B 51 7.17 -12.86 6.68
CA ILE B 51 7.54 -13.16 8.05
C ILE B 51 7.26 -12.00 9.00
N GLU B 52 6.75 -12.32 10.17
CA GLU B 52 6.44 -11.29 11.13
C GLU B 52 7.67 -10.82 11.93
N SER B 53 7.98 -9.53 11.84
CA SER B 53 9.11 -8.99 12.61
C SER B 53 8.56 -8.74 14.03
N GLY B 54 7.35 -8.21 14.11
CA GLY B 54 6.81 -7.95 15.45
C GLY B 54 5.30 -7.69 15.31
N HIS B 55 4.59 -7.60 16.44
CA HIS B 55 3.16 -7.32 16.42
C HIS B 55 2.75 -6.77 17.76
N SER B 56 1.56 -6.15 17.82
CA SER B 56 1.06 -5.64 19.09
C SER B 56 -0.30 -6.30 19.35
N LEU B 57 -0.54 -6.67 20.61
CA LEU B 57 -1.78 -7.34 21.01
C LEU B 57 -2.79 -6.49 21.80
N HIS B 69 -6.99 -10.27 20.58
CA HIS B 69 -6.77 -10.02 19.16
C HIS B 69 -5.50 -9.19 18.88
N VAL B 70 -4.93 -9.37 17.68
CA VAL B 70 -3.72 -8.66 17.29
C VAL B 70 -4.11 -7.27 16.79
N LEU B 71 -3.49 -6.23 17.31
CA LEU B 71 -3.84 -4.89 16.87
C LEU B 71 -3.10 -4.51 15.58
N SER B 72 -1.86 -4.99 15.44
CA SER B 72 -1.11 -4.68 14.21
C SER B 72 0.05 -5.64 14.13
N SER B 73 0.43 -5.97 12.90
CA SER B 73 1.56 -6.87 12.68
C SER B 73 2.40 -6.36 11.56
N GLU B 74 3.70 -6.13 11.83
CA GLU B 74 4.58 -5.69 10.76
C GLU B 74 5.24 -6.94 10.27
N LEU B 75 5.16 -7.09 8.95
CA LEU B 75 5.63 -8.23 8.22
C LEU B 75 6.71 -7.80 7.21
N ASN B 76 7.70 -8.69 7.06
CA ASN B 76 8.75 -8.51 6.07
C ASN B 76 8.49 -9.45 4.90
N LEU B 77 8.70 -8.91 3.69
CA LEU B 77 8.50 -9.68 2.50
C LEU B 77 9.32 -9.17 1.35
N ALA B 78 10.14 -10.07 0.83
CA ALA B 78 10.89 -9.74 -0.38
C ALA B 78 11.62 -8.40 -0.40
N GLY B 79 12.39 -8.15 0.67
CA GLY B 79 13.17 -6.93 0.74
C GLY B 79 12.52 -5.71 1.33
N SER B 80 11.21 -5.76 1.56
CA SER B 80 10.56 -4.59 2.19
C SER B 80 9.58 -5.08 3.24
N SER B 81 8.76 -4.18 3.76
CA SER B 81 7.79 -4.63 4.75
C SER B 81 6.52 -3.80 4.64
N PHE B 82 5.53 -4.17 5.45
CA PHE B 82 4.26 -3.40 5.50
C PHE B 82 3.65 -3.75 6.83
N VAL B 83 2.68 -2.93 7.27
CA VAL B 83 2.07 -3.16 8.57
C VAL B 83 0.59 -3.45 8.34
N VAL B 84 0.12 -4.52 8.95
CA VAL B 84 -1.30 -4.95 8.87
C VAL B 84 -1.91 -4.36 10.14
N CYS B 85 -2.94 -3.53 10.00
CA CYS B 85 -3.56 -2.87 11.15
C CYS B 85 -5.05 -3.16 11.24
N ASP B 86 -5.53 -3.26 12.48
CA ASP B 86 -6.99 -3.55 12.73
C ASP B 86 -7.72 -2.18 12.64
N VAL B 87 -8.63 -2.02 11.68
CA VAL B 87 -9.27 -0.72 11.48
C VAL B 87 -10.08 -0.30 12.72
N SER B 88 -10.47 -1.24 13.57
CA SER B 88 -11.24 -0.81 14.77
C SER B 88 -10.36 -0.04 15.76
N SER B 89 -9.04 -0.09 15.59
CA SER B 89 -8.16 0.71 16.44
C SER B 89 -7.90 2.09 15.82
N LEU B 90 -8.50 2.35 14.65
CA LEU B 90 -8.28 3.59 13.89
C LEU B 90 -9.62 4.18 13.43
N PRO B 91 -10.44 4.63 14.41
CA PRO B 91 -11.74 5.21 14.04
C PRO B 91 -11.60 6.32 13.05
N GLY B 92 -12.48 6.32 12.03
CA GLY B 92 -12.40 7.33 11.01
C GLY B 92 -11.75 6.80 9.75
N PHE B 93 -11.12 5.63 9.81
CA PHE B 93 -10.52 5.01 8.63
C PHE B 93 -11.46 3.98 8.07
N SER B 94 -11.27 3.64 6.79
CA SER B 94 -12.13 2.63 6.20
C SER B 94 -11.21 1.68 5.41
N THR B 95 -11.45 0.39 5.55
CA THR B 95 -10.69 -0.61 4.80
C THR B 95 -10.98 -0.46 3.28
N ALA B 96 -12.17 0.05 2.95
CA ALA B 96 -12.66 0.19 1.54
C ALA B 96 -12.73 -1.19 0.91
N LYS B 97 -12.81 -2.22 1.74
CA LYS B 97 -12.80 -3.55 1.16
C LYS B 97 -14.10 -3.94 0.50
N SER B 98 -15.24 -3.39 0.94
CA SER B 98 -16.52 -3.82 0.36
C SER B 98 -16.77 -3.38 -1.08
N GLU B 99 -16.30 -2.18 -1.44
CA GLU B 99 -16.48 -1.66 -2.79
C GLU B 99 -15.23 -1.88 -3.67
N GLY B 100 -14.18 -2.44 -3.06
CA GLY B 100 -12.94 -2.73 -3.76
C GLY B 100 -11.94 -1.64 -3.43
N SER B 101 -10.84 -1.95 -2.77
CA SER B 101 -9.90 -0.91 -2.47
C SER B 101 -8.95 -0.78 -3.69
N GLY B 102 -8.05 0.15 -3.51
CA GLY B 102 -7.06 0.39 -4.54
C GLY B 102 -5.70 -0.09 -4.06
N VAL B 103 -5.67 -0.90 -2.99
CA VAL B 103 -4.34 -1.31 -2.49
C VAL B 103 -3.79 -2.34 -3.50
N THR B 104 -2.62 -2.02 -4.04
CA THR B 104 -2.06 -2.81 -5.13
C THR B 104 -0.58 -3.09 -4.95
N PHE B 105 -0.19 -4.35 -5.07
CA PHE B 105 1.21 -4.68 -4.95
C PHE B 105 1.66 -5.50 -6.12
N LEU B 106 2.96 -5.40 -6.42
CA LEU B 106 3.55 -6.21 -7.48
C LEU B 106 4.58 -7.12 -6.82
N LEU B 107 4.59 -8.40 -7.23
CA LEU B 107 5.60 -9.34 -6.73
C LEU B 107 6.31 -9.92 -7.98
N GLY B 108 7.64 -10.06 -7.87
CA GLY B 108 8.48 -10.65 -8.93
C GLY B 108 8.91 -12.01 -8.40
N THR B 109 8.81 -13.05 -9.22
CA THR B 109 9.17 -14.40 -8.80
C THR B 109 9.63 -15.17 -10.05
N LYS B 110 9.68 -16.50 -9.93
CA LYS B 110 10.09 -17.30 -11.07
C LYS B 110 9.02 -18.25 -11.61
N ASP B 111 7.81 -18.17 -11.06
CA ASP B 111 6.68 -19.00 -11.50
C ASP B 111 5.35 -18.38 -11.02
N ALA B 112 4.75 -17.55 -11.86
CA ALA B 112 3.51 -16.88 -11.48
C ALA B 112 2.35 -17.86 -11.32
N GLU B 113 2.37 -18.92 -12.13
CA GLU B 113 1.30 -19.91 -12.07
C GLU B 113 1.23 -20.52 -10.67
N ALA B 114 2.35 -21.01 -10.20
CA ALA B 114 2.41 -21.60 -8.86
C ALA B 114 2.06 -20.56 -7.79
N ALA B 115 2.63 -19.37 -7.91
CA ALA B 115 2.35 -18.31 -6.92
C ALA B 115 0.84 -18.01 -6.94
N VAL B 116 0.23 -17.95 -8.11
CA VAL B 116 -1.22 -17.73 -8.17
C VAL B 116 -1.97 -18.86 -7.47
N ALA B 117 -1.66 -20.12 -7.82
CA ALA B 117 -2.33 -21.27 -7.17
C ALA B 117 -2.17 -21.31 -5.65
N LYS B 118 -0.96 -21.04 -5.17
CA LYS B 118 -0.61 -21.03 -3.74
C LYS B 118 -1.48 -19.97 -3.01
N ALA B 119 -1.50 -18.74 -3.51
CA ALA B 119 -2.29 -17.66 -2.94
C ALA B 119 -3.78 -18.07 -2.84
N VAL B 120 -4.30 -18.69 -3.90
CA VAL B 120 -5.69 -19.14 -3.92
C VAL B 120 -5.93 -20.22 -2.85
N ASP B 121 -4.98 -21.14 -2.70
CA ASP B 121 -5.08 -22.19 -1.69
C ASP B 121 -5.15 -21.56 -0.32
N ALA B 122 -4.63 -20.33 -0.17
CA ALA B 122 -4.66 -19.69 1.14
C ALA B 122 -5.94 -18.86 1.30
N GLY B 123 -6.74 -18.80 0.23
CA GLY B 123 -7.98 -18.03 0.29
C GLY B 123 -8.13 -16.90 -0.74
N ALA B 124 -7.09 -16.61 -1.51
CA ALA B 124 -7.17 -15.54 -2.52
C ALA B 124 -8.02 -16.03 -3.67
N VAL B 125 -8.38 -15.13 -4.56
CA VAL B 125 -9.13 -15.50 -5.75
C VAL B 125 -8.37 -15.11 -7.00
N LYS B 126 -8.16 -16.09 -7.87
CA LYS B 126 -7.45 -15.91 -9.12
C LYS B 126 -8.15 -14.97 -10.09
N VAL B 127 -7.38 -14.12 -10.75
CA VAL B 127 -7.92 -13.23 -11.77
C VAL B 127 -7.20 -13.57 -13.09
N GLU B 128 -7.94 -14.04 -14.09
CA GLU B 128 -7.29 -14.39 -15.35
C GLU B 128 -6.64 -13.16 -15.99
N VAL B 129 -5.42 -13.29 -16.47
CA VAL B 129 -4.75 -12.17 -17.13
C VAL B 129 -4.84 -12.27 -18.65
N THR B 130 -5.31 -11.18 -19.26
CA THR B 130 -5.48 -11.10 -20.70
C THR B 130 -4.13 -10.95 -21.39
N GLU B 131 -4.13 -11.08 -22.71
CA GLU B 131 -2.89 -10.94 -23.49
C GLU B 131 -2.37 -9.50 -23.30
N ALA B 132 -3.29 -8.55 -23.20
CA ALA B 132 -2.90 -7.16 -23.03
C ALA B 132 -2.04 -7.04 -21.76
N GLU B 133 -2.42 -7.81 -20.74
CA GLU B 133 -1.68 -7.83 -19.48
C GLU B 133 -0.39 -8.63 -19.61
N VAL B 134 -0.49 -9.81 -20.20
CA VAL B 134 0.70 -10.66 -20.38
C VAL B 134 1.80 -9.94 -21.19
N GLU B 135 1.43 -9.25 -22.27
CA GLU B 135 2.41 -8.51 -23.07
C GLU B 135 3.13 -7.43 -22.26
N LEU B 136 2.53 -6.96 -21.17
CA LEU B 136 3.20 -5.93 -20.35
C LEU B 136 3.95 -6.53 -19.20
N GLY B 137 3.90 -7.85 -19.10
CA GLY B 137 4.63 -8.52 -18.02
C GLY B 137 3.73 -9.07 -16.91
N PHE B 138 2.47 -8.66 -16.86
CA PHE B 138 1.60 -9.17 -15.81
C PHE B 138 1.20 -10.60 -16.12
N LYS B 139 1.81 -11.56 -15.40
CA LYS B 139 1.59 -12.98 -15.66
C LYS B 139 0.71 -13.78 -14.72
N GLY B 140 0.44 -13.19 -13.56
CA GLY B 140 -0.43 -13.82 -12.59
C GLY B 140 -1.00 -12.66 -11.76
N LYS B 141 -2.16 -12.89 -11.13
CA LYS B 141 -2.82 -11.86 -10.28
C LYS B 141 -3.77 -12.52 -9.30
N VAL B 142 -3.82 -12.01 -8.07
CA VAL B 142 -4.83 -12.54 -7.13
C VAL B 142 -5.44 -11.60 -6.11
N THR B 143 -6.77 -11.44 -6.19
CA THR B 143 -7.52 -10.66 -5.19
C THR B 143 -7.28 -11.47 -3.91
N ASP B 144 -6.92 -10.79 -2.82
CA ASP B 144 -6.64 -11.52 -1.61
C ASP B 144 -7.88 -11.39 -0.78
N PRO B 145 -7.95 -12.08 0.39
CA PRO B 145 -9.16 -11.98 1.21
C PRO B 145 -9.48 -10.63 1.76
N PHE B 146 -8.44 -9.80 1.88
CA PHE B 146 -8.54 -8.48 2.49
C PHE B 146 -8.77 -7.35 1.46
N GLY B 147 -8.90 -7.69 0.17
CA GLY B 147 -9.25 -6.61 -0.75
C GLY B 147 -8.05 -6.08 -1.50
N VAL B 148 -6.92 -6.75 -1.36
CA VAL B 148 -5.73 -6.25 -2.06
C VAL B 148 -5.67 -6.87 -3.46
N THR B 149 -4.89 -6.20 -4.30
CA THR B 149 -4.61 -6.69 -5.66
C THR B 149 -3.12 -6.98 -5.72
N TRP B 150 -2.77 -8.21 -6.10
CA TRP B 150 -1.39 -8.67 -6.21
C TRP B 150 -1.07 -9.03 -7.66
N ILE B 151 -0.17 -8.27 -8.24
CA ILE B 151 0.30 -8.54 -9.60
C ILE B 151 1.52 -9.44 -9.52
N PHE B 152 1.59 -10.43 -10.41
CA PHE B 152 2.75 -11.34 -10.41
C PHE B 152 3.48 -11.20 -11.74
N ALA B 153 4.78 -10.96 -11.67
CA ALA B 153 5.58 -10.84 -12.87
C ALA B 153 6.82 -11.73 -12.70
N GLU B 154 6.96 -12.76 -13.54
CA GLU B 154 8.11 -13.69 -13.47
C GLU B 154 9.32 -13.05 -14.11
#